data_8J4F
#
_entry.id   8J4F
#
_cell.length_a   1.00
_cell.length_b   1.00
_cell.length_c   1.00
_cell.angle_alpha   90.00
_cell.angle_beta   90.00
_cell.angle_gamma   90.00
#
_symmetry.space_group_name_H-M   'P 1'
#
loop_
_entity.id
_entity.type
_entity.pdbx_description
1 polymer 'Sodium channel protein type 9 subunit alpha'
2 polymer 'Sodium channel subunit beta-1'
3 branched 2-acetamido-2-deoxy-beta-D-glucopyranose-(1-4)-2-acetamido-2-deoxy-beta-D-glucopyranose
4 non-polymer 2-acetamido-2-deoxy-beta-D-glucopyranose
5 non-polymer '(4~{a}~{R},5~{S},6~{R},8~{a}~{R})-5-[2-(furan-3-yl)ethyl]-5,6,8~{a}-trimethyl-3,4,4~{a},6,7,8-hexahydronaphthalene-1-carboxylic acid'
6 non-polymer 'CHOLESTEROL HEMISUCCINATE'
7 non-polymer (3beta,14beta,17beta,25R)-3-[4-methoxy-3-(methoxymethyl)butoxy]spirost-5-en
8 non-polymer 1-O-OCTADECYL-SN-GLYCERO-3-PHOSPHOCHOLINE
9 non-polymer 1,2-DIOLEOYL-SN-GLYCERO-3-PHOSPHOCHOLINE
#
loop_
_entity_poly.entity_id
_entity_poly.type
_entity_poly.pdbx_seq_one_letter_code
_entity_poly.pdbx_strand_id
1 'polypeptide(L)'
;WSHPQFEKGGGARGGSGGGSWSHPQFEKGFDYKDDDDKGTMAMLPPPGPQSFVHFTKQSLALIEQRIAERKSKEPKEEKK
DDDEEAPKPSSDLEAGKQLPFIYGDIPPGMVSEPLEDLDPYYADKKTFIVLNKGKTIFRFNATPALYMLSPFSPLRRISI
KILVHSLFSMLIMCTILTNCIFMTMNNPPDWTKNVEYTFTGIYTFESLVKILARGFCVGEFTFLRDPWNWLDFVVIVFAY
LTEFVNLGNVSALRTFRVLRALKTISVIPGLKTIVGALIQSVKKLSDVMILTVFCLSVFALIGLQLFMGNLKHKCFRNSL
ENNETLESIMNTLESEEDFRKYFYYLEGSKDALLCGFSTDSGQCPEGYTCVKIGRNPDYGYTSFDTFSWAFLALFRLMTQ
DYWENLYQQTLRAAGKTYMIFFVVVIFLGSFYLINLILAVVAMAYEEQNQANIEEAKQKELEFQQMLDRLKKEQEEAEAI
AAAAAEYTSIRRSRIMGLSESSSETSKLSSKSAKERRNRRKKKNQKKLSSGEEKGDAEKLSKSESEDSIRRKSFHLGVEG
HRRAHEKRLSTPNQSPLSIRGSLFSARRSSRTSLFSFKGRGRDIGSETEFADDEHSIFGDNESRRGSLFVPHRPQERRSS
NISQASRSPPMLPVNGKMHSAVDCNGVVSLVDGRSALMLPNGQLLPEVIIDKATSDDSGTTNQIHKKRRCSSYLLSEDML
NDPNLRQRAMSRASILTNTVEELEESRQKCPPWWYRFAHKFLIWNCSPYWIKFKKCIYFIVMDPFVDLAITICIVLNTLF
MAMEHHPMTEEFKNVLAIGNLVFTGIFAAEMVLKLIAMDPYEYFQVGWNIFDSLIVTLSLVELFLADVEGLSVLRSFRLL
RVFKLAKSWPTLNMLIKIIGNSVGALGNLTLVLAIIVFIFAVVGMQLFGKSYKECVCKINDDCTLPRWHMNDFFHSFLIV
FRVLCGEWIETMWDCMEVAGQAMCLIVYMMVMVIGNLVVLNLFLALLLSSFSSDNLTAIEEDPDANNLQIAVTRIKKGIN
YVKQTLREFILKAFSKKPKISREIRQAEDLNTKKENYISNHTLAEMSKGHNFLKEKDKISGFGSSVDKHLMEDSDGQSFI
HNPSLTVTVPIAPGESDLENMNAEELSSDSDSEYSKVRLNRSSSSECSTVDNPLPGEGEEAEAEPMNSDEPEACFTDGCV
WRFSCCQVNIESGKGKIWWNIRKTCYKIVEHSWFESFIVLMILLSSGALAFEDIYIERKKTIKIILEYADKIFTYIFILE
MLLKWIAYGYKTYFTNAWCWLDFLIVDVSLVTLVANTLGYSDLGPIKSLRTLRALRPLRALSRFEGMRVVVNALIGAIPS
IMNVLLVCLIFWLIFSIMGVNLFAGKFYECINTTDGSRFPASQVPNRSECFALMNVSQNVRWKNLKVNFDNVGLGYLSLL
QVATFKGWTIIMYAAVDSVNVDKQPKYEYSLYMYIYFVVFIIFGSFFTLNLFIGVIIDNFNQQKKKLGGQDIFMTEEQKK
YYNAMKKLGSKKPQKPIPRPGNKIQGCIFDLVTNQAFDISIMVLICLNMVTMMVEKEGQSQHMTEVLYWINVVFIILFTG
ECVLKLISLRHYYFTVGWNIFDFVVVIISIVGMFLADLIETYFVSPTLFRVIRLARIGRILRLVKGAKGIRTLLFALMMS
LPALFNIGLLLFLVMFIYAIFGMSNFAYVKKEDGINDMFNFETFGNSMICLFQITTSAGWDGLLAPILNSKPPDCDPKKV
HPGSSVEGDCGNPSVGIFYFVSYIIISFLVVVNMYIAVILENFSVATEESTEPLSEDDFEMFYEVWEKFDPDATQFIEFS
KLSDFAAALDPPLLIAKPNKVQLIAMDLPMVSGDRIHCLDILFAFTKRVLGESGEMDSLRSQMEERFMSANPSKVSYEPI
TTTLKRKQEDVSATVIQRAYRRYRLRQNVKNISSIYIKDGDRDDDLLNKKDMAFDNVNENSSPEKTDATSSTTSPPSYDS
VTKPDKEKYEQDRTEKEDKGKDSKESKK
;
A
2 'polypeptide(L)'
;MGRLLALVVGAALVSSACGGCVEVDSETEAVYGMTFKILCISCKRRSETNAETFTEWTFRQKGTEEFVKILRYENEVLQL
EEDERFEGRVVWNGSRGTKDLQDLSIFITNVTYNHSGDYECHVYRLLFFENYEHNTSVVKKIHIEVVDKANRDMASIVSE
IMMYVLIVVLTIWLVAEMIYCYKKIAAATETAAQENASEYLAITSESKENCTGVQVAE
;
B
#
loop_
_chem_comp.id
_chem_comp.type
_chem_comp.name
_chem_comp.formula
9Z9 non-polymer (3beta,14beta,17beta,25R)-3-[4-methoxy-3-(methoxymethyl)butoxy]spirost-5-en 'C34 H56 O5'
LPE non-polymer 1-O-OCTADECYL-SN-GLYCERO-3-PHOSPHOCHOLINE 'C26 H57 N O6 P 1'
NAG D-saccharide, beta linking 2-acetamido-2-deoxy-beta-D-glucopyranose 'C8 H15 N O6'
PCW non-polymer 1,2-DIOLEOYL-SN-GLYCERO-3-PHOSPHOCHOLINE 'C44 H85 N O8 P 1'
UK0 non-polymer '(4~{a}~{R},5~{S},6~{R},8~{a}~{R})-5-[2-(furan-3-yl)ethyl]-5,6,8~{a}-trimethyl-3,4,4~{a},6,7,8-hexahydronaphthalene-1-carboxylic acid' 'C20 H28 O3'
Y01 non-polymer 'CHOLESTEROL HEMISUCCINATE' 'C31 H50 O4'
#
# COMPACT_ATOMS: atom_id res chain seq x y z
N GLY A 48 -49.40 34.06 13.18
CA GLY A 48 -49.07 34.18 11.77
C GLY A 48 -48.14 35.35 11.47
N PRO A 49 -48.22 35.87 10.24
CA PRO A 49 -47.36 37.01 9.87
C PRO A 49 -47.62 38.26 10.68
N GLN A 50 -48.79 38.40 11.30
CA GLN A 50 -49.11 39.57 12.08
C GLN A 50 -48.61 39.49 13.52
N SER A 51 -48.06 38.35 13.92
CA SER A 51 -47.54 38.17 15.29
C SER A 51 -46.17 38.83 15.40
N PHE A 52 -46.19 40.16 15.45
CA PHE A 52 -44.98 40.96 15.56
C PHE A 52 -45.28 42.20 16.38
N VAL A 53 -44.44 42.46 17.39
CA VAL A 53 -44.58 43.64 18.23
C VAL A 53 -43.26 43.86 18.97
N HIS A 54 -42.88 45.13 19.13
CA HIS A 54 -41.62 45.44 19.79
C HIS A 54 -41.67 45.07 21.26
N PHE A 55 -40.51 44.67 21.79
CA PHE A 55 -40.39 44.29 23.19
C PHE A 55 -40.27 45.55 24.04
N THR A 56 -41.28 45.84 24.84
CA THR A 56 -41.33 47.03 25.68
C THR A 56 -41.27 46.63 27.15
N LYS A 57 -41.29 47.64 28.01
CA LYS A 57 -41.28 47.39 29.45
C LYS A 57 -42.57 46.73 29.91
N GLN A 58 -43.69 47.06 29.27
CA GLN A 58 -44.96 46.41 29.62
C GLN A 58 -44.91 44.92 29.36
N SER A 59 -44.31 44.52 28.24
CA SER A 59 -44.18 43.09 27.95
C SER A 59 -43.30 42.39 28.97
N LEU A 60 -42.20 43.04 29.39
CA LEU A 60 -41.36 42.46 30.42
C LEU A 60 -42.11 42.32 31.74
N ALA A 61 -42.93 43.33 32.09
CA ALA A 61 -43.73 43.24 33.30
C ALA A 61 -44.73 42.10 33.21
N LEU A 62 -45.36 41.93 32.05
CA LEU A 62 -46.30 40.83 31.87
C LEU A 62 -45.59 39.48 32.00
N ILE A 63 -44.39 39.36 31.43
CA ILE A 63 -43.63 38.11 31.52
C ILE A 63 -43.26 37.83 32.97
N GLU A 64 -42.82 38.86 33.70
CA GLU A 64 -42.49 38.67 35.11
C GLU A 64 -43.72 38.28 35.92
N GLN A 65 -44.88 38.87 35.60
CA GLN A 65 -46.11 38.50 36.27
C GLN A 65 -46.48 37.05 36.00
N ARG A 66 -46.31 36.61 34.75
CA ARG A 66 -46.58 35.21 34.42
C ARG A 66 -45.63 34.27 35.17
N ILE A 67 -44.36 34.65 35.27
CA ILE A 67 -43.39 33.84 36.02
C ILE A 67 -43.80 33.79 37.50
N ALA A 68 -44.22 34.91 38.06
CA ALA A 68 -44.67 34.94 39.45
C ALA A 68 -45.90 34.05 39.64
N GLU A 69 -46.83 34.08 38.70
CA GLU A 69 -48.00 33.21 38.79
C GLU A 69 -47.60 31.74 38.73
N ARG A 70 -46.66 31.40 37.85
CA ARG A 70 -46.18 30.02 37.77
C ARG A 70 -45.52 29.60 39.09
N LYS A 71 -44.71 30.49 39.68
CA LYS A 71 -44.08 30.17 40.96
C LYS A 71 -45.12 29.98 42.05
N SER A 72 -46.16 30.82 42.06
CA SER A 72 -47.22 30.68 43.06
C SER A 72 -47.98 29.38 42.89
N LYS A 73 -48.22 28.97 41.63
CA LYS A 73 -48.92 27.71 41.38
C LYS A 73 -48.11 26.52 41.90
N GLU A 74 -46.79 26.55 41.70
CA GLU A 74 -45.92 25.47 42.15
C GLU A 74 -45.89 25.40 43.68
N PRO A 87 -42.49 19.87 26.94
CA PRO A 87 -42.58 21.04 26.07
C PRO A 87 -41.27 21.34 25.35
N LYS A 88 -41.23 21.13 24.04
CA LYS A 88 -40.04 21.35 23.25
C LYS A 88 -40.32 22.40 22.18
N PRO A 89 -39.46 23.44 22.09
CA PRO A 89 -39.64 24.52 21.13
C PRO A 89 -39.64 24.04 19.68
N SER A 90 -40.24 24.83 18.79
CA SER A 90 -40.30 24.50 17.37
C SER A 90 -38.90 24.54 16.78
N SER A 91 -38.49 23.43 16.15
CA SER A 91 -37.15 23.38 15.57
C SER A 91 -36.98 24.42 14.49
N ASP A 92 -38.06 24.83 13.83
CA ASP A 92 -37.99 25.93 12.88
C ASP A 92 -37.63 27.24 13.58
N LEU A 93 -38.18 27.46 14.77
CA LEU A 93 -37.90 28.65 15.55
C LEU A 93 -36.71 28.46 16.50
N GLU A 94 -35.81 27.53 16.21
CA GLU A 94 -34.62 27.38 17.01
C GLU A 94 -33.60 28.45 16.66
N ALA A 95 -32.64 28.66 17.56
CA ALA A 95 -31.62 29.68 17.34
C ALA A 95 -30.77 29.35 16.12
N GLY A 96 -30.36 30.38 15.41
CA GLY A 96 -29.54 30.21 14.21
C GLY A 96 -30.26 29.51 13.07
N LYS A 97 -31.51 29.87 12.82
CA LYS A 97 -32.31 29.29 11.75
C LYS A 97 -33.01 30.39 10.97
N GLN A 98 -33.39 30.08 9.74
CA GLN A 98 -34.14 31.02 8.91
C GLN A 98 -35.55 31.17 9.45
N LEU A 99 -36.06 32.40 9.41
CA LEU A 99 -37.44 32.64 9.80
C LEU A 99 -38.38 31.98 8.78
N PRO A 100 -39.44 31.32 9.25
CA PRO A 100 -40.36 30.66 8.31
C PRO A 100 -40.99 31.66 7.35
N PHE A 101 -41.23 31.21 6.12
CA PHE A 101 -41.84 32.05 5.10
C PHE A 101 -43.28 32.39 5.43
N ILE A 102 -43.91 31.64 6.34
CA ILE A 102 -45.29 31.91 6.71
C ILE A 102 -45.45 33.26 7.37
N TYR A 103 -44.37 33.82 7.94
CA TYR A 103 -44.41 35.14 8.54
C TYR A 103 -44.23 36.27 7.54
N GLY A 104 -43.89 35.96 6.30
CA GLY A 104 -43.77 36.98 5.28
C GLY A 104 -42.58 37.89 5.49
N ASP A 105 -42.61 39.05 4.86
CA ASP A 105 -41.54 40.03 4.96
C ASP A 105 -41.62 40.75 6.31
N ILE A 106 -40.51 41.41 6.67
CA ILE A 106 -40.43 42.16 7.92
C ILE A 106 -40.61 43.64 7.65
N PRO A 107 -41.55 44.30 8.32
CA PRO A 107 -41.71 45.75 8.16
C PRO A 107 -40.42 46.48 8.51
N PRO A 108 -40.14 47.60 7.86
CA PRO A 108 -38.81 48.22 8.00
C PRO A 108 -38.45 48.58 9.43
N GLY A 109 -39.42 48.88 10.28
CA GLY A 109 -39.09 49.50 11.56
C GLY A 109 -38.67 48.57 12.68
N MET A 110 -38.64 47.26 12.46
CA MET A 110 -38.32 46.34 13.54
C MET A 110 -37.09 45.46 13.28
N VAL A 111 -36.52 45.52 12.07
CA VAL A 111 -35.30 44.77 11.78
C VAL A 111 -34.18 45.30 12.66
N SER A 112 -33.40 44.37 13.22
CA SER A 112 -32.31 44.69 14.16
C SER A 112 -32.85 45.46 15.36
N GLU A 113 -34.01 45.05 15.84
CA GLU A 113 -34.62 45.65 17.02
C GLU A 113 -35.13 44.54 17.93
N PRO A 114 -35.12 44.75 19.25
CA PRO A 114 -35.63 43.74 20.17
C PRO A 114 -37.14 43.57 20.04
N LEU A 115 -37.63 42.34 19.86
CA LEU A 115 -39.11 42.09 19.81
C LEU A 115 -39.46 40.90 20.71
N GLU A 116 -40.73 40.50 20.76
CA GLU A 116 -41.20 39.41 21.67
C GLU A 116 -40.70 38.04 21.20
N ASP A 117 -40.90 37.01 22.02
CA ASP A 117 -40.49 35.62 21.68
C ASP A 117 -41.64 34.92 20.95
N LEU A 118 -41.45 34.58 19.67
CA LEU A 118 -42.48 33.90 18.85
C LEU A 118 -42.70 32.49 19.42
N ASP A 119 -41.68 31.91 20.04
CA ASP A 119 -41.79 30.54 20.62
C ASP A 119 -42.58 30.64 21.93
N PRO A 120 -43.74 29.95 22.05
CA PRO A 120 -44.57 30.04 23.26
C PRO A 120 -43.79 29.48 24.47
N TYR A 121 -43.02 28.41 24.27
CA TYR A 121 -42.20 27.83 25.36
C TYR A 121 -41.52 28.97 26.12
N TYR A 122 -40.79 29.83 25.41
CA TYR A 122 -40.07 30.92 26.04
C TYR A 122 -40.94 32.17 26.23
N ALA A 123 -42.18 32.15 25.78
CA ALA A 123 -43.07 33.28 26.01
C ALA A 123 -43.32 33.49 27.51
N ASP A 124 -43.31 32.40 28.29
CA ASP A 124 -43.44 32.52 29.73
C ASP A 124 -42.18 33.09 30.36
N LYS A 125 -41.01 32.64 29.90
CA LYS A 125 -39.75 33.12 30.44
C LYS A 125 -39.36 34.46 29.80
N LYS A 126 -38.26 35.02 30.29
CA LYS A 126 -37.82 36.37 29.91
C LYS A 126 -36.76 36.25 28.82
N THR A 127 -37.19 36.27 27.57
CA THR A 127 -36.29 36.26 26.41
C THR A 127 -36.86 37.20 25.35
N PHE A 128 -36.01 37.60 24.41
CA PHE A 128 -36.45 38.39 23.27
C PHE A 128 -35.66 37.97 22.04
N ILE A 129 -36.25 38.22 20.87
CA ILE A 129 -35.69 37.83 19.58
C ILE A 129 -35.38 39.10 18.79
N VAL A 130 -34.23 39.11 18.12
CA VAL A 130 -33.85 40.19 17.22
C VAL A 130 -33.70 39.61 15.82
N LEU A 131 -34.19 40.35 14.82
CA LEU A 131 -34.18 39.90 13.44
C LEU A 131 -33.33 40.85 12.60
N ASN A 132 -32.45 40.28 11.78
CA ASN A 132 -31.62 41.05 10.87
C ASN A 132 -32.28 41.11 9.50
N LYS A 133 -31.57 41.66 8.51
CA LYS A 133 -32.08 41.76 7.15
C LYS A 133 -32.10 40.42 6.43
N GLY A 134 -31.48 39.39 7.00
CA GLY A 134 -31.48 38.06 6.41
C GLY A 134 -32.50 37.10 6.99
N LYS A 135 -33.43 37.57 7.81
CA LYS A 135 -34.46 36.72 8.43
C LYS A 135 -33.84 35.55 9.20
N THR A 136 -32.84 35.86 10.01
CA THR A 136 -32.24 34.90 10.93
C THR A 136 -32.57 35.34 12.34
N ILE A 137 -33.17 34.43 13.12
CA ILE A 137 -33.60 34.76 14.48
C ILE A 137 -32.45 34.47 15.45
N PHE A 138 -32.34 35.32 16.47
CA PHE A 138 -31.34 35.17 17.52
C PHE A 138 -32.02 35.30 18.87
N ARG A 139 -31.70 34.39 19.78
CA ARG A 139 -32.35 34.32 21.08
C ARG A 139 -31.40 34.83 22.15
N PHE A 140 -31.87 35.80 22.95
CA PHE A 140 -31.12 36.41 24.03
C PHE A 140 -31.85 36.15 25.35
N ASN A 141 -31.40 36.81 26.42
CA ASN A 141 -32.07 36.75 27.71
C ASN A 141 -32.46 38.16 28.10
N ALA A 142 -33.64 38.34 28.70
CA ALA A 142 -34.17 39.67 29.06
C ALA A 142 -33.61 40.14 30.37
N THR A 143 -32.94 39.24 31.09
CA THR A 143 -32.27 39.68 32.30
C THR A 143 -31.15 40.66 31.94
N PRO A 144 -31.01 41.76 32.68
CA PRO A 144 -29.96 42.73 32.35
C PRO A 144 -28.57 42.10 32.39
N ALA A 145 -27.73 42.52 31.45
CA ALA A 145 -26.37 42.00 31.36
C ALA A 145 -25.54 42.54 32.51
N LEU A 146 -25.11 41.65 33.40
CA LEU A 146 -24.32 42.01 34.58
C LEU A 146 -25.05 43.00 35.48
N TYR A 147 -26.38 42.99 35.42
CA TYR A 147 -27.27 43.80 36.25
C TYR A 147 -27.09 45.30 36.05
N MET A 148 -26.54 45.72 34.91
CA MET A 148 -26.35 47.13 34.61
C MET A 148 -27.10 47.59 33.36
N LEU A 149 -26.99 46.83 32.27
CA LEU A 149 -27.55 47.25 31.00
C LEU A 149 -28.90 46.58 30.76
N SER A 150 -29.95 47.40 30.61
CA SER A 150 -31.29 46.93 30.32
C SER A 150 -31.46 46.72 28.82
N PRO A 151 -32.41 45.85 28.42
CA PRO A 151 -32.66 45.67 26.98
C PRO A 151 -33.03 46.96 26.26
N PHE A 152 -33.72 47.87 26.94
CA PHE A 152 -34.12 49.13 26.33
C PHE A 152 -33.03 50.19 26.36
N SER A 153 -31.90 49.92 27.00
CA SER A 153 -30.82 50.88 27.06
C SER A 153 -30.24 51.10 25.67
N PRO A 154 -29.91 52.35 25.30
CA PRO A 154 -29.32 52.59 23.97
C PRO A 154 -28.02 51.87 23.74
N LEU A 155 -27.19 51.69 24.77
CA LEU A 155 -25.92 51.00 24.61
C LEU A 155 -26.13 49.55 24.21
N ARG A 156 -27.05 48.86 24.88
CA ARG A 156 -27.37 47.48 24.49
C ARG A 156 -28.02 47.43 23.12
N ARG A 157 -28.81 48.44 22.76
CA ARG A 157 -29.38 48.50 21.42
C ARG A 157 -28.27 48.58 20.37
N ILE A 158 -27.27 49.41 20.61
CA ILE A 158 -26.15 49.51 19.67
C ILE A 158 -25.38 48.19 19.63
N SER A 159 -25.16 47.56 20.79
CA SER A 159 -24.42 46.30 20.82
C SER A 159 -25.16 45.22 20.03
N ILE A 160 -26.49 45.14 20.19
CA ILE A 160 -27.29 44.19 19.43
C ILE A 160 -27.29 44.52 17.94
N LYS A 161 -27.36 45.81 17.59
CA LYS A 161 -27.27 46.20 16.19
C LYS A 161 -25.96 45.74 15.57
N ILE A 162 -24.85 45.87 16.31
CA ILE A 162 -23.56 45.42 15.80
C ILE A 162 -23.51 43.90 15.72
N LEU A 163 -24.08 43.21 16.70
CA LEU A 163 -23.92 41.75 16.77
C LEU A 163 -24.53 41.06 15.56
N VAL A 164 -25.76 41.39 15.21
CA VAL A 164 -26.46 40.75 14.10
C VAL A 164 -26.33 41.67 12.88
N HIS A 165 -25.29 41.41 12.08
CA HIS A 165 -25.03 42.18 10.87
C HIS A 165 -24.07 41.38 10.00
N SER A 166 -24.25 41.50 8.69
CA SER A 166 -23.37 40.84 7.74
C SER A 166 -21.95 41.41 7.77
N LEU A 167 -21.83 42.73 7.91
CA LEU A 167 -20.51 43.36 7.95
C LEU A 167 -19.71 42.92 9.17
N PHE A 168 -20.37 42.65 10.30
CA PHE A 168 -19.65 42.16 11.48
C PHE A 168 -19.00 40.82 11.21
N SER A 169 -19.77 39.87 10.66
CA SER A 169 -19.21 38.56 10.34
C SER A 169 -18.13 38.68 9.26
N MET A 170 -18.34 39.53 8.26
CA MET A 170 -17.33 39.73 7.24
C MET A 170 -16.04 40.26 7.83
N LEU A 171 -16.13 41.22 8.75
CA LEU A 171 -14.94 41.78 9.39
C LEU A 171 -14.22 40.73 10.21
N ILE A 172 -14.96 39.93 10.98
CA ILE A 172 -14.32 38.90 11.79
C ILE A 172 -13.65 37.86 10.91
N MET A 173 -14.31 37.45 9.83
CA MET A 173 -13.72 36.47 8.93
C MET A 173 -12.46 37.01 8.28
N CYS A 174 -12.48 38.27 7.84
CA CYS A 174 -11.30 38.88 7.23
C CYS A 174 -10.17 38.97 8.24
N THR A 175 -10.47 39.35 9.48
CA THR A 175 -9.46 39.42 10.53
C THR A 175 -8.83 38.05 10.77
N ILE A 176 -9.65 37.01 10.86
CA ILE A 176 -9.13 35.68 11.12
C ILE A 176 -8.27 35.21 9.95
N LEU A 177 -8.70 35.45 8.71
CA LEU A 177 -7.92 35.04 7.56
C LEU A 177 -6.58 35.78 7.50
N THR A 178 -6.58 37.08 7.78
CA THR A 178 -5.33 37.83 7.77
C THR A 178 -4.39 37.34 8.87
N ASN A 179 -4.93 37.05 10.06
CA ASN A 179 -4.11 36.51 11.14
C ASN A 179 -3.53 35.15 10.78
N CYS A 180 -4.34 34.31 10.10
CA CYS A 180 -3.84 33.01 9.66
C CYS A 180 -2.73 33.17 8.64
N ILE A 181 -2.86 34.14 7.75
CA ILE A 181 -1.79 34.41 6.79
C ILE A 181 -0.52 34.85 7.52
N PHE A 182 -0.67 35.71 8.53
CA PHE A 182 0.48 36.17 9.30
C PHE A 182 1.09 35.05 10.15
N MET A 183 0.33 34.01 10.46
CA MET A 183 0.87 32.90 11.24
C MET A 183 1.90 32.08 10.46
N THR A 184 1.96 32.26 9.14
CA THR A 184 2.82 31.43 8.30
C THR A 184 4.26 31.91 8.25
N MET A 185 4.58 33.04 8.89
CA MET A 185 5.94 33.58 8.87
C MET A 185 6.71 33.07 10.09
N ASN A 186 7.79 32.32 9.84
CA ASN A 186 8.59 31.74 10.91
C ASN A 186 9.48 32.77 11.60
N ASN A 187 9.95 33.78 10.86
CA ASN A 187 10.80 34.84 11.41
C ASN A 187 10.11 36.14 11.03
N PRO A 188 9.14 36.58 11.81
CA PRO A 188 8.43 37.82 11.50
C PRO A 188 9.33 39.02 11.65
N PRO A 189 9.14 40.06 10.84
CA PRO A 189 9.89 41.31 11.02
C PRO A 189 9.46 42.05 12.28
N ASP A 190 10.05 43.22 12.52
CA ASP A 190 9.72 44.01 13.70
C ASP A 190 8.49 44.88 13.50
N TRP A 191 7.93 44.92 12.30
CA TRP A 191 6.74 45.71 12.01
C TRP A 191 5.44 44.96 12.26
N THR A 192 5.51 43.65 12.53
CA THR A 192 4.31 42.85 12.72
C THR A 192 3.74 42.94 14.13
N LYS A 193 4.48 43.50 15.08
CA LYS A 193 3.97 43.63 16.44
C LYS A 193 2.74 44.52 16.48
N ASN A 194 2.76 45.61 15.72
CA ASN A 194 1.59 46.49 15.66
C ASN A 194 0.40 45.77 15.04
N VAL A 195 0.64 44.93 14.03
CA VAL A 195 -0.46 44.22 13.38
C VAL A 195 -1.05 43.18 14.33
N GLU A 196 -0.21 42.49 15.11
CA GLU A 196 -0.72 41.58 16.12
C GLU A 196 -1.52 42.32 17.18
N TYR A 197 -1.05 43.52 17.57
CA TYR A 197 -1.82 44.33 18.50
C TYR A 197 -3.18 44.72 17.93
N THR A 198 -3.22 45.05 16.64
CA THR A 198 -4.49 45.35 15.99
C THR A 198 -5.43 44.15 15.99
N PHE A 199 -4.88 42.96 15.71
CA PHE A 199 -5.69 41.74 15.75
C PHE A 199 -6.26 41.51 17.15
N THR A 200 -5.42 41.69 18.18
CA THR A 200 -5.89 41.53 19.56
C THR A 200 -6.96 42.55 19.88
N GLY A 201 -6.80 43.79 19.41
CA GLY A 201 -7.81 44.80 19.64
C GLY A 201 -9.14 44.47 18.98
N ILE A 202 -9.09 43.95 17.75
CA ILE A 202 -10.32 43.57 17.07
C ILE A 202 -11.02 42.42 17.79
N TYR A 203 -10.24 41.42 18.22
CA TYR A 203 -10.83 40.30 18.96
C TYR A 203 -11.44 40.77 20.28
N THR A 204 -10.75 41.68 20.98
CA THR A 204 -11.30 42.24 22.21
C THR A 204 -12.58 43.01 21.93
N PHE A 205 -12.62 43.76 20.84
CA PHE A 205 -13.82 44.50 20.48
C PHE A 205 -15.00 43.56 20.25
N GLU A 206 -14.79 42.49 19.48
CA GLU A 206 -15.90 41.58 19.19
C GLU A 206 -16.35 40.84 20.45
N SER A 207 -15.40 40.41 21.28
CA SER A 207 -15.69 39.68 22.54
C SER A 207 -16.34 40.64 23.53
N LEU A 208 -16.14 41.95 23.35
CA LEU A 208 -16.75 42.99 24.23
C LEU A 208 -18.23 43.16 23.86
N VAL A 209 -18.56 43.13 22.57
CA VAL A 209 -19.98 43.28 22.09
C VAL A 209 -20.80 42.12 22.64
N LYS A 210 -20.43 40.88 22.30
CA LYS A 210 -21.13 39.66 22.78
C LYS A 210 -21.28 39.67 24.30
N ILE A 211 -20.19 39.83 25.05
CA ILE A 211 -20.23 39.80 26.55
C ILE A 211 -21.29 40.77 27.06
N LEU A 212 -21.46 41.93 26.42
CA LEU A 212 -22.41 42.99 26.87
C LEU A 212 -23.75 42.88 26.11
N ALA A 213 -23.92 41.87 25.26
CA ALA A 213 -25.16 41.66 24.48
C ALA A 213 -25.94 40.49 25.07
N ARG A 214 -25.25 39.46 25.55
CA ARG A 214 -25.90 38.25 26.14
C ARG A 214 -25.49 38.11 27.60
N GLY A 215 -24.63 39.00 28.11
CA GLY A 215 -24.14 38.92 29.50
C GLY A 215 -22.94 37.98 29.60
N PHE A 216 -22.71 37.36 30.76
CA PHE A 216 -21.56 36.45 30.96
C PHE A 216 -21.89 35.40 32.03
N CYS A 217 -22.36 34.21 31.65
CA CYS A 217 -22.64 33.07 32.58
C CYS A 217 -23.74 33.43 33.58
N VAL A 218 -24.38 34.60 33.45
CA VAL A 218 -25.42 35.07 34.42
C VAL A 218 -26.79 34.64 33.90
N GLY A 219 -26.96 34.57 32.58
CA GLY A 219 -28.25 34.21 31.96
C GLY A 219 -28.29 32.78 31.47
N GLU A 220 -29.43 32.32 30.95
CA GLU A 220 -29.56 30.97 30.35
C GLU A 220 -29.05 31.05 28.91
N PHE A 221 -29.25 32.19 28.24
CA PHE A 221 -28.76 32.43 26.86
C PHE A 221 -27.68 33.51 26.95
N THR A 222 -26.53 33.21 27.56
CA THR A 222 -25.48 34.19 27.79
C THR A 222 -24.18 33.73 27.13
N PHE A 223 -23.15 34.55 27.28
CA PHE A 223 -21.93 34.40 26.49
C PHE A 223 -21.22 33.07 26.78
N LEU A 224 -21.16 32.68 28.05
CA LEU A 224 -20.35 31.53 28.43
C LEU A 224 -21.02 30.19 28.13
N ARG A 225 -22.31 30.17 27.82
CA ARG A 225 -22.98 28.90 27.55
C ARG A 225 -22.60 28.34 26.19
N ASP A 226 -22.24 29.20 25.24
CA ASP A 226 -21.85 28.72 23.93
C ASP A 226 -20.52 27.99 24.03
N PRO A 227 -20.45 26.70 23.67
CA PRO A 227 -19.16 25.99 23.75
C PRO A 227 -18.09 26.60 22.87
N TRP A 228 -18.45 27.16 21.73
CA TRP A 228 -17.47 27.80 20.86
C TRP A 228 -17.00 29.14 21.38
N ASN A 229 -17.78 29.78 22.27
CA ASN A 229 -17.36 31.05 22.85
C ASN A 229 -16.24 30.86 23.85
N TRP A 230 -16.17 29.68 24.44
CA TRP A 230 -15.04 29.35 25.35
C TRP A 230 -13.70 29.47 24.61
N LEU A 231 -13.63 29.10 23.33
CA LEU A 231 -12.41 29.23 22.55
C LEU A 231 -12.01 30.70 22.41
N ASP A 232 -12.97 31.58 22.12
CA ASP A 232 -12.65 33.00 22.02
C ASP A 232 -12.17 33.56 23.34
N PHE A 233 -12.84 33.20 24.44
CA PHE A 233 -12.42 33.68 25.75
C PHE A 233 -11.00 33.22 26.07
N VAL A 234 -10.69 31.95 25.77
CA VAL A 234 -9.36 31.42 26.01
C VAL A 234 -8.33 32.14 25.16
N VAL A 235 -8.66 32.40 23.89
CA VAL A 235 -7.74 33.14 23.03
C VAL A 235 -7.40 34.49 23.65
N ILE A 236 -8.44 35.23 24.04
CA ILE A 236 -8.29 36.60 24.60
C ILE A 236 -7.46 36.54 25.89
N VAL A 237 -7.78 35.64 26.83
CA VAL A 237 -7.08 35.60 28.11
C VAL A 237 -5.64 35.15 27.92
N PHE A 238 -5.40 34.17 27.03
CA PHE A 238 -4.03 33.74 26.77
C PHE A 238 -3.20 34.86 26.18
N ALA A 239 -3.76 35.58 25.19
CA ALA A 239 -3.02 36.67 24.58
C ALA A 239 -2.64 37.73 25.61
N TYR A 240 -3.63 38.18 26.40
CA TYR A 240 -3.35 39.23 27.36
C TYR A 240 -2.39 38.77 28.45
N LEU A 241 -2.57 37.54 28.95
CA LEU A 241 -1.73 37.05 30.03
C LEU A 241 -0.29 36.86 29.56
N THR A 242 -0.10 36.33 28.35
CA THR A 242 1.26 36.14 27.85
C THR A 242 1.91 37.47 27.47
N GLU A 243 1.12 38.46 27.07
CA GLU A 243 1.69 39.79 26.85
C GLU A 243 2.13 40.42 28.14
N PHE A 244 1.33 40.30 29.21
CA PHE A 244 1.66 40.96 30.46
C PHE A 244 2.80 40.26 31.20
N VAL A 245 2.80 38.91 31.18
CA VAL A 245 3.83 38.16 31.91
C VAL A 245 5.21 38.43 31.33
N ASN A 246 5.33 38.39 30.00
CA ASN A 246 6.61 38.61 29.35
C ASN A 246 6.99 40.09 29.38
N ASN A 249 7.71 30.20 26.88
CA ASN A 249 8.67 30.28 25.75
C ASN A 249 7.89 30.63 24.47
N VAL A 250 8.56 31.22 23.49
CA VAL A 250 7.92 31.56 22.18
C VAL A 250 7.37 30.26 21.62
N SER A 251 8.14 29.17 21.68
CA SER A 251 7.66 27.85 21.22
C SER A 251 6.22 27.64 21.73
N ALA A 252 5.97 27.68 23.04
CA ALA A 252 4.62 27.40 23.62
C ALA A 252 3.63 28.55 23.42
N LEU A 253 3.93 29.76 23.89
CA LEU A 253 2.96 30.89 23.83
C LEU A 253 2.45 31.06 22.41
N ARG A 254 3.33 31.18 21.42
CA ARG A 254 2.95 31.28 20.00
C ARG A 254 2.14 30.04 19.62
N THR A 255 2.60 28.82 19.91
CA THR A 255 1.88 27.59 19.50
C THR A 255 0.47 27.64 20.07
N PHE A 256 0.26 28.38 21.17
CA PHE A 256 -1.07 28.51 21.83
C PHE A 256 -1.89 29.60 21.12
N ARG A 257 -1.23 30.59 20.52
CA ARG A 257 -1.92 31.69 19.78
C ARG A 257 -2.52 31.09 18.50
N VAL A 258 -2.08 29.91 18.09
CA VAL A 258 -2.56 29.23 16.85
C VAL A 258 -4.05 28.92 16.98
N LEU A 259 -4.64 28.99 18.18
CA LEU A 259 -6.04 28.65 18.39
C LEU A 259 -6.98 29.62 17.69
N ARG A 260 -6.51 30.82 17.35
CA ARG A 260 -7.34 31.77 16.61
C ARG A 260 -7.73 31.25 15.24
N ALA A 261 -6.98 30.29 14.70
CA ALA A 261 -7.36 29.67 13.43
C ALA A 261 -8.63 28.83 13.56
N LEU A 262 -8.88 28.25 14.73
CA LEU A 262 -10.07 27.44 14.94
C LEU A 262 -11.34 28.26 15.01
N LYS A 263 -11.24 29.59 15.10
CA LYS A 263 -12.41 30.45 15.11
C LYS A 263 -13.09 30.51 13.74
N THR A 264 -12.46 29.97 12.69
CA THR A 264 -13.10 29.91 11.39
C THR A 264 -14.37 29.07 11.43
N ILE A 265 -14.42 28.08 12.32
CA ILE A 265 -15.58 27.20 12.37
C ILE A 265 -16.82 27.96 12.82
N SER A 266 -16.66 28.90 13.76
CA SER A 266 -17.78 29.62 14.32
C SER A 266 -18.20 30.84 13.51
N VAL A 267 -17.42 31.23 12.51
CA VAL A 267 -17.77 32.39 11.69
C VAL A 267 -18.24 31.99 10.29
N ILE A 268 -17.60 31.01 9.65
CA ILE A 268 -18.08 30.51 8.37
C ILE A 268 -19.29 29.63 8.61
N PRO A 269 -20.43 29.94 8.00
CA PRO A 269 -21.63 29.13 8.25
C PRO A 269 -21.53 27.74 7.65
N GLY A 270 -22.15 26.78 8.33
CA GLY A 270 -22.17 25.41 7.86
C GLY A 270 -20.97 24.57 8.27
N LEU A 271 -20.03 25.13 9.03
CA LEU A 271 -18.87 24.36 9.47
C LEU A 271 -19.10 23.67 10.80
N LYS A 272 -19.89 24.27 11.70
CA LYS A 272 -20.20 23.63 12.97
C LYS A 272 -20.95 22.32 12.75
N THR A 273 -21.85 22.28 11.76
CA THR A 273 -22.56 21.04 11.45
C THR A 273 -21.59 19.96 10.99
N ILE A 274 -20.60 20.33 10.16
CA ILE A 274 -19.61 19.36 9.70
C ILE A 274 -18.79 18.83 10.88
N VAL A 275 -18.37 19.73 11.78
CA VAL A 275 -17.59 19.31 12.93
C VAL A 275 -18.41 18.38 13.82
N GLY A 276 -19.68 18.71 14.05
CA GLY A 276 -20.54 17.85 14.84
C GLY A 276 -20.74 16.49 14.20
N ALA A 277 -20.87 16.45 12.88
CA ALA A 277 -21.00 15.18 12.18
C ALA A 277 -19.73 14.35 12.32
N LEU A 278 -18.56 15.01 12.26
CA LEU A 278 -17.30 14.28 12.46
C LEU A 278 -17.20 13.71 13.87
N ILE A 279 -17.62 14.49 14.88
CA ILE A 279 -17.63 13.98 16.25
C ILE A 279 -18.59 12.80 16.38
N GLN A 280 -19.76 12.89 15.75
CA GLN A 280 -20.70 11.77 15.79
C GLN A 280 -20.11 10.53 15.13
N SER A 281 -19.42 10.71 14.00
CA SER A 281 -18.77 9.58 13.35
C SER A 281 -17.70 8.96 14.23
N VAL A 282 -16.97 9.79 14.98
CA VAL A 282 -16.00 9.26 15.93
C VAL A 282 -16.70 8.45 17.01
N LYS A 283 -17.84 8.94 17.50
CA LYS A 283 -18.51 8.30 18.64
C LYS A 283 -18.97 6.89 18.32
N LYS A 284 -19.18 6.57 17.03
CA LYS A 284 -19.63 5.23 16.65
C LYS A 284 -18.48 4.24 16.52
N LEU A 285 -17.24 4.68 16.72
CA LEU A 285 -16.05 3.86 16.54
C LEU A 285 -15.52 3.29 17.86
N SER A 286 -16.33 3.30 18.92
CA SER A 286 -15.82 2.96 20.25
C SER A 286 -15.35 1.51 20.30
N ASP A 287 -16.19 0.57 19.86
CA ASP A 287 -15.83 -0.85 19.95
C ASP A 287 -14.66 -1.18 19.04
N VAL A 288 -14.60 -0.56 17.87
CA VAL A 288 -13.56 -0.87 16.90
C VAL A 288 -12.19 -0.49 17.44
N MET A 289 -12.07 0.68 18.09
CA MET A 289 -10.80 1.05 18.69
C MET A 289 -10.41 0.12 19.83
N ILE A 290 -11.39 -0.35 20.60
CA ILE A 290 -11.08 -1.29 21.66
C ILE A 290 -10.52 -2.58 21.08
N LEU A 291 -11.16 -3.10 20.03
CA LEU A 291 -10.64 -4.31 19.39
C LEU A 291 -9.28 -4.08 18.77
N THR A 292 -9.08 -2.91 18.16
CA THR A 292 -7.79 -2.60 17.55
C THR A 292 -6.68 -2.55 18.59
N VAL A 293 -6.93 -1.90 19.73
CA VAL A 293 -5.93 -1.84 20.79
C VAL A 293 -5.65 -3.22 21.34
N PHE A 294 -6.70 -4.03 21.53
CA PHE A 294 -6.49 -5.38 22.05
C PHE A 294 -5.65 -6.23 21.10
N CYS A 295 -5.98 -6.19 19.80
CA CYS A 295 -5.22 -6.97 18.82
C CYS A 295 -3.78 -6.47 18.70
N LEU A 296 -3.59 -5.15 18.70
CA LEU A 296 -2.24 -4.61 18.60
C LEU A 296 -1.41 -4.97 19.82
N SER A 297 -2.03 -4.97 21.01
CA SER A 297 -1.31 -5.36 22.22
C SER A 297 -0.96 -6.84 22.22
N VAL A 298 -1.88 -7.70 21.75
CA VAL A 298 -1.59 -9.12 21.68
C VAL A 298 -0.45 -9.39 20.71
N PHE A 299 -0.49 -8.77 19.53
CA PHE A 299 0.58 -8.94 18.56
C PHE A 299 1.88 -8.33 19.05
N ALA A 300 1.82 -7.25 19.82
CA ALA A 300 3.02 -6.66 20.40
C ALA A 300 3.65 -7.60 21.43
N LEU A 301 2.82 -8.27 22.22
CA LEU A 301 3.34 -9.27 23.16
C LEU A 301 3.97 -10.44 22.42
N ILE A 302 3.34 -10.89 21.33
CA ILE A 302 3.91 -11.98 20.54
C ILE A 302 5.26 -11.57 19.95
N GLY A 303 5.33 -10.35 19.40
CA GLY A 303 6.59 -9.87 18.84
C GLY A 303 7.65 -9.65 19.90
N LEU A 304 7.24 -9.21 21.09
CA LEU A 304 8.17 -9.04 22.20
C LEU A 304 8.74 -10.38 22.63
N GLN A 305 7.91 -11.41 22.68
CA GLN A 305 8.39 -12.75 23.02
C GLN A 305 9.34 -13.27 21.94
N LEU A 306 8.97 -13.14 20.66
CA LEU A 306 9.75 -13.76 19.60
C LEU A 306 11.05 -13.02 19.31
N PHE A 307 11.02 -11.68 19.27
CA PHE A 307 12.12 -10.88 18.77
C PHE A 307 12.73 -9.98 19.83
N MET A 308 12.85 -10.45 21.06
CA MET A 308 13.39 -9.62 22.14
C MET A 308 14.90 -9.52 21.99
N GLY A 309 15.38 -8.34 21.58
CA GLY A 309 16.80 -8.10 21.44
C GLY A 309 17.43 -8.58 20.15
N ASN A 310 16.62 -9.05 19.19
CA ASN A 310 17.19 -9.55 17.94
C ASN A 310 17.76 -8.43 17.08
N LEU A 311 17.16 -7.24 17.12
CA LEU A 311 17.64 -6.15 16.29
C LEU A 311 18.93 -5.51 16.82
N LYS A 312 19.56 -6.10 17.83
CA LYS A 312 20.83 -5.62 18.34
C LYS A 312 22.01 -6.48 17.87
N HIS A 313 21.76 -7.49 17.04
CA HIS A 313 22.86 -8.32 16.54
C HIS A 313 23.72 -7.53 15.56
N LYS A 314 25.03 -7.68 15.70
CA LYS A 314 25.98 -7.00 14.85
C LYS A 314 27.16 -7.92 14.54
N CYS A 315 27.88 -7.60 13.48
CA CYS A 315 29.06 -8.36 13.07
C CYS A 315 30.28 -7.74 13.73
N PHE A 316 30.77 -8.37 14.79
CA PHE A 316 31.93 -7.89 15.52
C PHE A 316 33.17 -8.64 15.08
N ARG A 317 34.26 -7.90 14.86
CA ARG A 317 35.48 -8.49 14.33
C ARG A 317 36.11 -9.47 15.33
N ASN A 318 36.79 -10.47 14.80
CA ASN A 318 37.36 -11.53 15.62
C ASN A 318 38.70 -11.13 16.23
N SER A 319 39.55 -10.48 15.44
CA SER A 319 40.92 -10.16 15.87
C SER A 319 40.94 -8.76 16.47
N LEU A 320 41.33 -8.67 17.74
CA LEU A 320 41.47 -7.41 18.45
C LEU A 320 42.87 -7.32 19.05
N GLU A 321 43.55 -6.20 18.80
CA GLU A 321 44.92 -6.03 19.26
C GLU A 321 44.94 -5.38 20.65
N ASN A 322 46.13 -5.33 21.24
CA ASN A 322 46.38 -4.69 22.53
C ASN A 322 45.56 -5.31 23.65
N ASN A 323 45.23 -6.60 23.51
CA ASN A 323 44.45 -7.35 24.49
C ASN A 323 43.15 -6.63 24.84
N GLU A 324 42.32 -6.46 23.81
CA GLU A 324 41.08 -5.72 23.93
C GLU A 324 39.88 -6.65 23.82
N THR A 325 38.83 -6.33 24.57
CA THR A 325 37.64 -7.16 24.64
C THR A 325 36.43 -6.35 24.24
N LEU A 326 35.33 -7.05 23.94
CA LEU A 326 34.11 -6.38 23.47
C LEU A 326 33.57 -5.43 24.53
N GLU A 327 33.64 -5.83 25.79
CA GLU A 327 33.11 -5.03 26.91
C GLU A 327 33.92 -3.75 27.02
N SER A 328 35.23 -3.88 26.94
CA SER A 328 36.11 -2.72 27.05
C SER A 328 35.98 -1.80 25.84
N ILE A 329 35.75 -2.37 24.66
CA ILE A 329 35.54 -1.56 23.46
C ILE A 329 34.26 -0.76 23.56
N MET A 330 33.17 -1.39 24.02
CA MET A 330 31.84 -0.81 23.90
C MET A 330 31.66 0.48 24.69
N ASN A 331 32.49 0.72 25.71
CA ASN A 331 32.32 1.93 26.51
C ASN A 331 33.25 3.07 26.11
N THR A 332 34.02 2.90 25.04
CA THR A 332 34.87 3.97 24.49
C THR A 332 34.56 4.23 23.02
N LEU A 333 33.30 4.09 22.63
CA LEU A 333 32.88 4.31 21.25
C LEU A 333 31.80 5.38 21.23
N GLU A 334 32.05 6.47 20.51
CA GLU A 334 31.09 7.55 20.39
C GLU A 334 30.68 7.83 18.96
N SER A 335 31.63 7.92 18.03
CA SER A 335 31.35 8.30 16.65
C SER A 335 31.18 7.07 15.78
N GLU A 336 30.36 7.22 14.73
CA GLU A 336 30.19 6.15 13.75
C GLU A 336 31.48 5.85 13.01
N GLU A 337 32.35 6.85 12.83
CA GLU A 337 33.64 6.59 12.19
C GLU A 337 34.47 5.60 12.98
N ASP A 338 34.36 5.63 14.31
CA ASP A 338 35.08 4.69 15.15
C ASP A 338 34.32 3.37 15.31
N PHE A 339 32.99 3.43 15.34
CA PHE A 339 32.19 2.20 15.34
C PHE A 339 32.48 1.36 14.11
N ARG A 340 32.68 2.00 12.96
CA ARG A 340 32.93 1.26 11.71
C ARG A 340 34.22 0.46 11.77
N LYS A 341 35.15 0.82 12.65
CA LYS A 341 36.41 0.10 12.75
C LYS A 341 36.27 -1.25 13.44
N TYR A 342 35.19 -1.46 14.20
CA TYR A 342 34.99 -2.70 14.93
C TYR A 342 33.79 -3.51 14.46
N PHE A 343 32.73 -2.86 14.00
CA PHE A 343 31.57 -3.55 13.44
C PHE A 343 31.53 -3.37 11.93
N TYR A 344 30.80 -4.25 11.27
CA TYR A 344 30.74 -4.25 9.81
C TYR A 344 29.56 -3.39 9.35
N TYR A 345 29.88 -2.33 8.62
CA TYR A 345 28.88 -1.43 8.05
C TYR A 345 28.92 -1.55 6.53
N LEU A 346 27.75 -1.64 5.91
CA LEU A 346 27.70 -1.50 4.46
C LEU A 346 28.01 -0.06 4.07
N GLU A 347 28.52 0.11 2.85
CA GLU A 347 28.90 1.44 2.40
C GLU A 347 27.69 2.36 2.34
N GLY A 348 27.80 3.53 2.94
CA GLY A 348 26.70 4.47 2.97
C GLY A 348 25.58 4.12 3.92
N SER A 349 25.83 3.26 4.90
CA SER A 349 24.80 2.84 5.85
C SER A 349 25.04 3.51 7.20
N LYS A 350 23.97 4.08 7.77
CA LYS A 350 24.07 4.72 9.07
C LYS A 350 24.14 3.71 10.20
N ASP A 351 23.49 2.55 10.03
CA ASP A 351 23.44 1.52 11.06
C ASP A 351 24.39 0.37 10.70
N ALA A 352 24.74 -0.40 11.73
CA ALA A 352 25.54 -1.60 11.51
C ALA A 352 24.71 -2.68 10.82
N LEU A 353 25.41 -3.59 10.15
CA LEU A 353 24.72 -4.67 9.45
C LEU A 353 24.20 -5.70 10.45
N LEU A 354 22.94 -6.09 10.28
CA LEU A 354 22.32 -7.07 11.15
C LEU A 354 22.71 -8.48 10.75
N CYS A 355 22.77 -9.37 11.74
CA CYS A 355 23.14 -10.76 11.52
C CYS A 355 22.25 -11.65 12.36
N GLY A 356 22.43 -12.96 12.18
CA GLY A 356 21.69 -13.95 12.96
C GLY A 356 22.52 -15.19 13.13
N PHE A 357 22.14 -15.99 14.12
CA PHE A 357 22.85 -17.22 14.45
C PHE A 357 22.33 -18.44 13.69
N SER A 358 21.24 -18.32 12.96
CA SER A 358 20.68 -19.45 12.23
C SER A 358 21.18 -19.46 10.79
N THR A 359 20.88 -20.55 10.09
CA THR A 359 21.34 -20.72 8.71
C THR A 359 20.49 -19.95 7.70
N ASP A 360 19.30 -19.50 8.08
CA ASP A 360 18.45 -18.71 7.20
C ASP A 360 18.50 -17.22 7.49
N SER A 361 19.39 -16.80 8.38
CA SER A 361 19.52 -15.40 8.74
C SER A 361 20.67 -14.76 7.97
N GLY A 362 20.95 -13.50 8.27
CA GLY A 362 22.06 -12.82 7.62
C GLY A 362 23.39 -13.43 8.02
N GLN A 363 24.35 -13.34 7.12
CA GLN A 363 25.67 -13.93 7.30
C GLN A 363 26.71 -12.82 7.44
N CYS A 364 27.50 -12.88 8.49
CA CYS A 364 28.61 -11.97 8.66
C CYS A 364 29.73 -12.31 7.68
N PRO A 365 30.56 -11.33 7.31
CA PRO A 365 31.72 -11.64 6.48
C PRO A 365 32.75 -12.43 7.26
N GLU A 366 33.65 -13.07 6.51
CA GLU A 366 34.74 -13.81 7.14
C GLU A 366 35.61 -12.86 7.95
N GLY A 367 35.91 -13.25 9.18
CA GLY A 367 36.61 -12.39 10.12
C GLY A 367 35.72 -11.65 11.08
N TYR A 368 34.41 -11.76 10.92
CA TYR A 368 33.44 -11.16 11.83
C TYR A 368 32.52 -12.25 12.38
N THR A 369 32.14 -12.10 13.65
CA THR A 369 31.21 -13.01 14.30
C THR A 369 30.00 -12.23 14.80
N CYS A 370 28.84 -12.89 14.78
CA CYS A 370 27.59 -12.25 15.18
C CYS A 370 27.51 -12.19 16.70
N VAL A 371 27.14 -11.03 17.22
CA VAL A 371 27.00 -10.81 18.66
C VAL A 371 25.89 -9.80 18.89
N LYS A 372 25.21 -9.90 20.04
CA LYS A 372 24.14 -8.95 20.42
C LYS A 372 24.76 -7.86 21.31
N ILE A 373 25.13 -6.72 20.75
CA ILE A 373 25.80 -5.63 21.51
C ILE A 373 25.56 -4.28 20.82
N GLY A 374 25.21 -3.22 21.57
CA GLY A 374 25.05 -1.87 21.01
C GLY A 374 23.62 -1.34 21.06
N ARG A 375 23.24 -0.48 20.12
CA ARG A 375 21.91 0.09 20.02
C ARG A 375 21.12 -0.51 18.87
N ASN A 376 19.82 -0.25 18.87
CA ASN A 376 18.92 -0.73 17.83
C ASN A 376 19.01 0.15 16.59
N PRO A 377 18.58 -0.34 15.43
CA PRO A 377 18.64 0.46 14.21
C PRO A 377 17.67 1.64 14.26
N ASP A 378 17.91 2.64 13.40
CA ASP A 378 17.02 3.84 13.27
C ASP A 378 17.05 4.69 14.54
N TYR A 379 18.23 5.11 15.01
CA TYR A 379 18.39 5.95 16.23
C TYR A 379 17.87 5.17 17.44
N GLY A 380 17.82 3.84 17.34
CA GLY A 380 17.37 2.97 18.44
C GLY A 380 15.86 2.94 18.58
N TYR A 381 15.11 3.49 17.61
CA TYR A 381 13.66 3.53 17.67
C TYR A 381 13.00 2.29 17.09
N THR A 382 13.75 1.46 16.37
CA THR A 382 13.21 0.24 15.76
C THR A 382 13.68 -0.95 16.59
N SER A 383 12.76 -1.53 17.35
CA SER A 383 13.11 -2.63 18.25
C SER A 383 11.84 -3.32 18.73
N PHE A 384 12.03 -4.50 19.30
CA PHE A 384 11.01 -5.23 20.04
C PHE A 384 11.48 -5.46 21.48
N ASP A 385 12.28 -4.54 21.99
CA ASP A 385 12.91 -4.72 23.29
C ASP A 385 11.91 -4.60 24.43
N THR A 386 11.01 -3.62 24.37
CA THR A 386 10.01 -3.39 25.40
C THR A 386 8.62 -3.45 24.78
N PHE A 387 7.60 -3.39 25.64
CA PHE A 387 6.24 -3.40 25.12
C PHE A 387 5.91 -2.14 24.34
N SER A 388 6.49 -1.00 24.72
CA SER A 388 6.17 0.26 24.05
C SER A 388 6.70 0.27 22.62
N TRP A 389 7.97 -0.11 22.44
CA TRP A 389 8.55 -0.15 21.10
C TRP A 389 7.90 -1.23 20.26
N ALA A 390 7.55 -2.36 20.87
CA ALA A 390 6.83 -3.41 20.13
C ALA A 390 5.47 -2.91 19.68
N PHE A 391 4.77 -2.18 20.54
CA PHE A 391 3.47 -1.62 20.17
C PHE A 391 3.62 -0.60 19.05
N LEU A 392 4.65 0.22 19.10
CA LEU A 392 4.88 1.19 18.03
C LEU A 392 5.18 0.47 16.71
N ALA A 393 5.98 -0.60 16.76
CA ALA A 393 6.27 -1.37 15.55
C ALA A 393 5.02 -2.03 15.00
N LEU A 394 4.15 -2.54 15.89
CA LEU A 394 2.92 -3.17 15.43
C LEU A 394 1.95 -2.16 14.83
N PHE A 395 1.89 -0.96 15.40
CA PHE A 395 1.09 0.11 14.79
C PHE A 395 1.65 0.48 13.43
N ARG A 396 2.98 0.53 13.31
CA ARG A 396 3.61 0.79 12.02
C ARG A 396 3.26 -0.29 11.00
N LEU A 397 3.25 -1.55 11.43
CA LEU A 397 2.85 -2.65 10.54
C LEU A 397 1.39 -2.52 10.13
N MET A 398 0.52 -2.19 11.07
CA MET A 398 -0.90 -2.04 10.75
C MET A 398 -1.13 -0.91 9.75
N THR A 399 -0.46 0.22 9.95
CA THR A 399 -0.56 1.33 9.02
C THR A 399 0.28 1.13 7.77
N GLN A 400 1.12 0.09 7.73
CA GLN A 400 1.94 -0.25 6.56
C GLN A 400 2.83 0.91 6.13
N ASP A 401 3.40 1.61 7.11
CA ASP A 401 4.33 2.71 6.84
C ASP A 401 5.74 2.17 6.94
N TYR A 402 6.41 2.06 5.78
CA TYR A 402 7.80 1.60 5.71
C TYR A 402 7.97 0.24 6.35
N TRP A 403 6.93 -0.60 6.29
CA TRP A 403 6.95 -1.88 6.96
C TRP A 403 7.89 -2.87 6.30
N GLU A 404 8.25 -2.66 5.03
CA GLU A 404 9.16 -3.58 4.37
C GLU A 404 10.56 -3.50 4.96
N ASN A 405 10.98 -2.32 5.42
CA ASN A 405 12.29 -2.18 6.04
C ASN A 405 12.35 -2.95 7.35
N LEU A 406 11.32 -2.81 8.19
CA LEU A 406 11.24 -3.57 9.43
C LEU A 406 11.18 -5.06 9.15
N TYR A 407 10.40 -5.45 8.15
CA TYR A 407 10.29 -6.86 7.76
C TYR A 407 11.64 -7.42 7.36
N GLN A 408 12.40 -6.68 6.55
CA GLN A 408 13.72 -7.13 6.11
C GLN A 408 14.71 -7.20 7.27
N GLN A 409 14.70 -6.19 8.15
CA GLN A 409 15.60 -6.22 9.30
C GLN A 409 15.29 -7.40 10.22
N THR A 410 14.01 -7.66 10.47
CA THR A 410 13.64 -8.77 11.33
C THR A 410 14.02 -10.10 10.71
N LEU A 411 13.81 -10.26 9.39
CA LEU A 411 14.22 -11.49 8.74
C LEU A 411 15.73 -11.68 8.79
N ARG A 412 16.49 -10.60 8.59
CA ARG A 412 17.95 -10.70 8.65
C ARG A 412 18.42 -11.05 10.05
N ALA A 413 17.78 -10.49 11.08
CA ALA A 413 18.23 -10.69 12.45
C ALA A 413 17.75 -12.00 13.07
N ALA A 414 16.64 -12.55 12.58
CA ALA A 414 16.04 -13.73 13.19
C ALA A 414 15.93 -14.94 12.26
N GLY A 415 15.84 -14.72 10.94
CA GLY A 415 15.70 -15.83 10.02
C GLY A 415 14.51 -15.68 9.10
N LYS A 416 14.55 -16.36 7.95
CA LYS A 416 13.47 -16.25 6.98
C LYS A 416 12.23 -17.02 7.41
N THR A 417 12.35 -17.98 8.34
CA THR A 417 11.21 -18.76 8.78
C THR A 417 10.18 -17.93 9.53
N TYR A 418 10.54 -16.72 9.97
CA TYR A 418 9.63 -15.84 10.69
C TYR A 418 8.81 -14.96 9.76
N MET A 419 8.81 -15.23 8.46
CA MET A 419 7.88 -14.54 7.56
C MET A 419 6.44 -14.87 7.89
N ILE A 420 6.19 -16.00 8.57
CA ILE A 420 4.84 -16.36 8.96
C ILE A 420 4.24 -15.32 9.90
N PHE A 421 5.05 -14.83 10.83
CA PHE A 421 4.57 -13.80 11.75
C PHE A 421 4.13 -12.56 11.00
N PHE A 422 4.93 -12.11 10.04
CA PHE A 422 4.57 -10.92 9.28
C PHE A 422 3.36 -11.17 8.39
N VAL A 423 3.25 -12.36 7.81
CA VAL A 423 2.08 -12.69 6.99
C VAL A 423 0.81 -12.61 7.85
N VAL A 424 0.84 -13.26 9.01
CA VAL A 424 -0.34 -13.27 9.88
C VAL A 424 -0.65 -11.86 10.37
N VAL A 425 0.36 -11.12 10.80
CA VAL A 425 0.14 -9.79 11.35
C VAL A 425 -0.44 -8.86 10.27
N ILE A 426 0.16 -8.87 9.08
CA ILE A 426 -0.36 -8.05 7.99
C ILE A 426 -1.81 -8.43 7.71
N PHE A 427 -2.05 -9.68 7.31
CA PHE A 427 -3.40 -10.17 6.91
C PHE A 427 -4.47 -9.85 7.97
N LEU A 428 -4.09 -9.62 9.23
CA LEU A 428 -5.06 -9.39 10.33
C LEU A 428 -5.08 -7.91 10.74
N GLY A 429 -3.95 -7.40 11.26
CA GLY A 429 -3.88 -6.00 11.73
C GLY A 429 -4.04 -4.99 10.62
N SER A 430 -3.41 -5.20 9.45
CA SER A 430 -3.40 -4.23 8.33
C SER A 430 -4.66 -4.34 7.47
N PHE A 431 -5.26 -5.52 7.35
CA PHE A 431 -6.39 -5.76 6.46
C PHE A 431 -7.72 -5.69 7.21
N TYR A 432 -7.91 -6.57 8.19
CA TYR A 432 -9.22 -6.71 8.82
C TYR A 432 -9.55 -5.51 9.71
N LEU A 433 -8.59 -4.99 10.48
CA LEU A 433 -8.90 -3.87 11.34
C LEU A 433 -9.21 -2.61 10.54
N ILE A 434 -8.45 -2.36 9.47
CA ILE A 434 -8.74 -1.25 8.59
C ILE A 434 -10.11 -1.44 7.94
N ASN A 435 -10.44 -2.68 7.57
CA ASN A 435 -11.76 -2.96 7.03
C ASN A 435 -12.85 -2.64 8.02
N LEU A 436 -12.65 -2.99 9.30
CA LEU A 436 -13.65 -2.70 10.32
C LEU A 436 -13.84 -1.20 10.51
N ILE A 437 -12.72 -0.46 10.58
CA ILE A 437 -12.82 0.99 10.72
C ILE A 437 -13.57 1.58 9.53
N LEU A 438 -13.22 1.14 8.32
CA LEU A 438 -13.86 1.65 7.12
C LEU A 438 -15.35 1.35 7.11
N ALA A 439 -15.73 0.12 7.44
CA ALA A 439 -17.13 -0.27 7.43
C ALA A 439 -17.94 0.48 8.48
N VAL A 440 -17.37 0.67 9.68
CA VAL A 440 -18.12 1.36 10.72
C VAL A 440 -18.30 2.84 10.38
N VAL A 441 -17.26 3.47 9.83
CA VAL A 441 -17.40 4.87 9.44
C VAL A 441 -18.39 5.00 8.29
N ALA A 442 -18.41 4.01 7.38
CA ALA A 442 -19.38 4.01 6.30
C ALA A 442 -20.81 3.87 6.84
N MET A 443 -21.00 3.00 7.83
CA MET A 443 -22.32 2.88 8.45
C MET A 443 -22.74 4.19 9.09
N ALA A 444 -21.81 4.85 9.79
CA ALA A 444 -22.13 6.11 10.43
C ALA A 444 -22.58 7.15 9.41
N TYR A 445 -21.82 7.27 8.31
CA TYR A 445 -22.20 8.24 7.29
C TYR A 445 -23.52 7.87 6.62
N GLU A 446 -23.75 6.57 6.36
CA GLU A 446 -24.99 6.17 5.72
C GLU A 446 -26.19 6.45 6.63
N GLU A 447 -26.06 6.21 7.93
CA GLU A 447 -27.14 6.53 8.86
C GLU A 447 -27.38 8.04 8.93
N GLN A 448 -26.30 8.84 8.94
CA GLN A 448 -26.47 10.29 8.94
C GLN A 448 -27.19 10.75 7.68
N ASN A 449 -26.82 10.20 6.53
CA ASN A 449 -27.48 10.56 5.28
C ASN A 449 -28.94 10.13 5.28
N GLN A 450 -29.24 8.95 5.81
CA GLN A 450 -30.62 8.49 5.89
C GLN A 450 -31.45 9.43 6.75
N ALA A 451 -30.93 9.81 7.92
CA ALA A 451 -31.66 10.73 8.78
C ALA A 451 -31.85 12.08 8.10
N ASN A 452 -30.80 12.58 7.41
CA ASN A 452 -30.89 13.87 6.75
C ASN A 452 -31.95 13.86 5.65
N ILE A 453 -31.95 12.83 4.81
CA ILE A 453 -32.92 12.78 3.72
C ILE A 453 -34.32 12.51 4.25
N GLU A 454 -34.45 11.79 5.36
CA GLU A 454 -35.76 11.54 5.93
C GLU A 454 -36.36 12.81 6.52
N GLU A 455 -35.56 13.59 7.25
CA GLU A 455 -36.09 14.82 7.84
C GLU A 455 -36.27 15.92 6.80
N ALA A 456 -35.41 15.95 5.77
CA ALA A 456 -35.57 16.96 4.72
C ALA A 456 -36.86 16.75 3.94
N LYS A 457 -37.19 15.51 3.61
CA LYS A 457 -38.42 15.24 2.88
C LYS A 457 -39.65 15.58 3.72
N GLN A 458 -39.59 15.28 5.02
CA GLN A 458 -40.71 15.59 5.92
C GLN A 458 -40.84 17.09 6.13
N PRO A 768 -30.16 43.65 -40.70
CA PRO A 768 -29.51 44.18 -41.89
C PRO A 768 -28.52 43.16 -42.49
N TYR A 769 -27.52 43.60 -43.25
CA TYR A 769 -26.49 42.73 -43.88
C TYR A 769 -25.81 41.92 -42.78
N TRP A 770 -25.49 42.56 -41.65
CA TRP A 770 -24.84 41.88 -40.51
C TRP A 770 -25.69 40.67 -40.15
N ILE A 771 -26.97 40.89 -39.84
CA ILE A 771 -27.92 39.81 -39.49
C ILE A 771 -27.79 38.69 -40.52
N LYS A 772 -27.98 38.98 -41.81
CA LYS A 772 -27.96 37.94 -42.88
C LYS A 772 -26.68 37.09 -42.76
N PHE A 773 -25.50 37.71 -42.81
CA PHE A 773 -24.21 36.98 -42.80
C PHE A 773 -24.05 36.20 -41.49
N LYS A 774 -24.41 36.78 -40.34
CA LYS A 774 -24.20 36.12 -39.02
C LYS A 774 -25.16 34.93 -38.92
N LYS A 775 -26.30 34.99 -39.59
CA LYS A 775 -27.29 33.88 -39.62
C LYS A 775 -26.74 32.79 -40.54
N CYS A 776 -26.11 33.17 -41.65
CA CYS A 776 -25.45 32.20 -42.58
C CYS A 776 -24.39 31.44 -41.76
N ILE A 777 -23.64 32.12 -40.90
CA ILE A 777 -22.66 31.50 -40.02
C ILE A 777 -23.32 30.53 -39.05
N TYR A 778 -24.49 30.91 -38.51
CA TYR A 778 -25.23 30.00 -37.64
C TYR A 778 -25.62 28.74 -38.38
N PHE A 779 -25.99 28.87 -39.66
CA PHE A 779 -26.25 27.69 -40.48
C PHE A 779 -24.99 26.86 -40.67
N ILE A 780 -23.83 27.52 -40.78
CA ILE A 780 -22.57 26.80 -40.93
C ILE A 780 -22.32 25.91 -39.71
N VAL A 781 -22.72 26.38 -38.54
CA VAL A 781 -22.61 25.58 -37.32
C VAL A 781 -23.60 24.42 -37.42
N MET A 782 -23.09 23.23 -37.69
CA MET A 782 -23.92 22.03 -37.82
C MET A 782 -23.40 20.97 -36.85
N ASP A 783 -24.30 20.46 -36.01
CA ASP A 783 -23.91 19.50 -34.98
C ASP A 783 -23.28 18.23 -35.53
N PRO A 784 -23.85 17.56 -36.56
CA PRO A 784 -23.29 16.26 -36.97
C PRO A 784 -21.83 16.33 -37.41
N PHE A 785 -21.39 17.42 -38.03
CA PHE A 785 -20.06 17.50 -38.60
C PHE A 785 -19.13 18.43 -37.83
N VAL A 786 -19.56 19.65 -37.52
CA VAL A 786 -18.67 20.63 -36.93
C VAL A 786 -18.20 20.16 -35.55
N ASP A 787 -19.13 19.69 -34.72
CA ASP A 787 -18.76 19.24 -33.39
C ASP A 787 -17.92 17.95 -33.45
N LEU A 788 -18.27 17.04 -34.36
CA LEU A 788 -17.43 15.86 -34.56
C LEU A 788 -16.04 16.25 -35.03
N ALA A 789 -15.95 17.25 -35.93
CA ALA A 789 -14.65 17.73 -36.38
C ALA A 789 -13.85 18.31 -35.23
N ILE A 790 -14.51 19.05 -34.33
CA ILE A 790 -13.80 19.64 -33.19
C ILE A 790 -13.34 18.56 -32.23
N THR A 791 -14.16 17.53 -32.02
CA THR A 791 -13.74 16.41 -31.19
C THR A 791 -12.50 15.73 -31.78
N ILE A 792 -12.53 15.48 -33.09
CA ILE A 792 -11.39 14.88 -33.76
C ILE A 792 -10.17 15.76 -33.63
N CYS A 793 -10.35 17.08 -33.76
CA CYS A 793 -9.23 18.01 -33.64
C CYS A 793 -8.65 18.01 -32.23
N ILE A 794 -9.49 17.92 -31.21
CA ILE A 794 -9.01 17.87 -29.83
C ILE A 794 -8.20 16.59 -29.61
N VAL A 795 -8.71 15.46 -30.09
CA VAL A 795 -7.98 14.20 -29.95
C VAL A 795 -6.65 14.28 -30.67
N LEU A 796 -6.66 14.82 -31.90
CA LEU A 796 -5.43 14.92 -32.67
C LEU A 796 -4.42 15.85 -32.00
N ASN A 797 -4.89 16.95 -31.42
CA ASN A 797 -4.00 17.88 -30.73
C ASN A 797 -3.38 17.22 -29.50
N THR A 798 -4.17 16.48 -28.72
CA THR A 798 -3.61 15.76 -27.58
C THR A 798 -2.57 14.75 -28.03
N LEU A 799 -2.87 14.00 -29.09
CA LEU A 799 -1.91 13.01 -29.59
C LEU A 799 -0.64 13.67 -30.10
N PHE A 800 -0.77 14.83 -30.75
CA PHE A 800 0.37 15.57 -31.26
C PHE A 800 1.25 16.08 -30.13
N MET A 801 0.64 16.65 -29.09
CA MET A 801 1.39 17.15 -27.95
C MET A 801 1.98 16.03 -27.09
N ALA A 802 1.46 14.81 -27.19
CA ALA A 802 2.04 13.68 -26.49
C ALA A 802 3.29 13.13 -27.16
N MET A 803 3.78 13.75 -28.23
CA MET A 803 4.96 13.26 -28.93
C MET A 803 6.24 13.96 -28.52
N GLU A 804 6.19 14.84 -27.52
CA GLU A 804 7.40 15.53 -27.07
C GLU A 804 8.29 14.59 -26.26
N HIS A 805 9.59 14.68 -26.49
CA HIS A 805 10.58 13.92 -25.75
C HIS A 805 11.85 14.75 -25.64
N HIS A 806 12.78 14.31 -24.78
CA HIS A 806 13.97 15.12 -24.53
C HIS A 806 14.98 15.01 -25.67
N PRO A 807 15.49 13.83 -26.06
CA PRO A 807 16.46 13.83 -27.18
C PRO A 807 15.75 14.03 -28.51
N MET A 808 15.27 15.26 -28.71
CA MET A 808 14.40 15.60 -29.84
C MET A 808 15.09 16.61 -30.73
N THR A 809 15.16 16.29 -32.02
CA THR A 809 15.89 17.11 -32.98
C THR A 809 15.14 18.41 -33.28
N GLU A 810 15.82 19.31 -33.98
CA GLU A 810 15.25 20.62 -34.29
C GLU A 810 14.08 20.52 -35.26
N GLU A 811 14.16 19.61 -36.24
CA GLU A 811 13.06 19.44 -37.19
C GLU A 811 11.80 18.94 -36.48
N PHE A 812 11.95 18.01 -35.54
CA PHE A 812 10.81 17.55 -34.76
C PHE A 812 10.22 18.69 -33.93
N LYS A 813 11.08 19.52 -33.34
CA LYS A 813 10.60 20.69 -32.61
C LYS A 813 9.82 21.63 -33.51
N ASN A 814 10.32 21.86 -34.74
CA ASN A 814 9.66 22.76 -35.66
C ASN A 814 8.29 22.23 -36.08
N VAL A 815 8.21 20.93 -36.38
CA VAL A 815 6.92 20.39 -36.81
C VAL A 815 5.94 20.38 -35.64
N LEU A 816 6.42 20.11 -34.42
CA LEU A 816 5.54 20.18 -33.26
C LEU A 816 5.04 21.61 -33.06
N ALA A 817 5.92 22.60 -33.22
CA ALA A 817 5.53 23.99 -33.05
C ALA A 817 4.48 24.41 -34.06
N ILE A 818 4.68 24.04 -35.33
CA ILE A 818 3.71 24.43 -36.35
C ILE A 818 2.39 23.69 -36.16
N GLY A 819 2.43 22.43 -35.72
CA GLY A 819 1.20 21.71 -35.45
C GLY A 819 0.41 22.33 -34.32
N ASN A 820 1.10 22.68 -33.23
CA ASN A 820 0.42 23.35 -32.13
C ASN A 820 -0.12 24.70 -32.55
N LEU A 821 0.63 25.44 -33.37
CA LEU A 821 0.16 26.74 -33.85
C LEU A 821 -1.10 26.59 -34.70
N VAL A 822 -1.13 25.60 -35.60
CA VAL A 822 -2.31 25.44 -36.45
C VAL A 822 -3.51 24.97 -35.63
N PHE A 823 -3.28 24.11 -34.63
CA PHE A 823 -4.38 23.70 -33.77
C PHE A 823 -4.94 24.88 -32.98
N THR A 824 -4.06 25.71 -32.42
CA THR A 824 -4.51 26.90 -31.71
C THR A 824 -5.25 27.85 -32.65
N GLY A 825 -4.77 27.98 -33.88
CA GLY A 825 -5.44 28.84 -34.84
C GLY A 825 -6.84 28.37 -35.16
N ILE A 826 -7.01 27.07 -35.39
CA ILE A 826 -8.35 26.56 -35.72
C ILE A 826 -9.27 26.66 -34.51
N PHE A 827 -8.74 26.44 -33.30
CA PHE A 827 -9.59 26.60 -32.11
C PHE A 827 -10.02 28.05 -31.93
N ALA A 828 -9.11 29.00 -32.14
CA ALA A 828 -9.48 30.40 -32.07
C ALA A 828 -10.46 30.78 -33.16
N ALA A 829 -10.30 30.23 -34.36
CA ALA A 829 -11.26 30.49 -35.43
C ALA A 829 -12.65 29.97 -35.07
N GLU A 830 -12.71 28.77 -34.46
CA GLU A 830 -13.99 28.26 -33.98
C GLU A 830 -14.60 29.19 -32.95
N MET A 831 -13.79 29.66 -32.00
CA MET A 831 -14.32 30.53 -30.95
C MET A 831 -14.86 31.83 -31.54
N VAL A 832 -14.12 32.43 -32.48
CA VAL A 832 -14.57 33.67 -33.10
C VAL A 832 -15.84 33.43 -33.91
N LEU A 833 -15.89 32.33 -34.67
CA LEU A 833 -17.06 32.06 -35.49
C LEU A 833 -18.30 31.83 -34.62
N LYS A 834 -18.15 31.14 -33.49
CA LYS A 834 -19.27 30.97 -32.58
C LYS A 834 -19.63 32.28 -31.90
N LEU A 835 -18.64 33.14 -31.65
CA LEU A 835 -18.92 34.43 -31.01
C LEU A 835 -19.69 35.36 -31.94
N ILE A 836 -19.44 35.28 -33.25
CA ILE A 836 -20.20 36.10 -34.20
C ILE A 836 -21.46 35.40 -34.72
N ALA A 837 -21.60 34.09 -34.49
CA ALA A 837 -22.83 33.41 -34.89
C ALA A 837 -23.96 33.73 -33.93
N MET A 838 -23.80 33.38 -32.66
CA MET A 838 -24.73 33.77 -31.62
C MET A 838 -24.26 35.08 -30.97
N ASP A 839 -25.17 35.70 -30.23
CA ASP A 839 -24.84 36.96 -29.58
C ASP A 839 -23.76 36.75 -28.52
N PRO A 840 -22.91 37.75 -28.29
CA PRO A 840 -21.91 37.62 -27.21
C PRO A 840 -22.54 37.37 -25.85
N TYR A 841 -23.70 37.98 -25.57
CA TYR A 841 -24.46 37.62 -24.38
C TYR A 841 -24.98 36.19 -24.48
N GLU A 842 -25.44 35.79 -25.67
CA GLU A 842 -25.88 34.41 -25.88
C GLU A 842 -24.72 33.43 -25.81
N TYR A 843 -23.49 33.91 -26.04
CA TYR A 843 -22.34 33.03 -26.01
C TYR A 843 -21.99 32.63 -24.58
N PHE A 844 -22.23 33.53 -23.61
CA PHE A 844 -21.62 33.45 -22.29
C PHE A 844 -22.46 32.76 -21.21
N GLN A 845 -23.68 32.30 -21.48
CA GLN A 845 -24.36 31.54 -20.43
C GLN A 845 -23.82 30.12 -20.32
N VAL A 846 -23.40 29.53 -21.43
CA VAL A 846 -22.95 28.15 -21.45
C VAL A 846 -21.59 28.06 -20.77
N GLY A 847 -21.51 27.24 -19.72
CA GLY A 847 -20.25 27.09 -19.00
C GLY A 847 -19.15 26.49 -19.86
N TRP A 848 -19.50 25.54 -20.73
CA TRP A 848 -18.51 24.98 -21.64
C TRP A 848 -17.94 26.06 -22.56
N ASN A 849 -18.80 26.98 -23.02
CA ASN A 849 -18.33 28.06 -23.88
C ASN A 849 -17.39 28.99 -23.13
N ILE A 850 -17.70 29.28 -21.86
CA ILE A 850 -16.81 30.10 -21.04
C ILE A 850 -15.46 29.42 -20.88
N PHE A 851 -15.47 28.12 -20.61
CA PHE A 851 -14.23 27.37 -20.44
C PHE A 851 -13.41 27.39 -21.73
N ASP A 852 -14.07 27.19 -22.87
CA ASP A 852 -13.37 27.20 -24.15
C ASP A 852 -12.78 28.58 -24.42
N SER A 853 -13.53 29.64 -24.16
CA SER A 853 -13.01 30.99 -24.38
C SER A 853 -11.82 31.27 -23.47
N LEU A 854 -11.89 30.85 -22.20
CA LEU A 854 -10.77 31.05 -21.30
C LEU A 854 -9.53 30.32 -21.77
N ILE A 855 -9.70 29.08 -22.24
CA ILE A 855 -8.56 28.32 -22.76
C ILE A 855 -7.98 29.00 -23.98
N VAL A 856 -8.84 29.55 -24.85
CA VAL A 856 -8.36 30.25 -26.04
C VAL A 856 -7.55 31.48 -25.66
N THR A 857 -8.04 32.28 -24.71
CA THR A 857 -7.28 33.45 -24.28
C THR A 857 -5.96 33.05 -23.64
N LEU A 858 -5.95 31.97 -22.85
CA LEU A 858 -4.68 31.51 -22.29
C LEU A 858 -3.70 31.08 -23.37
N SER A 859 -4.19 30.37 -24.39
CA SER A 859 -3.32 29.96 -25.49
C SER A 859 -2.77 31.16 -26.25
N LEU A 860 -3.62 32.17 -26.48
CA LEU A 860 -3.15 33.38 -27.15
C LEU A 860 -2.10 34.12 -26.30
N VAL A 861 -2.32 34.18 -24.99
CA VAL A 861 -1.34 34.82 -24.10
C VAL A 861 -0.01 34.08 -24.17
N GLU A 862 -0.05 32.75 -24.15
CA GLU A 862 1.17 31.98 -24.30
C GLU A 862 1.83 32.23 -25.66
N LEU A 863 1.02 32.37 -26.72
CA LEU A 863 1.57 32.64 -28.04
C LEU A 863 2.30 33.99 -28.08
N PHE A 864 1.72 35.01 -27.44
CA PHE A 864 2.38 36.31 -27.41
C PHE A 864 3.71 36.25 -26.66
N LEU A 865 3.74 35.52 -25.55
CA LEU A 865 4.97 35.38 -24.77
C LEU A 865 6.00 34.55 -25.52
N LEU A 871 5.55 30.95 -20.10
CA LEU A 871 6.22 29.97 -19.25
C LEU A 871 5.98 28.56 -19.77
N SER A 872 6.50 27.57 -19.04
CA SER A 872 6.34 26.18 -19.41
C SER A 872 5.05 25.56 -18.91
N VAL A 873 4.55 26.00 -17.75
CA VAL A 873 3.28 25.49 -17.24
C VAL A 873 2.12 25.96 -18.09
N LEU A 874 2.20 27.17 -18.66
CA LEU A 874 1.08 27.70 -19.43
C LEU A 874 0.83 26.90 -20.71
N ARG A 875 1.87 26.29 -21.28
CA ARG A 875 1.70 25.48 -22.49
C ARG A 875 0.88 24.23 -22.22
N SER A 876 0.77 23.79 -20.97
CA SER A 876 0.04 22.58 -20.62
C SER A 876 -1.40 22.85 -20.22
N PHE A 877 -1.87 24.09 -20.30
CA PHE A 877 -3.26 24.39 -20.02
C PHE A 877 -4.18 24.05 -21.18
N ARG A 878 -3.63 23.71 -22.35
CA ARG A 878 -4.44 23.30 -23.48
C ARG A 878 -5.02 21.89 -23.28
N LEU A 879 -4.39 21.08 -22.43
CA LEU A 879 -4.84 19.71 -22.23
C LEU A 879 -6.19 19.63 -21.52
N LEU A 880 -6.63 20.73 -20.91
CA LEU A 880 -7.93 20.73 -20.24
C LEU A 880 -9.08 20.60 -21.23
N ARG A 881 -8.83 20.86 -22.52
CA ARG A 881 -9.84 20.68 -23.55
C ARG A 881 -10.29 19.23 -23.69
N VAL A 882 -9.51 18.27 -23.17
CA VAL A 882 -9.87 16.86 -23.27
C VAL A 882 -11.19 16.60 -22.56
N PHE A 883 -11.48 17.35 -21.50
CA PHE A 883 -12.71 17.18 -20.74
C PHE A 883 -13.96 17.50 -21.55
N LYS A 884 -13.82 18.16 -22.70
CA LYS A 884 -14.96 18.39 -23.58
C LYS A 884 -15.58 17.09 -24.05
N LEU A 885 -14.82 16.01 -24.10
CA LEU A 885 -15.34 14.70 -24.49
C LEU A 885 -16.36 14.14 -23.51
N ALA A 886 -16.47 14.72 -22.31
CA ALA A 886 -17.40 14.21 -21.31
C ALA A 886 -18.85 14.38 -21.73
N LYS A 887 -19.14 15.28 -22.68
CA LYS A 887 -20.51 15.41 -23.17
C LYS A 887 -20.97 14.12 -23.84
N SER A 888 -20.05 13.40 -24.48
CA SER A 888 -20.36 12.13 -25.12
C SER A 888 -19.81 10.92 -24.36
N TRP A 889 -18.93 11.14 -23.39
CA TRP A 889 -18.37 10.05 -22.61
C TRP A 889 -19.03 10.02 -21.24
N PRO A 890 -19.86 9.02 -20.93
CA PRO A 890 -20.62 9.05 -19.68
C PRO A 890 -19.77 8.83 -18.45
N THR A 891 -18.75 7.99 -18.54
CA THR A 891 -17.92 7.69 -17.38
C THR A 891 -17.02 8.85 -16.99
N LEU A 892 -16.48 9.59 -17.96
CA LEU A 892 -15.70 10.79 -17.65
C LEU A 892 -16.57 11.85 -16.97
N ASN A 893 -17.84 11.93 -17.36
CA ASN A 893 -18.75 12.86 -16.70
C ASN A 893 -18.94 12.50 -15.24
N MET A 894 -18.83 11.22 -14.89
CA MET A 894 -18.88 10.83 -13.48
C MET A 894 -17.69 11.40 -12.70
N LEU A 895 -16.51 11.35 -13.31
CA LEU A 895 -15.33 11.94 -12.67
C LEU A 895 -15.48 13.46 -12.52
N ILE A 896 -16.00 14.11 -13.55
CA ILE A 896 -16.23 15.55 -13.46
C ILE A 896 -17.25 15.87 -12.37
N LYS A 897 -18.29 15.02 -12.25
CA LYS A 897 -19.28 15.22 -11.20
C LYS A 897 -18.67 15.04 -9.82
N ILE A 898 -17.79 14.06 -9.65
CA ILE A 898 -17.11 13.86 -8.36
C ILE A 898 -16.27 15.09 -8.01
N ILE A 899 -15.50 15.58 -8.99
CA ILE A 899 -14.67 16.76 -8.75
C ILE A 899 -15.53 17.97 -8.41
N GLY A 900 -16.66 18.13 -9.09
CA GLY A 900 -17.55 19.24 -8.79
C GLY A 900 -18.19 19.13 -7.42
N ASN A 901 -18.57 17.92 -7.02
CA ASN A 901 -19.11 17.73 -5.68
C ASN A 901 -18.07 17.96 -4.61
N SER A 902 -16.79 17.73 -4.92
CA SER A 902 -15.74 18.00 -3.95
C SER A 902 -15.73 19.46 -3.50
N VAL A 903 -16.12 20.38 -4.38
CA VAL A 903 -16.21 21.80 -4.06
C VAL A 903 -17.64 22.31 -4.16
N GLY A 904 -18.62 21.42 -4.28
CA GLY A 904 -20.01 21.83 -4.41
C GLY A 904 -20.83 21.50 -3.19
N ALA A 905 -21.59 20.41 -3.26
CA ALA A 905 -22.41 20.00 -2.13
C ALA A 905 -21.58 19.62 -0.91
N LEU A 906 -20.32 19.25 -1.11
CA LEU A 906 -19.44 18.86 -0.02
C LEU A 906 -18.30 19.87 0.16
N GLY A 907 -18.54 21.13 -0.18
CA GLY A 907 -17.51 22.15 -0.04
C GLY A 907 -17.12 22.40 1.41
N ASN A 908 -18.08 22.30 2.32
CA ASN A 908 -17.79 22.56 3.73
C ASN A 908 -16.83 21.53 4.30
N LEU A 909 -16.99 20.24 3.94
CA LEU A 909 -16.08 19.22 4.43
C LEU A 909 -14.67 19.43 3.89
N THR A 910 -14.55 19.80 2.61
CA THR A 910 -13.24 20.08 2.03
C THR A 910 -12.60 21.29 2.71
N LEU A 911 -13.40 22.32 3.00
CA LEU A 911 -12.87 23.49 3.69
C LEU A 911 -12.40 23.15 5.10
N VAL A 912 -13.15 22.28 5.79
CA VAL A 912 -12.74 21.84 7.11
C VAL A 912 -11.43 21.06 7.03
N LEU A 913 -11.29 20.19 6.04
CA LEU A 913 -10.04 19.45 5.85
C LEU A 913 -8.87 20.41 5.59
N ALA A 914 -9.09 21.42 4.76
CA ALA A 914 -8.04 22.39 4.47
C ALA A 914 -7.65 23.15 5.73
N ILE A 915 -8.64 23.55 6.54
CA ILE A 915 -8.35 24.25 7.78
C ILE A 915 -7.54 23.37 8.72
N ILE A 916 -7.92 22.09 8.84
CA ILE A 916 -7.20 21.17 9.71
C ILE A 916 -5.75 21.01 9.24
N VAL A 917 -5.55 20.86 7.93
CA VAL A 917 -4.20 20.71 7.40
C VAL A 917 -3.38 21.97 7.69
N PHE A 918 -3.97 23.15 7.48
CA PHE A 918 -3.25 24.39 7.75
C PHE A 918 -2.87 24.51 9.22
N ILE A 919 -3.81 24.18 10.11
CA ILE A 919 -3.54 24.25 11.54
C ILE A 919 -2.43 23.30 11.94
N PHE A 920 -2.47 22.07 11.42
CA PHE A 920 -1.43 21.11 11.76
C PHE A 920 -0.07 21.59 11.25
N ALA A 921 -0.03 22.13 10.03
CA ALA A 921 1.24 22.61 9.47
C ALA A 921 1.81 23.73 10.33
N VAL A 922 0.99 24.72 10.68
CA VAL A 922 1.52 25.86 11.44
C VAL A 922 1.90 25.44 12.86
N VAL A 923 1.12 24.53 13.45
CA VAL A 923 1.45 24.05 14.80
C VAL A 923 2.79 23.32 14.79
N GLY A 924 2.99 22.44 13.81
CA GLY A 924 4.25 21.75 13.70
C GLY A 924 5.41 22.69 13.47
N MET A 925 5.23 23.68 12.60
CA MET A 925 6.29 24.64 12.34
C MET A 925 6.63 25.44 13.59
N GLN A 926 5.62 25.86 14.35
CA GLN A 926 5.88 26.58 15.59
C GLN A 926 6.60 25.71 16.61
N LEU A 927 6.18 24.45 16.75
CA LEU A 927 6.75 23.60 17.79
C LEU A 927 8.19 23.21 17.47
N PHE A 928 8.45 22.78 16.23
CA PHE A 928 9.74 22.18 15.90
C PHE A 928 10.53 22.95 14.85
N GLY A 929 10.18 24.21 14.59
CA GLY A 929 10.91 24.96 13.59
C GLY A 929 12.33 25.27 14.00
N LYS A 930 12.51 25.74 15.24
CA LYS A 930 13.85 26.07 15.72
C LYS A 930 14.65 24.84 16.10
N SER A 931 13.97 23.77 16.53
CA SER A 931 14.68 22.54 16.90
C SER A 931 15.34 21.91 15.69
N TYR A 932 14.69 21.97 14.52
CA TYR A 932 15.29 21.42 13.32
C TYR A 932 16.56 22.17 12.92
N LYS A 933 16.73 23.39 13.42
CA LYS A 933 17.90 24.18 13.07
C LYS A 933 19.01 24.09 14.12
N GLU A 934 18.65 24.22 15.40
CA GLU A 934 19.67 24.11 16.45
C GLU A 934 20.23 22.69 16.54
N CYS A 935 19.37 21.69 16.43
CA CYS A 935 19.78 20.28 16.52
C CYS A 935 19.90 19.64 15.13
N VAL A 936 20.36 20.40 14.14
CA VAL A 936 20.41 19.89 12.77
C VAL A 936 21.50 18.84 12.62
N CYS A 937 22.61 18.97 13.35
CA CYS A 937 23.72 18.03 13.20
C CYS A 937 23.38 16.63 13.72
N LYS A 938 22.31 16.48 14.49
CA LYS A 938 21.91 15.15 14.96
C LYS A 938 21.29 14.32 13.85
N ILE A 939 20.70 14.96 12.85
CA ILE A 939 19.96 14.27 11.79
C ILE A 939 20.62 14.44 10.43
N ASN A 940 21.80 15.07 10.37
CA ASN A 940 22.47 15.29 9.10
C ASN A 940 23.96 15.43 9.36
N ASP A 941 24.77 14.61 8.68
CA ASP A 941 26.22 14.66 8.87
C ASP A 941 26.78 16.00 8.40
N ASP A 942 26.29 16.50 7.27
CA ASP A 942 26.74 17.76 6.70
C ASP A 942 26.34 18.94 7.59
N CYS A 943 25.41 18.74 8.51
CA CYS A 943 24.85 19.80 9.36
C CYS A 943 24.08 20.82 8.53
N THR A 944 23.27 20.32 7.60
CA THR A 944 22.32 21.13 6.84
C THR A 944 20.93 20.53 7.00
N LEU A 945 19.92 21.37 6.84
CA LEU A 945 18.55 20.92 7.02
C LEU A 945 18.23 19.81 6.01
N PRO A 946 17.59 18.73 6.45
CA PRO A 946 17.32 17.62 5.53
C PRO A 946 16.25 17.97 4.50
N ARG A 947 15.90 17.01 3.65
CA ARG A 947 14.90 17.27 2.63
C ARG A 947 13.54 17.57 3.23
N TRP A 948 13.16 16.84 4.28
CA TRP A 948 11.88 17.02 4.95
C TRP A 948 12.13 17.58 6.34
N HIS A 949 11.56 18.73 6.63
CA HIS A 949 11.73 19.39 7.92
C HIS A 949 10.54 20.33 8.15
N MET A 950 10.55 20.99 9.31
CA MET A 950 9.47 21.89 9.69
C MET A 950 10.00 23.28 10.02
N ASN A 951 11.12 23.68 9.41
CA ASN A 951 11.70 24.98 9.70
C ASN A 951 10.82 26.12 9.20
N ASP A 952 10.21 25.95 8.04
CA ASP A 952 9.33 26.96 7.46
C ASP A 952 7.96 26.37 7.18
N PHE A 953 7.02 27.23 6.78
CA PHE A 953 5.64 26.79 6.60
C PHE A 953 5.50 25.79 5.46
N PHE A 954 6.17 26.03 4.34
CA PHE A 954 5.99 25.16 3.17
C PHE A 954 6.44 23.74 3.46
N HIS A 955 7.61 23.58 4.08
CA HIS A 955 8.11 22.23 4.35
C HIS A 955 7.30 21.54 5.43
N SER A 956 6.79 22.31 6.41
CA SER A 956 5.90 21.72 7.40
C SER A 956 4.61 21.22 6.75
N PHE A 957 4.05 22.00 5.82
CA PHE A 957 2.87 21.54 5.10
C PHE A 957 3.17 20.32 4.26
N LEU A 958 4.36 20.27 3.65
CA LEU A 958 4.76 19.09 2.90
C LEU A 958 4.84 17.86 3.81
N ILE A 959 5.37 18.03 5.02
CA ILE A 959 5.44 16.93 5.97
C ILE A 959 4.03 16.47 6.34
N VAL A 960 3.12 17.41 6.58
CA VAL A 960 1.74 17.03 6.93
C VAL A 960 1.08 16.28 5.79
N PHE A 961 1.27 16.76 4.56
CA PHE A 961 0.70 16.08 3.40
C PHE A 961 1.29 14.68 3.23
N ARG A 962 2.60 14.53 3.44
CA ARG A 962 3.23 13.22 3.35
C ARG A 962 2.67 12.28 4.41
N VAL A 963 2.45 12.79 5.62
CA VAL A 963 1.84 11.98 6.67
C VAL A 963 0.45 11.54 6.27
N LEU A 964 -0.33 12.45 5.69
CA LEU A 964 -1.68 12.09 5.23
C LEU A 964 -1.62 11.03 4.14
N CYS A 965 -0.57 11.06 3.31
CA CYS A 965 -0.39 10.01 2.31
C CYS A 965 -0.08 8.67 2.96
N GLY A 966 0.54 8.67 4.14
CA GLY A 966 0.78 7.44 4.87
C GLY A 966 2.22 7.18 5.23
N GLU A 967 3.06 8.21 5.17
CA GLU A 967 4.49 8.10 5.49
C GLU A 967 4.80 9.05 6.64
N TRP A 968 5.02 8.49 7.84
CA TRP A 968 5.25 9.30 9.03
C TRP A 968 6.41 8.83 9.89
N ILE A 969 6.88 7.58 9.75
CA ILE A 969 7.87 7.06 10.68
C ILE A 969 9.25 7.67 10.42
N GLU A 970 9.60 7.90 9.15
CA GLU A 970 10.91 8.45 8.84
C GLU A 970 11.02 9.90 9.31
N THR A 971 9.93 10.67 9.21
CA THR A 971 9.91 12.00 9.80
C THR A 971 9.75 11.93 11.31
N MET A 972 9.07 10.89 11.82
CA MET A 972 9.04 10.64 13.26
C MET A 972 10.44 10.57 13.83
N TRP A 973 11.34 9.85 13.17
CA TRP A 973 12.68 9.64 13.71
C TRP A 973 13.43 10.96 13.83
N ASP A 974 13.39 11.78 12.77
CA ASP A 974 14.05 13.08 12.80
C ASP A 974 13.43 14.00 13.85
N CYS A 975 12.10 14.02 13.95
CA CYS A 975 11.46 14.88 14.93
C CYS A 975 11.85 14.48 16.34
N MET A 976 11.82 13.17 16.64
CA MET A 976 12.19 12.73 17.97
C MET A 976 13.67 12.92 18.25
N GLU A 977 14.50 12.96 17.20
CA GLU A 977 15.91 13.23 17.41
C GLU A 977 16.14 14.71 17.74
N VAL A 978 15.40 15.61 17.11
CA VAL A 978 15.66 17.03 17.30
C VAL A 978 14.88 17.64 18.47
N ALA A 979 13.71 17.09 18.81
CA ALA A 979 12.82 17.77 19.75
C ALA A 979 12.20 16.86 20.80
N GLY A 980 12.67 15.64 20.95
CA GLY A 980 12.16 14.80 22.02
C GLY A 980 11.08 13.84 21.53
N GLN A 981 10.97 12.71 22.24
CA GLN A 981 10.06 11.65 21.81
C GLN A 981 8.60 12.03 22.07
N ALA A 982 8.32 12.57 23.25
CA ALA A 982 6.93 12.74 23.69
C ALA A 982 6.17 13.75 22.83
N MET A 983 6.76 14.93 22.63
CA MET A 983 6.06 15.97 21.88
C MET A 983 5.80 15.55 20.44
N CYS A 984 6.83 15.01 19.78
CA CYS A 984 6.66 14.58 18.40
C CYS A 984 5.68 13.42 18.28
N LEU A 985 5.73 12.47 19.23
CA LEU A 985 4.80 11.36 19.18
C LEU A 985 3.36 11.84 19.33
N ILE A 986 3.11 12.72 20.30
CA ILE A 986 1.75 13.24 20.51
C ILE A 986 1.27 13.98 19.28
N VAL A 987 2.11 14.88 18.75
CA VAL A 987 1.70 15.70 17.61
C VAL A 987 1.42 14.83 16.40
N TYR A 988 2.32 13.88 16.12
CA TYR A 988 2.14 13.04 14.94
C TYR A 988 0.93 12.13 15.06
N MET A 989 0.69 11.56 16.23
CA MET A 989 -0.50 10.72 16.41
C MET A 989 -1.78 11.52 16.27
N MET A 990 -1.83 12.73 16.84
CA MET A 990 -3.01 13.57 16.66
C MET A 990 -3.22 13.91 15.19
N VAL A 991 -2.14 14.25 14.48
CA VAL A 991 -2.25 14.57 13.06
C VAL A 991 -2.79 13.38 12.29
N MET A 992 -2.24 12.18 12.53
CA MET A 992 -2.72 11.00 11.83
C MET A 992 -4.19 10.76 12.11
N VAL A 993 -4.58 10.75 13.38
CA VAL A 993 -5.95 10.39 13.72
C VAL A 993 -6.93 11.38 13.10
N ILE A 994 -6.73 12.68 13.35
CA ILE A 994 -7.69 13.67 12.86
C ILE A 994 -7.70 13.72 11.34
N GLY A 995 -6.51 13.76 10.73
CA GLY A 995 -6.45 13.88 9.28
C GLY A 995 -7.02 12.68 8.56
N ASN A 996 -6.69 11.47 9.01
CA ASN A 996 -7.27 10.29 8.37
C ASN A 996 -8.77 10.22 8.58
N LEU A 997 -9.25 10.60 9.75
CA LEU A 997 -10.70 10.59 9.97
C LEU A 997 -11.40 11.54 8.99
N VAL A 998 -10.86 12.76 8.85
CA VAL A 998 -11.49 13.73 7.96
C VAL A 998 -11.38 13.28 6.50
N VAL A 999 -10.23 12.74 6.10
CA VAL A 999 -10.05 12.30 4.71
C VAL A 999 -10.99 11.14 4.41
N LEU A 1000 -11.14 10.20 5.34
CA LEU A 1000 -12.05 9.08 5.13
C LEU A 1000 -13.49 9.55 5.04
N ASN A 1001 -13.89 10.48 5.92
CA ASN A 1001 -15.26 11.00 5.84
C ASN A 1001 -15.51 11.69 4.51
N LEU A 1002 -14.56 12.49 4.04
CA LEU A 1002 -14.70 13.14 2.74
C LEU A 1002 -14.78 12.12 1.62
N PHE A 1003 -13.96 11.06 1.70
CA PHE A 1003 -13.96 10.05 0.65
C PHE A 1003 -15.30 9.35 0.56
N LEU A 1004 -15.86 8.93 1.70
CA LEU A 1004 -17.16 8.27 1.68
C LEU A 1004 -18.27 9.24 1.28
N ALA A 1005 -18.17 10.50 1.71
CA ALA A 1005 -19.17 11.50 1.31
C ALA A 1005 -19.21 11.63 -0.20
N LEU A 1006 -18.06 11.83 -0.83
CA LEU A 1006 -18.00 11.94 -2.29
C LEU A 1006 -18.50 10.65 -2.93
N LEU A 1007 -18.05 9.51 -2.41
CA LEU A 1007 -18.40 8.22 -3.00
C LEU A 1007 -19.90 8.01 -3.03
N LEU A 1008 -20.56 8.16 -1.89
CA LEU A 1008 -22.00 7.92 -1.83
C LEU A 1008 -22.80 9.02 -2.53
N SER A 1009 -22.36 10.29 -2.46
CA SER A 1009 -23.07 11.34 -3.15
C SER A 1009 -23.10 11.10 -4.65
N SER A 1010 -21.93 10.88 -5.26
CA SER A 1010 -21.89 10.59 -6.69
C SER A 1010 -22.43 9.21 -7.02
N PHE A 1011 -22.49 8.33 -6.02
CA PHE A 1011 -23.01 6.97 -6.20
C PHE A 1011 -24.53 6.98 -6.38
N SER A 1012 -25.23 7.72 -5.52
CA SER A 1012 -26.68 7.67 -5.50
C SER A 1012 -27.35 9.00 -5.77
N SER A 1013 -26.92 10.08 -5.10
CA SER A 1013 -27.67 11.34 -5.17
C SER A 1013 -27.56 11.98 -6.55
N ASP A 1014 -26.38 11.90 -7.17
CA ASP A 1014 -26.19 12.56 -8.46
C ASP A 1014 -26.91 11.82 -9.58
N ASN A 1015 -26.88 10.49 -9.56
CA ASN A 1015 -27.47 9.68 -10.63
C ASN A 1015 -28.88 9.27 -10.21
N LEU A 1016 -29.88 9.82 -10.91
CA LEU A 1016 -31.27 9.46 -10.66
C LEU A 1016 -32.06 9.27 -11.95
N THR A 1017 -31.41 9.32 -13.11
CA THR A 1017 -32.06 9.19 -14.42
C THR A 1017 -33.20 10.18 -14.57
N ALA A 1018 -32.98 11.41 -14.11
CA ALA A 1018 -34.00 12.45 -14.24
C ALA A 1018 -34.28 12.77 -15.70
N ILE A 1019 -33.22 12.86 -16.51
CA ILE A 1019 -33.36 13.15 -17.93
C ILE A 1019 -33.02 11.88 -18.72
N GLU A 1020 -33.32 11.88 -20.01
CA GLU A 1020 -33.05 10.70 -20.88
C GLU A 1020 -31.56 10.64 -21.21
N GLU A 1021 -31.14 9.73 -22.09
CA GLU A 1021 -29.72 9.64 -22.53
C GLU A 1021 -29.51 10.75 -23.57
N ASP A 1022 -28.90 11.87 -23.19
CA ASP A 1022 -28.74 13.03 -24.10
C ASP A 1022 -30.14 13.50 -24.51
N PRO A 1023 -30.96 14.05 -23.60
CA PRO A 1023 -32.33 14.44 -23.92
C PRO A 1023 -32.32 15.20 -25.25
N ASP A 1024 -31.39 16.15 -25.42
CA ASP A 1024 -31.22 16.87 -26.71
C ASP A 1024 -30.33 15.98 -27.59
N ALA A 1025 -30.73 15.70 -28.83
CA ALA A 1025 -29.99 14.79 -29.68
C ALA A 1025 -28.52 15.15 -29.72
N ASN A 1026 -27.69 14.26 -29.17
CA ASN A 1026 -26.26 14.53 -29.09
C ASN A 1026 -25.67 14.61 -30.49
N ASN A 1027 -24.72 15.54 -30.66
CA ASN A 1027 -24.10 15.74 -31.97
C ASN A 1027 -23.38 14.48 -32.43
N LEU A 1028 -22.70 13.78 -31.51
CA LEU A 1028 -22.08 12.52 -31.86
C LEU A 1028 -23.12 11.49 -32.29
N GLN A 1029 -24.26 11.45 -31.61
CA GLN A 1029 -25.33 10.52 -31.98
C GLN A 1029 -25.91 10.87 -33.35
N ILE A 1030 -26.07 12.17 -33.63
CA ILE A 1030 -26.54 12.58 -34.96
C ILE A 1030 -25.56 12.17 -36.03
N ALA A 1031 -24.26 12.36 -35.76
CA ALA A 1031 -23.24 11.94 -36.72
C ALA A 1031 -23.26 10.43 -36.92
N VAL A 1032 -23.46 9.68 -35.84
CA VAL A 1032 -23.53 8.22 -35.95
C VAL A 1032 -24.72 7.79 -36.78
N THR A 1033 -25.87 8.43 -36.58
CA THR A 1033 -27.06 8.11 -37.37
C THR A 1033 -26.84 8.46 -38.84
N ARG A 1034 -26.23 9.61 -39.10
CA ARG A 1034 -25.94 9.99 -40.48
C ARG A 1034 -24.98 9.01 -41.14
N ILE A 1035 -23.98 8.54 -40.40
CA ILE A 1035 -23.05 7.55 -40.93
C ILE A 1035 -23.77 6.23 -41.19
N LYS A 1036 -24.65 5.82 -40.28
CA LYS A 1036 -25.41 4.59 -40.48
C LYS A 1036 -26.26 4.67 -41.74
N LYS A 1037 -26.88 5.82 -41.98
CA LYS A 1037 -27.62 6.00 -43.23
C LYS A 1037 -26.69 5.93 -44.43
N GLY A 1038 -25.62 6.74 -44.42
CA GLY A 1038 -24.82 6.93 -45.61
C GLY A 1038 -24.04 5.69 -46.02
N ILE A 1039 -23.32 5.09 -45.07
CA ILE A 1039 -22.49 3.94 -45.38
C ILE A 1039 -23.37 2.77 -45.86
N ASN A 1040 -24.48 2.53 -45.15
CA ASN A 1040 -25.36 1.43 -45.54
C ASN A 1040 -25.97 1.68 -46.91
N TYR A 1041 -26.40 2.92 -47.18
CA TYR A 1041 -26.99 3.22 -48.49
C TYR A 1041 -25.97 3.06 -49.61
N VAL A 1042 -24.73 3.54 -49.39
CA VAL A 1042 -23.70 3.42 -50.41
C VAL A 1042 -23.36 1.96 -50.65
N LYS A 1043 -23.25 1.16 -49.59
CA LYS A 1043 -22.94 -0.25 -49.76
C LYS A 1043 -24.07 -0.98 -50.48
N GLN A 1044 -25.33 -0.64 -50.17
CA GLN A 1044 -26.45 -1.26 -50.86
C GLN A 1044 -26.46 -0.88 -52.34
N THR A 1045 -26.17 0.38 -52.65
CA THR A 1045 -26.12 0.80 -54.05
C THR A 1045 -24.97 0.10 -54.78
N LEU A 1046 -23.84 -0.08 -54.11
CA LEU A 1046 -22.72 -0.79 -54.73
C LEU A 1046 -23.09 -2.25 -54.99
N ARG A 1047 -23.78 -2.89 -54.05
CA ARG A 1047 -24.24 -4.26 -54.26
C ARG A 1047 -25.21 -4.33 -55.44
N GLU A 1048 -26.13 -3.37 -55.53
CA GLU A 1048 -27.07 -3.35 -56.66
C GLU A 1048 -26.33 -3.16 -57.98
N PHE A 1049 -25.33 -2.27 -58.00
CA PHE A 1049 -24.55 -2.06 -59.22
C PHE A 1049 -23.80 -3.32 -59.62
N ILE A 1050 -23.23 -4.02 -58.64
CA ILE A 1050 -22.53 -5.28 -58.92
C ILE A 1050 -23.50 -6.30 -59.49
N LEU A 1051 -24.70 -6.40 -58.90
CA LEU A 1051 -25.69 -7.34 -59.41
C LEU A 1051 -26.11 -6.99 -60.83
N LYS A 1052 -26.28 -5.68 -61.12
CA LYS A 1052 -26.61 -5.27 -62.48
C LYS A 1052 -25.49 -5.62 -63.46
N ALA A 1053 -24.24 -5.42 -63.05
CA ALA A 1053 -23.12 -5.73 -63.93
C ALA A 1053 -23.06 -7.22 -64.24
N PHE A 1054 -23.28 -8.07 -63.24
CA PHE A 1054 -23.26 -9.51 -63.44
C PHE A 1054 -24.67 -10.07 -63.60
N GLY A 1215 -21.24 -47.20 -37.35
CA GLY A 1215 -20.82 -46.15 -36.41
C GLY A 1215 -21.32 -46.43 -35.00
N LYS A 1216 -22.11 -47.49 -34.81
CA LYS A 1216 -22.66 -47.87 -33.47
C LYS A 1216 -21.49 -48.15 -32.51
N ILE A 1217 -20.48 -48.90 -32.96
CA ILE A 1217 -19.30 -49.26 -32.11
C ILE A 1217 -18.54 -47.97 -31.80
N TRP A 1218 -18.44 -47.03 -32.74
CA TRP A 1218 -17.76 -45.73 -32.52
C TRP A 1218 -18.52 -44.95 -31.45
N TRP A 1219 -19.86 -44.97 -31.49
CA TRP A 1219 -20.71 -44.25 -30.52
C TRP A 1219 -20.46 -44.83 -29.12
N ASN A 1220 -20.38 -46.16 -29.00
CA ASN A 1220 -20.05 -46.83 -27.74
C ASN A 1220 -18.68 -46.40 -27.23
N ILE A 1221 -17.71 -46.24 -28.13
CA ILE A 1221 -16.40 -45.74 -27.74
C ILE A 1221 -16.51 -44.34 -27.13
N ARG A 1222 -17.30 -43.49 -27.80
CA ARG A 1222 -17.54 -42.11 -27.31
C ARG A 1222 -18.24 -42.22 -25.97
N LYS A 1223 -19.13 -43.21 -25.80
CA LYS A 1223 -19.83 -43.45 -24.52
C LYS A 1223 -18.79 -43.85 -23.48
N THR A 1224 -17.86 -44.73 -23.82
CA THR A 1224 -16.82 -45.24 -22.89
C THR A 1224 -15.91 -44.10 -22.40
N CYS A 1225 -15.46 -43.23 -23.31
CA CYS A 1225 -14.54 -42.15 -22.96
C CYS A 1225 -15.24 -41.08 -22.14
N TYR A 1226 -16.53 -40.86 -22.39
CA TYR A 1226 -17.31 -39.95 -21.55
C TYR A 1226 -17.38 -40.46 -20.11
N LYS A 1227 -17.64 -41.76 -19.94
CA LYS A 1227 -17.71 -42.34 -18.59
C LYS A 1227 -16.37 -42.21 -17.88
N ILE A 1228 -15.27 -42.44 -18.61
CA ILE A 1228 -13.95 -42.36 -17.99
C ILE A 1228 -13.62 -40.93 -17.60
N VAL A 1229 -13.90 -39.97 -18.48
CA VAL A 1229 -13.48 -38.59 -18.25
C VAL A 1229 -14.20 -37.99 -17.04
N GLU A 1230 -15.51 -38.21 -16.93
CA GLU A 1230 -16.30 -37.56 -15.89
C GLU A 1230 -16.23 -38.24 -14.54
N HIS A 1231 -15.54 -39.36 -14.40
CA HIS A 1231 -15.51 -40.01 -13.11
C HIS A 1231 -14.64 -39.22 -12.13
N SER A 1232 -14.91 -39.42 -10.83
CA SER A 1232 -14.20 -38.69 -9.79
C SER A 1232 -12.74 -39.12 -9.68
N TRP A 1233 -12.46 -40.40 -9.94
CA TRP A 1233 -11.07 -40.88 -9.86
C TRP A 1233 -10.20 -40.21 -10.91
N PHE A 1234 -10.74 -40.00 -12.12
CA PHE A 1234 -10.01 -39.28 -13.15
C PHE A 1234 -9.70 -37.86 -12.69
N GLU A 1235 -10.69 -37.18 -12.10
CA GLU A 1235 -10.47 -35.82 -11.60
C GLU A 1235 -9.39 -35.80 -10.53
N SER A 1236 -9.44 -36.73 -9.59
CA SER A 1236 -8.44 -36.76 -8.52
C SER A 1236 -7.05 -37.02 -9.07
N PHE A 1237 -6.93 -37.98 -10.00
CA PHE A 1237 -5.64 -38.29 -10.58
C PHE A 1237 -5.06 -37.09 -11.32
N ILE A 1238 -5.89 -36.42 -12.11
CA ILE A 1238 -5.41 -35.28 -12.89
C ILE A 1238 -5.05 -34.12 -11.98
N VAL A 1239 -5.82 -33.89 -10.92
CA VAL A 1239 -5.48 -32.84 -9.97
C VAL A 1239 -4.14 -33.13 -9.30
N LEU A 1240 -3.92 -34.40 -8.92
CA LEU A 1240 -2.65 -34.77 -8.32
C LEU A 1240 -1.48 -34.57 -9.29
N MET A 1241 -1.67 -34.95 -10.55
CA MET A 1241 -0.61 -34.74 -11.54
C MET A 1241 -0.35 -33.26 -11.78
N ILE A 1242 -1.41 -32.44 -11.80
CA ILE A 1242 -1.22 -30.99 -11.95
C ILE A 1242 -0.43 -30.43 -10.78
N LEU A 1243 -0.76 -30.86 -9.56
CA LEU A 1243 -0.03 -30.40 -8.38
C LEU A 1243 1.44 -30.80 -8.44
N LEU A 1244 1.71 -32.05 -8.83
CA LEU A 1244 3.09 -32.52 -8.93
C LEU A 1244 3.86 -31.74 -10.00
N SER A 1245 3.23 -31.52 -11.15
CA SER A 1245 3.90 -30.79 -12.23
C SER A 1245 4.18 -29.35 -11.83
N SER A 1246 3.23 -28.70 -11.14
CA SER A 1246 3.45 -27.34 -10.68
C SER A 1246 4.55 -27.28 -9.62
N GLY A 1247 4.57 -28.24 -8.70
CA GLY A 1247 5.59 -28.25 -7.66
C GLY A 1247 6.96 -28.60 -8.16
N ALA A 1248 7.05 -29.32 -9.29
CA ALA A 1248 8.35 -29.64 -9.86
C ALA A 1248 9.09 -28.41 -10.36
N LEU A 1249 8.38 -27.31 -10.61
CA LEU A 1249 9.00 -26.09 -11.12
C LEU A 1249 9.80 -25.35 -10.05
N ALA A 1250 9.43 -25.49 -8.78
CA ALA A 1250 10.10 -24.76 -7.71
C ALA A 1250 11.53 -25.21 -7.49
N PHE A 1251 11.92 -26.38 -7.98
CA PHE A 1251 13.25 -26.92 -7.76
C PHE A 1251 14.29 -26.34 -8.70
N GLU A 1252 13.88 -25.68 -9.78
CA GLU A 1252 14.81 -25.19 -10.80
C GLU A 1252 15.31 -23.79 -10.46
N ASP A 1253 16.09 -23.72 -9.39
CA ASP A 1253 16.73 -22.48 -8.96
C ASP A 1253 18.19 -22.49 -9.37
N ILE A 1254 18.96 -21.50 -8.90
CA ILE A 1254 20.36 -21.38 -9.26
C ILE A 1254 21.22 -22.47 -8.62
N TYR A 1255 20.67 -23.24 -7.69
CA TYR A 1255 21.37 -24.34 -7.05
C TYR A 1255 21.05 -25.69 -7.69
N ILE A 1256 20.45 -25.70 -8.88
CA ILE A 1256 20.06 -26.95 -9.52
C ILE A 1256 21.27 -27.78 -9.92
N GLU A 1257 22.44 -27.17 -10.09
CA GLU A 1257 23.64 -27.88 -10.49
C GLU A 1257 24.30 -28.62 -9.34
N ARG A 1258 23.84 -28.41 -8.11
CA ARG A 1258 24.30 -29.20 -6.96
C ARG A 1258 23.43 -30.42 -6.72
N LYS A 1259 22.39 -30.62 -7.52
CA LYS A 1259 21.38 -31.64 -7.33
C LYS A 1259 21.15 -32.41 -8.63
N LYS A 1260 22.24 -32.93 -9.20
CA LYS A 1260 22.17 -33.61 -10.50
C LYS A 1260 21.09 -34.68 -10.53
N THR A 1261 21.02 -35.51 -9.48
CA THR A 1261 20.02 -36.58 -9.45
C THR A 1261 18.60 -36.00 -9.51
N ILE A 1262 18.33 -35.00 -8.69
CA ILE A 1262 17.00 -34.37 -8.71
C ILE A 1262 16.73 -33.74 -10.07
N LYS A 1263 17.75 -33.15 -10.71
CA LYS A 1263 17.55 -32.55 -12.01
C LYS A 1263 17.16 -33.59 -13.06
N ILE A 1264 17.84 -34.73 -13.05
CA ILE A 1264 17.52 -35.79 -14.02
C ILE A 1264 16.13 -36.34 -13.77
N ILE A 1265 15.79 -36.57 -12.50
CA ILE A 1265 14.45 -37.03 -12.16
C ILE A 1265 13.41 -36.03 -12.63
N LEU A 1266 13.70 -34.73 -12.50
CA LEU A 1266 12.76 -33.71 -12.94
C LEU A 1266 12.56 -33.74 -14.44
N GLU A 1267 13.64 -33.92 -15.21
CA GLU A 1267 13.49 -34.00 -16.67
C GLU A 1267 12.61 -35.18 -17.07
N TYR A 1268 12.88 -36.35 -16.49
CA TYR A 1268 12.08 -37.52 -16.85
C TYR A 1268 10.64 -37.37 -16.37
N ALA A 1269 10.42 -36.75 -15.21
CA ALA A 1269 9.07 -36.51 -14.72
C ALA A 1269 8.32 -35.54 -15.64
N ASP A 1270 9.02 -34.54 -16.18
CA ASP A 1270 8.38 -33.63 -17.12
C ASP A 1270 7.96 -34.36 -18.38
N LYS A 1271 8.80 -35.29 -18.86
CA LYS A 1271 8.41 -36.11 -19.99
C LYS A 1271 7.15 -36.91 -19.67
N ILE A 1272 7.10 -37.51 -18.48
CA ILE A 1272 5.95 -38.31 -18.07
C ILE A 1272 4.69 -37.44 -18.03
N PHE A 1273 4.81 -36.23 -17.46
CA PHE A 1273 3.66 -35.34 -17.37
C PHE A 1273 3.17 -34.93 -18.76
N THR A 1274 4.10 -34.67 -19.69
CA THR A 1274 3.68 -34.37 -21.05
C THR A 1274 2.89 -35.51 -21.65
N TYR A 1275 3.35 -36.75 -21.45
CA TYR A 1275 2.62 -37.90 -21.96
C TYR A 1275 1.22 -37.99 -21.34
N ILE A 1276 1.13 -37.80 -20.03
CA ILE A 1276 -0.15 -37.94 -19.33
C ILE A 1276 -1.13 -36.88 -19.83
N PHE A 1277 -0.67 -35.65 -20.03
CA PHE A 1277 -1.58 -34.61 -20.47
C PHE A 1277 -1.94 -34.74 -21.95
N ILE A 1278 -1.05 -35.32 -22.76
CA ILE A 1278 -1.44 -35.69 -24.13
C ILE A 1278 -2.58 -36.69 -24.09
N LEU A 1279 -2.47 -37.70 -23.20
CA LEU A 1279 -3.52 -38.69 -23.08
C LEU A 1279 -4.83 -38.08 -22.61
N GLU A 1280 -4.76 -37.17 -21.64
CA GLU A 1280 -5.96 -36.46 -21.18
C GLU A 1280 -6.61 -35.68 -22.32
N MET A 1281 -5.80 -34.97 -23.10
CA MET A 1281 -6.34 -34.19 -24.21
C MET A 1281 -7.00 -35.08 -25.24
N LEU A 1282 -6.39 -36.23 -25.55
CA LEU A 1282 -7.01 -37.16 -26.49
C LEU A 1282 -8.33 -37.71 -25.96
N LEU A 1283 -8.36 -38.09 -24.68
CA LEU A 1283 -9.59 -38.61 -24.10
C LEU A 1283 -10.69 -37.55 -24.11
N LYS A 1284 -10.35 -36.31 -23.78
CA LYS A 1284 -11.35 -35.24 -23.81
C LYS A 1284 -11.84 -34.98 -25.23
N TRP A 1285 -10.95 -35.03 -26.21
CA TRP A 1285 -11.37 -34.86 -27.60
C TRP A 1285 -12.35 -35.95 -28.01
N ILE A 1286 -12.07 -37.20 -27.60
CA ILE A 1286 -12.95 -38.29 -28.01
C ILE A 1286 -14.29 -38.20 -27.29
N ALA A 1287 -14.27 -37.87 -25.99
CA ALA A 1287 -15.52 -37.87 -25.22
C ALA A 1287 -16.41 -36.69 -25.59
N TYR A 1288 -15.85 -35.49 -25.68
CA TYR A 1288 -16.67 -34.30 -25.88
C TYR A 1288 -16.91 -33.99 -27.35
N GLY A 1289 -15.91 -34.20 -28.20
CA GLY A 1289 -16.02 -33.72 -29.56
C GLY A 1289 -15.36 -32.38 -29.75
N TYR A 1290 -15.02 -32.07 -31.01
CA TYR A 1290 -14.28 -30.85 -31.30
C TYR A 1290 -15.08 -29.61 -30.96
N LYS A 1291 -16.37 -29.59 -31.30
CA LYS A 1291 -17.19 -28.41 -31.05
C LYS A 1291 -17.30 -28.13 -29.55
N THR A 1292 -17.68 -29.13 -28.76
CA THR A 1292 -17.84 -28.93 -27.32
C THR A 1292 -16.51 -28.60 -26.66
N TYR A 1293 -15.44 -29.29 -27.06
CA TYR A 1293 -14.14 -29.04 -26.46
C TYR A 1293 -13.63 -27.64 -26.77
N PHE A 1294 -13.81 -27.18 -28.00
CA PHE A 1294 -13.30 -25.88 -28.41
C PHE A 1294 -14.27 -24.74 -28.15
N THR A 1295 -15.46 -25.01 -27.63
CA THR A 1295 -16.31 -23.95 -27.13
C THR A 1295 -16.09 -23.66 -25.65
N ASN A 1296 -15.17 -24.38 -25.00
CA ASN A 1296 -14.88 -24.20 -23.60
C ASN A 1296 -13.58 -23.41 -23.43
N ALA A 1297 -13.60 -22.43 -22.53
CA ALA A 1297 -12.42 -21.60 -22.30
C ALA A 1297 -11.35 -22.35 -21.51
N TRP A 1298 -11.77 -23.11 -20.49
CA TRP A 1298 -10.81 -23.90 -19.73
C TRP A 1298 -10.14 -24.94 -20.62
N CYS A 1299 -10.92 -25.58 -21.49
CA CYS A 1299 -10.35 -26.54 -22.44
C CYS A 1299 -9.38 -25.85 -23.39
N TRP A 1300 -9.70 -24.62 -23.82
CA TRP A 1300 -8.77 -23.88 -24.66
C TRP A 1300 -7.46 -23.59 -23.94
N LEU A 1301 -7.54 -23.18 -22.67
CA LEU A 1301 -6.33 -22.90 -21.91
C LEU A 1301 -5.48 -24.15 -21.73
N ASP A 1302 -6.12 -25.28 -21.40
CA ASP A 1302 -5.40 -26.53 -21.26
C ASP A 1302 -4.77 -26.96 -22.58
N PHE A 1303 -5.50 -26.77 -23.69
CA PHE A 1303 -4.97 -27.09 -25.00
C PHE A 1303 -3.75 -26.24 -25.33
N LEU A 1304 -3.81 -24.95 -25.03
CA LEU A 1304 -2.66 -24.09 -25.30
C LEU A 1304 -1.44 -24.50 -24.48
N ILE A 1305 -1.65 -24.77 -23.19
CA ILE A 1305 -0.53 -25.16 -22.33
C ILE A 1305 0.08 -26.47 -22.83
N VAL A 1306 -0.76 -27.45 -23.15
CA VAL A 1306 -0.24 -28.74 -23.58
C VAL A 1306 0.41 -28.63 -24.95
N ASP A 1307 -0.07 -27.72 -25.81
CA ASP A 1307 0.56 -27.53 -27.11
C ASP A 1307 1.94 -26.91 -26.96
N VAL A 1308 2.07 -25.91 -26.07
CA VAL A 1308 3.39 -25.34 -25.82
C VAL A 1308 4.34 -26.40 -25.27
N SER A 1309 3.85 -27.22 -24.33
CA SER A 1309 4.69 -28.28 -23.77
C SER A 1309 5.11 -29.28 -24.84
N LEU A 1310 4.19 -29.66 -25.73
CA LEU A 1310 4.52 -30.61 -26.79
C LEU A 1310 5.53 -30.02 -27.77
N VAL A 1311 5.38 -28.74 -28.12
CA VAL A 1311 6.33 -28.11 -29.02
C VAL A 1311 7.72 -28.07 -28.38
N THR A 1312 7.79 -27.72 -27.10
CA THR A 1312 9.08 -27.70 -26.41
C THR A 1312 9.69 -29.09 -26.37
N LEU A 1313 8.89 -30.11 -26.09
CA LEU A 1313 9.42 -31.48 -26.02
C LEU A 1313 9.94 -31.93 -27.38
N VAL A 1314 9.20 -31.65 -28.46
CA VAL A 1314 9.65 -32.08 -29.78
C VAL A 1314 10.89 -31.30 -30.21
N ALA A 1315 10.99 -30.02 -29.84
CA ALA A 1315 12.19 -29.26 -30.15
C ALA A 1315 13.40 -29.81 -29.39
N ASN A 1316 13.21 -30.17 -28.12
CA ASN A 1316 14.30 -30.77 -27.37
C ASN A 1316 14.73 -32.11 -27.96
N THR A 1317 13.75 -32.93 -28.36
CA THR A 1317 14.08 -34.23 -28.95
C THR A 1317 14.81 -34.08 -30.27
N LEU A 1318 14.38 -33.14 -31.11
CA LEU A 1318 14.96 -32.94 -32.42
C LEU A 1318 16.26 -32.12 -32.39
N GLY A 1319 16.82 -31.90 -31.20
CA GLY A 1319 18.08 -31.20 -31.07
C GLY A 1319 18.00 -29.70 -31.05
N TYR A 1320 16.82 -29.10 -31.17
CA TYR A 1320 16.66 -27.65 -31.13
C TYR A 1320 16.42 -27.21 -29.68
N SER A 1321 17.43 -27.42 -28.85
CA SER A 1321 17.34 -27.11 -27.43
C SER A 1321 18.07 -25.84 -27.03
N ASP A 1322 18.91 -25.29 -27.90
CA ASP A 1322 19.70 -24.10 -27.59
C ASP A 1322 19.30 -22.89 -28.43
N LEU A 1323 18.24 -22.99 -29.23
CA LEU A 1323 17.81 -21.88 -30.04
C LEU A 1323 17.26 -20.75 -29.16
N GLY A 1324 17.37 -19.52 -29.66
CA GLY A 1324 16.88 -18.36 -28.96
C GLY A 1324 15.38 -18.38 -28.75
N PRO A 1325 14.61 -18.50 -29.84
CA PRO A 1325 13.15 -18.62 -29.69
C PRO A 1325 12.74 -19.80 -28.82
N ILE A 1326 13.42 -20.94 -28.94
CA ILE A 1326 13.06 -22.09 -28.12
C ILE A 1326 13.41 -21.85 -26.66
N LYS A 1327 14.54 -21.19 -26.39
CA LYS A 1327 14.89 -20.85 -25.02
C LYS A 1327 13.91 -19.87 -24.42
N SER A 1328 13.42 -18.91 -25.21
CA SER A 1328 12.40 -18.00 -24.74
C SER A 1328 11.04 -18.68 -24.56
N LEU A 1329 10.77 -19.73 -25.34
CA LEU A 1329 9.54 -20.50 -25.15
C LEU A 1329 9.61 -21.37 -23.91
N ARG A 1330 10.81 -21.85 -23.56
CA ARG A 1330 10.96 -22.72 -22.40
C ARG A 1330 10.60 -22.03 -21.10
N THR A 1331 10.72 -20.71 -21.02
CA THR A 1331 10.35 -20.00 -19.79
C THR A 1331 8.85 -19.98 -19.56
N LEU A 1332 8.06 -20.46 -20.52
CA LEU A 1332 6.60 -20.45 -20.43
C LEU A 1332 6.05 -21.62 -19.61
N ARG A 1333 6.89 -22.52 -19.11
CA ARG A 1333 6.40 -23.57 -18.23
C ARG A 1333 5.91 -23.05 -16.88
N ALA A 1334 6.04 -21.75 -16.63
CA ALA A 1334 5.48 -21.17 -15.41
C ALA A 1334 3.97 -21.06 -15.48
N LEU A 1335 3.36 -21.32 -16.63
CA LEU A 1335 1.91 -21.23 -16.80
C LEU A 1335 1.21 -22.56 -16.58
N ARG A 1336 1.94 -23.63 -16.25
CA ARG A 1336 1.27 -24.88 -15.87
C ARG A 1336 0.32 -24.72 -14.69
N PRO A 1337 0.62 -23.98 -13.62
CA PRO A 1337 -0.34 -23.83 -12.53
C PRO A 1337 -1.68 -23.27 -12.96
N LEU A 1338 -1.75 -22.60 -14.11
CA LEU A 1338 -3.03 -22.12 -14.63
C LEU A 1338 -4.01 -23.24 -14.90
N ARG A 1339 -3.54 -24.48 -15.03
CA ARG A 1339 -4.43 -25.62 -15.19
C ARG A 1339 -5.25 -25.91 -13.94
N ALA A 1340 -4.82 -25.42 -12.78
CA ALA A 1340 -5.53 -25.66 -11.53
C ALA A 1340 -6.73 -24.75 -11.34
N LEU A 1341 -6.91 -23.76 -12.20
CA LEU A 1341 -8.05 -22.85 -12.06
C LEU A 1341 -9.38 -23.58 -12.26
N SER A 1342 -9.44 -24.46 -13.26
CA SER A 1342 -10.68 -25.15 -13.57
C SER A 1342 -10.95 -26.34 -12.67
N ARG A 1343 -9.97 -26.75 -11.85
CA ARG A 1343 -10.12 -27.95 -11.03
C ARG A 1343 -10.67 -27.66 -9.64
N PHE A 1344 -10.51 -26.45 -9.14
CA PHE A 1344 -10.95 -26.07 -7.81
C PHE A 1344 -12.06 -25.04 -7.91
N GLU A 1345 -13.13 -25.25 -7.14
CA GLU A 1345 -14.34 -24.44 -7.29
C GLU A 1345 -14.15 -23.01 -6.80
N GLY A 1346 -13.36 -22.81 -5.74
CA GLY A 1346 -13.17 -21.47 -5.21
C GLY A 1346 -12.51 -20.53 -6.20
N MET A 1347 -11.40 -20.97 -6.79
CA MET A 1347 -10.76 -20.16 -7.80
C MET A 1347 -11.65 -19.97 -9.02
N ARG A 1348 -12.45 -20.99 -9.35
CA ARG A 1348 -13.35 -20.87 -10.50
C ARG A 1348 -14.39 -19.77 -10.27
N VAL A 1349 -15.00 -19.75 -9.08
CA VAL A 1349 -16.03 -18.74 -8.82
C VAL A 1349 -15.42 -17.36 -8.69
N VAL A 1350 -14.24 -17.25 -8.09
CA VAL A 1350 -13.58 -15.95 -8.00
C VAL A 1350 -13.21 -15.44 -9.39
N VAL A 1351 -12.73 -16.33 -10.26
CA VAL A 1351 -12.40 -15.95 -11.62
C VAL A 1351 -13.66 -15.53 -12.38
N ASN A 1352 -14.77 -16.23 -12.16
CA ASN A 1352 -16.02 -15.82 -12.80
C ASN A 1352 -16.43 -14.42 -12.38
N ALA A 1353 -16.32 -14.12 -11.08
CA ALA A 1353 -16.64 -12.78 -10.61
C ALA A 1353 -15.72 -11.74 -11.23
N LEU A 1354 -14.42 -12.04 -11.31
CA LEU A 1354 -13.47 -11.08 -11.90
C LEU A 1354 -13.77 -10.84 -13.37
N ILE A 1355 -14.05 -11.89 -14.13
CA ILE A 1355 -14.36 -11.73 -15.55
C ILE A 1355 -15.66 -10.96 -15.73
N GLY A 1356 -16.65 -11.19 -14.86
CA GLY A 1356 -17.84 -10.37 -14.91
C GLY A 1356 -17.57 -8.92 -14.62
N ALA A 1357 -16.63 -8.64 -13.73
CA ALA A 1357 -16.32 -7.26 -13.37
C ALA A 1357 -15.48 -6.53 -14.42
N ILE A 1358 -14.70 -7.27 -15.20
CA ILE A 1358 -13.74 -6.68 -16.16
C ILE A 1358 -14.36 -5.64 -17.09
N PRO A 1359 -15.52 -5.88 -17.71
CA PRO A 1359 -16.06 -4.86 -18.63
C PRO A 1359 -16.29 -3.50 -17.98
N SER A 1360 -16.72 -3.46 -16.72
CA SER A 1360 -16.88 -2.18 -16.03
C SER A 1360 -15.53 -1.60 -15.64
N ILE A 1361 -14.54 -2.44 -15.38
CA ILE A 1361 -13.21 -1.96 -15.04
C ILE A 1361 -12.55 -1.27 -16.24
N MET A 1362 -12.82 -1.77 -17.45
CA MET A 1362 -12.10 -1.28 -18.63
C MET A 1362 -12.38 0.19 -18.90
N ASN A 1363 -13.64 0.62 -18.78
CA ASN A 1363 -13.98 2.01 -19.09
C ASN A 1363 -13.33 2.98 -18.11
N VAL A 1364 -13.37 2.65 -16.82
CA VAL A 1364 -12.71 3.48 -15.82
C VAL A 1364 -11.20 3.45 -16.01
N LEU A 1365 -10.65 2.31 -16.44
CA LEU A 1365 -9.23 2.26 -16.76
C LEU A 1365 -8.90 3.23 -17.90
N LEU A 1366 -9.75 3.28 -18.92
CA LEU A 1366 -9.52 4.22 -20.01
C LEU A 1366 -9.59 5.67 -19.55
N VAL A 1367 -10.57 6.00 -18.70
CA VAL A 1367 -10.68 7.36 -18.19
C VAL A 1367 -9.43 7.72 -17.39
N CYS A 1368 -8.97 6.79 -16.54
CA CYS A 1368 -7.77 7.03 -15.76
C CYS A 1368 -6.55 7.17 -16.66
N LEU A 1369 -6.49 6.41 -17.75
CA LEU A 1369 -5.39 6.56 -18.70
C LEU A 1369 -5.40 7.94 -19.33
N ILE A 1370 -6.58 8.46 -19.69
CA ILE A 1370 -6.63 9.80 -20.28
C ILE A 1370 -6.17 10.85 -19.27
N PHE A 1371 -6.65 10.75 -18.02
CA PHE A 1371 -6.28 11.71 -16.99
C PHE A 1371 -4.78 11.66 -16.72
N TRP A 1372 -4.24 10.46 -16.56
CA TRP A 1372 -2.81 10.29 -16.33
C TRP A 1372 -1.99 10.69 -17.55
N LEU A 1373 -2.57 10.60 -18.76
CA LEU A 1373 -1.88 11.08 -19.95
C LEU A 1373 -1.76 12.59 -19.93
N ILE A 1374 -2.82 13.28 -19.50
CA ILE A 1374 -2.74 14.74 -19.35
C ILE A 1374 -1.64 15.10 -18.36
N PHE A 1375 -1.64 14.43 -17.21
CA PHE A 1375 -0.60 14.71 -16.21
C PHE A 1375 0.80 14.34 -16.71
N SER A 1376 0.90 13.26 -17.50
CA SER A 1376 2.19 12.84 -18.03
C SER A 1376 2.73 13.84 -19.05
N ILE A 1377 1.85 14.39 -19.90
CA ILE A 1377 2.29 15.41 -20.84
C ILE A 1377 2.74 16.65 -20.09
N MET A 1378 2.00 17.05 -19.04
CA MET A 1378 2.45 18.17 -18.23
C MET A 1378 3.82 17.91 -17.61
N GLY A 1379 4.03 16.70 -17.08
CA GLY A 1379 5.31 16.38 -16.47
C GLY A 1379 6.44 16.34 -17.47
N VAL A 1380 6.19 15.82 -18.66
CA VAL A 1380 7.21 15.82 -19.71
C VAL A 1380 7.57 17.24 -20.09
N ASN A 1381 6.56 18.12 -20.21
CA ASN A 1381 6.82 19.51 -20.53
C ASN A 1381 7.66 20.17 -19.44
N LEU A 1382 7.39 19.85 -18.17
CA LEU A 1382 8.11 20.50 -17.08
C LEU A 1382 9.53 19.97 -16.93
N PHE A 1383 9.73 18.65 -17.04
CA PHE A 1383 10.98 18.02 -16.62
C PHE A 1383 11.65 17.21 -17.73
N ALA A 1384 11.58 17.66 -18.97
CA ALA A 1384 12.17 16.91 -20.07
C ALA A 1384 13.69 17.09 -20.07
N GLY A 1385 14.42 16.05 -19.70
CA GLY A 1385 15.86 16.05 -19.77
C GLY A 1385 16.56 16.87 -18.70
N LYS A 1386 15.86 17.29 -17.65
CA LYS A 1386 16.44 18.08 -16.59
C LYS A 1386 16.89 17.25 -15.40
N PHE A 1387 16.78 15.93 -15.48
CA PHE A 1387 17.19 15.06 -14.37
C PHE A 1387 18.62 14.57 -14.51
N TYR A 1388 19.32 14.95 -15.58
CA TYR A 1388 20.72 14.60 -15.73
C TYR A 1388 21.56 15.34 -14.69
N GLU A 1389 22.56 14.65 -14.16
CA GLU A 1389 23.46 15.26 -13.19
C GLU A 1389 24.83 14.63 -13.30
N CYS A 1390 25.84 15.36 -12.83
CA CYS A 1390 27.21 14.89 -12.75
C CYS A 1390 27.46 14.44 -11.32
N ILE A 1391 27.81 13.18 -11.14
CA ILE A 1391 28.00 12.61 -9.81
C ILE A 1391 29.42 12.07 -9.68
N ASN A 1392 29.85 11.92 -8.43
CA ASN A 1392 31.08 11.21 -8.10
C ASN A 1392 30.72 9.75 -7.84
N THR A 1393 31.12 8.86 -8.75
CA THR A 1393 30.55 7.52 -8.78
C THR A 1393 30.89 6.71 -7.53
N THR A 1394 32.13 6.84 -7.04
CA THR A 1394 32.60 5.95 -5.99
C THR A 1394 31.83 6.16 -4.68
N ASP A 1395 31.27 7.35 -4.48
CA ASP A 1395 30.46 7.63 -3.30
C ASP A 1395 29.04 8.05 -3.65
N GLY A 1396 28.73 8.24 -4.94
CA GLY A 1396 27.37 8.59 -5.35
C GLY A 1396 26.90 9.93 -4.85
N SER A 1397 27.77 10.94 -4.88
CA SER A 1397 27.42 12.27 -4.41
C SER A 1397 27.47 13.24 -5.58
N ARG A 1398 26.39 14.00 -5.76
CA ARG A 1398 26.33 14.99 -6.82
C ARG A 1398 27.36 16.08 -6.58
N PHE A 1399 28.10 16.44 -7.62
CA PHE A 1399 29.06 17.52 -7.52
C PHE A 1399 28.33 18.85 -7.30
N PRO A 1400 28.97 19.80 -6.62
CA PRO A 1400 28.36 21.13 -6.45
C PRO A 1400 28.16 21.81 -7.78
N ALA A 1401 27.48 22.96 -7.74
CA ALA A 1401 27.21 23.73 -8.93
C ALA A 1401 28.22 24.85 -9.16
N SER A 1402 29.01 25.21 -8.16
CA SER A 1402 30.08 26.19 -8.37
C SER A 1402 31.10 25.69 -9.37
N GLN A 1403 31.57 24.45 -9.18
CA GLN A 1403 32.30 23.74 -10.20
C GLN A 1403 31.34 22.86 -10.99
N VAL A 1404 31.78 22.45 -12.18
CA VAL A 1404 31.05 21.58 -13.11
C VAL A 1404 29.56 21.94 -13.11
N PRO A 1405 29.18 23.08 -13.68
CA PRO A 1405 27.75 23.42 -13.78
C PRO A 1405 27.10 23.03 -15.09
N ASN A 1406 27.84 22.46 -16.03
CA ASN A 1406 27.34 22.16 -17.36
C ASN A 1406 27.68 20.73 -17.74
N ARG A 1407 27.10 20.29 -18.87
CA ARG A 1407 27.42 18.98 -19.41
C ARG A 1407 28.85 18.94 -19.93
N SER A 1408 29.31 20.03 -20.54
CA SER A 1408 30.68 20.09 -21.05
C SER A 1408 31.71 20.00 -19.93
N GLU A 1409 31.47 20.70 -18.82
CA GLU A 1409 32.37 20.62 -17.69
C GLU A 1409 32.37 19.22 -17.09
N CYS A 1410 31.20 18.57 -17.06
CA CYS A 1410 31.15 17.18 -16.61
C CYS A 1410 31.95 16.27 -17.52
N PHE A 1411 31.90 16.53 -18.83
CA PHE A 1411 32.70 15.75 -19.78
C PHE A 1411 34.19 15.92 -19.51
N ALA A 1412 34.63 17.16 -19.30
CA ALA A 1412 36.03 17.42 -19.00
C ALA A 1412 36.44 16.73 -17.70
N LEU A 1413 35.56 16.80 -16.71
CA LEU A 1413 35.86 16.16 -15.43
C LEU A 1413 35.96 14.65 -15.58
N MET A 1414 35.08 14.02 -16.38
CA MET A 1414 35.19 12.58 -16.59
C MET A 1414 36.50 12.23 -17.26
N ASN A 1415 36.89 12.98 -18.29
CA ASN A 1415 38.12 12.58 -18.96
C ASN A 1415 39.35 13.04 -18.20
N VAL A 1416 39.19 13.80 -17.11
CA VAL A 1416 40.28 14.08 -16.19
C VAL A 1416 40.23 13.11 -15.02
N SER A 1417 39.07 12.99 -14.38
CA SER A 1417 38.92 12.09 -13.24
C SER A 1417 38.04 10.90 -13.59
N GLN A 1418 38.52 9.71 -13.23
CA GLN A 1418 37.90 8.47 -13.71
C GLN A 1418 36.52 8.26 -13.10
N ASN A 1419 36.38 8.50 -11.80
CA ASN A 1419 35.12 8.20 -11.09
C ASN A 1419 34.17 9.39 -11.17
N VAL A 1420 33.79 9.72 -12.40
CA VAL A 1420 32.82 10.77 -12.68
C VAL A 1420 31.86 10.26 -13.75
N ARG A 1421 30.58 10.62 -13.64
CA ARG A 1421 29.59 10.17 -14.61
C ARG A 1421 28.44 11.16 -14.70
N TRP A 1422 28.03 11.46 -15.93
CA TRP A 1422 26.87 12.29 -16.22
C TRP A 1422 25.63 11.41 -16.43
N LYS A 1423 25.08 10.88 -15.34
CA LYS A 1423 24.01 9.90 -15.46
C LYS A 1423 22.63 10.57 -15.30
N ASN A 1424 21.60 9.77 -15.59
CA ASN A 1424 20.22 10.23 -15.52
C ASN A 1424 19.39 9.17 -14.81
N LEU A 1425 18.29 9.59 -14.20
CA LEU A 1425 17.44 8.68 -13.46
C LEU A 1425 16.82 7.63 -14.39
N LYS A 1426 16.68 6.42 -13.87
CA LYS A 1426 16.06 5.35 -14.65
C LYS A 1426 14.59 5.63 -14.91
N VAL A 1427 13.87 6.10 -13.89
CA VAL A 1427 12.46 6.47 -14.02
C VAL A 1427 12.38 7.99 -13.97
N ASN A 1428 11.91 8.59 -15.06
CA ASN A 1428 11.94 10.04 -15.20
C ASN A 1428 10.80 10.45 -16.12
N PHE A 1429 10.85 11.69 -16.59
CA PHE A 1429 9.84 12.26 -17.48
C PHE A 1429 10.43 12.58 -18.85
N ASP A 1430 11.27 11.68 -19.38
CA ASP A 1430 11.87 11.93 -20.68
C ASP A 1430 10.83 11.86 -21.80
N ASN A 1431 9.92 10.89 -21.72
CA ASN A 1431 8.82 10.78 -22.69
C ASN A 1431 7.56 10.41 -21.94
N VAL A 1432 6.49 10.14 -22.68
CA VAL A 1432 5.19 9.93 -22.08
C VAL A 1432 5.11 8.57 -21.38
N GLY A 1433 5.77 7.54 -21.94
CA GLY A 1433 5.79 6.26 -21.26
C GLY A 1433 6.56 6.30 -19.95
N LEU A 1434 7.73 6.93 -19.95
CA LEU A 1434 8.47 7.10 -18.72
C LEU A 1434 7.71 7.99 -17.74
N GLY A 1435 6.99 8.99 -18.25
CA GLY A 1435 6.13 9.77 -17.38
C GLY A 1435 5.02 8.93 -16.76
N TYR A 1436 4.47 7.98 -17.53
CA TYR A 1436 3.48 7.06 -16.99
C TYR A 1436 4.05 6.22 -15.87
N LEU A 1437 5.27 5.70 -16.07
CA LEU A 1437 5.92 4.93 -15.02
C LEU A 1437 6.17 5.77 -13.78
N SER A 1438 6.63 7.02 -13.98
CA SER A 1438 6.86 7.92 -12.86
C SER A 1438 5.56 8.22 -12.11
N LEU A 1439 4.47 8.44 -12.84
CA LEU A 1439 3.20 8.72 -12.20
C LEU A 1439 2.68 7.50 -11.45
N LEU A 1440 2.93 6.30 -11.98
CA LEU A 1440 2.56 5.10 -11.25
C LEU A 1440 3.35 4.98 -9.95
N GLN A 1441 4.63 5.31 -9.99
CA GLN A 1441 5.43 5.27 -8.77
C GLN A 1441 4.96 6.33 -7.76
N VAL A 1442 4.59 7.52 -8.24
CA VAL A 1442 4.14 8.58 -7.34
C VAL A 1442 2.79 8.21 -6.73
N ALA A 1443 1.87 7.67 -7.53
CA ALA A 1443 0.53 7.38 -7.03
C ALA A 1443 0.56 6.30 -5.95
N THR A 1444 1.46 5.33 -6.08
CA THR A 1444 1.63 4.30 -5.07
C THR A 1444 2.48 4.77 -3.89
N PHE A 1445 3.11 5.94 -4.00
CA PHE A 1445 4.01 6.45 -2.97
C PHE A 1445 5.17 5.50 -2.71
N LYS A 1446 5.74 4.93 -3.76
CA LYS A 1446 6.89 4.00 -3.64
C LYS A 1446 7.91 4.41 -4.69
N GLY A 1447 9.04 5.03 -4.32
CA GLY A 1447 10.00 5.59 -5.23
C GLY A 1447 9.72 7.00 -5.68
N TRP A 1448 8.71 7.65 -5.09
CA TRP A 1448 8.33 8.99 -5.50
C TRP A 1448 9.30 10.06 -4.99
N THR A 1449 9.99 9.79 -3.88
CA THR A 1449 10.84 10.80 -3.27
C THR A 1449 12.01 11.16 -4.18
N ILE A 1450 12.60 10.17 -4.85
CA ILE A 1450 13.72 10.44 -5.75
C ILE A 1450 13.29 11.34 -6.89
N ILE A 1451 12.12 11.05 -7.47
CA ILE A 1451 11.60 11.88 -8.56
C ILE A 1451 11.29 13.28 -8.06
N MET A 1452 10.72 13.40 -6.86
CA MET A 1452 10.44 14.71 -6.28
C MET A 1452 11.72 15.52 -6.10
N TYR A 1453 12.77 14.89 -5.56
CA TYR A 1453 14.03 15.60 -5.37
C TYR A 1453 14.64 16.02 -6.69
N ALA A 1454 14.62 15.13 -7.69
CA ALA A 1454 15.17 15.48 -8.99
C ALA A 1454 14.39 16.59 -9.66
N ALA A 1455 13.07 16.64 -9.43
CA ALA A 1455 12.25 17.69 -10.01
C ALA A 1455 12.48 19.04 -9.33
N VAL A 1456 12.55 19.04 -8.00
CA VAL A 1456 12.77 20.30 -7.30
C VAL A 1456 14.20 20.81 -7.44
N ASP A 1457 15.14 19.93 -7.77
CA ASP A 1457 16.51 20.36 -8.02
C ASP A 1457 16.75 20.75 -9.48
N SER A 1458 15.82 20.44 -10.37
CA SER A 1458 16.05 20.63 -11.81
C SER A 1458 16.23 22.10 -12.15
N VAL A 1459 17.13 22.37 -13.10
CA VAL A 1459 17.41 23.73 -13.52
C VAL A 1459 17.00 23.91 -14.97
N ASN A 1460 17.63 23.17 -15.87
CA ASN A 1460 17.35 23.24 -17.30
C ASN A 1460 17.99 22.03 -17.97
N VAL A 1461 17.98 22.06 -19.30
CA VAL A 1461 18.59 20.98 -20.08
C VAL A 1461 20.10 21.23 -20.17
N ASP A 1462 20.89 20.18 -19.91
CA ASP A 1462 22.34 20.26 -19.90
C ASP A 1462 22.85 21.24 -18.85
N LYS A 1463 22.14 21.35 -17.73
CA LYS A 1463 22.53 22.20 -16.61
C LYS A 1463 22.56 21.36 -15.34
N GLN A 1464 23.60 21.56 -14.53
CA GLN A 1464 23.74 20.81 -13.30
C GLN A 1464 22.66 21.21 -12.30
N PRO A 1465 21.92 20.27 -11.73
CA PRO A 1465 20.87 20.63 -10.78
C PRO A 1465 21.43 21.29 -9.53
N LYS A 1466 20.64 22.18 -8.96
CA LYS A 1466 20.97 22.86 -7.72
C LYS A 1466 19.94 22.50 -6.65
N TYR A 1467 20.38 22.45 -5.39
CA TYR A 1467 19.52 22.01 -4.31
C TYR A 1467 18.27 22.87 -4.18
N GLU A 1468 17.11 22.27 -4.46
CA GLU A 1468 15.82 22.95 -4.35
C GLU A 1468 15.79 24.26 -5.13
N TYR A 1469 16.37 24.23 -6.33
CA TYR A 1469 16.31 25.39 -7.21
C TYR A 1469 14.86 25.69 -7.60
N SER A 1470 14.13 24.68 -8.06
CA SER A 1470 12.71 24.80 -8.35
C SER A 1470 11.91 24.23 -7.18
N LEU A 1471 11.95 24.96 -6.06
CA LEU A 1471 11.38 24.45 -4.82
C LEU A 1471 9.88 24.23 -4.94
N TYR A 1472 9.18 25.15 -5.61
CA TYR A 1472 7.73 25.10 -5.67
C TYR A 1472 7.21 24.18 -6.76
N MET A 1473 8.05 23.27 -7.26
CA MET A 1473 7.59 22.19 -8.13
C MET A 1473 6.92 21.08 -7.35
N TYR A 1474 6.99 21.10 -6.02
CA TYR A 1474 6.25 20.14 -5.20
C TYR A 1474 4.74 20.28 -5.39
N ILE A 1475 4.27 21.45 -5.80
CA ILE A 1475 2.83 21.65 -6.00
C ILE A 1475 2.31 20.75 -7.11
N TYR A 1476 3.12 20.54 -8.16
CA TYR A 1476 2.72 19.65 -9.23
C TYR A 1476 2.44 18.25 -8.71
N PHE A 1477 3.32 17.72 -7.87
CA PHE A 1477 3.14 16.38 -7.34
C PHE A 1477 1.97 16.31 -6.37
N VAL A 1478 1.77 17.36 -5.58
CA VAL A 1478 0.63 17.38 -4.64
C VAL A 1478 -0.69 17.38 -5.40
N VAL A 1479 -0.78 18.22 -6.44
CA VAL A 1479 -1.99 18.27 -7.25
C VAL A 1479 -2.22 16.96 -7.96
N PHE A 1480 -1.17 16.36 -8.52
CA PHE A 1480 -1.32 15.06 -9.16
C PHE A 1480 -1.78 14.01 -8.15
N ILE A 1481 -1.18 13.98 -6.97
CA ILE A 1481 -1.58 12.99 -5.97
C ILE A 1481 -3.06 13.13 -5.66
N ILE A 1482 -3.50 14.36 -5.35
CA ILE A 1482 -4.91 14.58 -5.06
C ILE A 1482 -5.78 14.07 -6.20
N PHE A 1483 -5.62 14.66 -7.39
CA PHE A 1483 -6.57 14.41 -8.47
C PHE A 1483 -6.49 12.98 -8.99
N GLY A 1484 -5.29 12.50 -9.28
CA GLY A 1484 -5.11 11.18 -9.84
C GLY A 1484 -5.03 10.03 -8.86
N SER A 1485 -5.14 10.27 -7.55
CA SER A 1485 -5.30 9.18 -6.61
C SER A 1485 -6.65 9.24 -5.89
N PHE A 1486 -6.95 10.35 -5.22
CA PHE A 1486 -8.16 10.42 -4.41
C PHE A 1486 -9.40 10.23 -5.29
N PHE A 1487 -9.58 11.12 -6.27
CA PHE A 1487 -10.78 11.07 -7.10
C PHE A 1487 -10.77 9.85 -8.00
N THR A 1488 -9.59 9.44 -8.48
CA THR A 1488 -9.52 8.28 -9.37
C THR A 1488 -9.94 7.00 -8.65
N LEU A 1489 -9.39 6.79 -7.45
CA LEU A 1489 -9.79 5.64 -6.64
C LEU A 1489 -11.26 5.74 -6.25
N ASN A 1490 -11.74 6.95 -5.97
CA ASN A 1490 -13.16 7.14 -5.66
C ASN A 1490 -14.03 6.64 -6.82
N LEU A 1491 -13.71 7.07 -8.04
CA LEU A 1491 -14.48 6.66 -9.21
C LEU A 1491 -14.39 5.15 -9.43
N PHE A 1492 -13.19 4.58 -9.31
CA PHE A 1492 -13.02 3.15 -9.52
C PHE A 1492 -13.86 2.35 -8.53
N ILE A 1493 -13.79 2.69 -7.26
CA ILE A 1493 -14.54 1.94 -6.25
C ILE A 1493 -16.04 2.17 -6.42
N GLY A 1494 -16.45 3.39 -6.82
CA GLY A 1494 -17.86 3.63 -7.05
C GLY A 1494 -18.43 2.77 -8.16
N VAL A 1495 -17.69 2.63 -9.27
CA VAL A 1495 -18.19 1.77 -10.34
C VAL A 1495 -18.09 0.29 -9.96
N ILE A 1496 -17.08 -0.08 -9.18
CA ILE A 1496 -16.93 -1.47 -8.78
C ILE A 1496 -18.08 -1.90 -7.86
N ILE A 1497 -18.54 -1.00 -7.00
CA ILE A 1497 -19.68 -1.30 -6.14
C ILE A 1497 -20.92 -1.57 -6.98
N ASP A 1498 -21.17 -0.72 -7.99
CA ASP A 1498 -22.29 -0.95 -8.89
C ASP A 1498 -22.17 -2.30 -9.59
N ASN A 1499 -20.97 -2.62 -10.09
CA ASN A 1499 -20.78 -3.86 -10.83
C ASN A 1499 -21.07 -5.07 -9.93
N PHE A 1500 -20.53 -5.06 -8.70
CA PHE A 1500 -20.74 -6.20 -7.82
C PHE A 1500 -22.18 -6.27 -7.31
N ASN A 1501 -22.83 -5.12 -7.11
CA ASN A 1501 -24.24 -5.14 -6.71
C ASN A 1501 -25.09 -5.74 -7.82
N GLN A 1502 -24.82 -5.37 -9.08
CA GLN A 1502 -25.56 -5.97 -10.18
C GLN A 1502 -25.26 -7.46 -10.31
N GLN A 1503 -24.01 -7.87 -10.10
CA GLN A 1503 -23.68 -9.29 -10.12
C GLN A 1503 -24.45 -10.06 -9.06
N LYS A 1504 -24.51 -9.52 -7.83
CA LYS A 1504 -25.26 -10.18 -6.77
C LYS A 1504 -26.75 -10.21 -7.08
N LYS A 1505 -27.29 -9.12 -7.62
CA LYS A 1505 -28.72 -9.05 -7.91
C LYS A 1505 -29.11 -10.04 -9.00
N LYS A 1506 -28.25 -10.23 -10.00
CA LYS A 1506 -28.61 -11.06 -11.14
C LYS A 1506 -28.84 -12.50 -10.75
N LEU A 1507 -28.01 -13.06 -9.87
CA LEU A 1507 -28.10 -14.46 -9.49
C LEU A 1507 -28.96 -14.71 -8.25
N GLY A 1508 -29.73 -13.71 -7.83
CA GLY A 1508 -30.67 -13.90 -6.73
C GLY A 1508 -30.21 -13.45 -5.36
N GLY A 1509 -29.11 -12.70 -5.27
CA GLY A 1509 -28.65 -12.18 -4.00
C GLY A 1509 -27.69 -13.08 -3.24
N GLN A 1510 -27.34 -14.24 -3.78
CA GLN A 1510 -26.37 -15.10 -3.12
C GLN A 1510 -24.97 -14.50 -3.19
N ASP A 1511 -24.11 -14.91 -2.27
CA ASP A 1511 -22.74 -14.46 -2.28
C ASP A 1511 -22.01 -14.98 -3.52
N ILE A 1512 -21.18 -14.12 -4.11
CA ILE A 1512 -20.53 -14.46 -5.37
C ILE A 1512 -19.14 -15.05 -5.20
N PHE A 1513 -18.59 -15.05 -3.99
CA PHE A 1513 -17.26 -15.58 -3.73
C PHE A 1513 -17.28 -16.92 -3.01
N MET A 1514 -18.46 -17.50 -2.80
CA MET A 1514 -18.63 -18.75 -2.04
C MET A 1514 -19.27 -19.86 -2.88
N THR A 1515 -18.83 -21.11 -2.77
CA THR A 1515 -19.42 -22.26 -3.43
C THR A 1515 -20.69 -22.70 -2.69
N GLU A 1516 -21.38 -23.69 -3.25
CA GLU A 1516 -22.64 -24.14 -2.67
C GLU A 1516 -22.44 -24.75 -1.29
N GLU A 1517 -21.46 -25.64 -1.16
CA GLU A 1517 -21.16 -26.22 0.14
C GLU A 1517 -20.71 -25.15 1.12
N GLN A 1518 -19.92 -24.19 0.65
CA GLN A 1518 -19.56 -23.06 1.49
C GLN A 1518 -20.80 -22.26 1.89
N LYS A 1519 -21.78 -22.14 1.00
CA LYS A 1519 -23.03 -21.47 1.36
C LYS A 1519 -23.76 -22.22 2.47
N LYS A 1520 -23.81 -23.55 2.38
CA LYS A 1520 -24.47 -24.33 3.42
C LYS A 1520 -23.76 -24.17 4.76
N TYR A 1521 -22.42 -24.23 4.76
CA TYR A 1521 -21.68 -24.02 5.99
C TYR A 1521 -21.86 -22.60 6.50
N TYR A 1522 -21.98 -21.62 5.60
CA TYR A 1522 -22.24 -20.24 6.00
C TYR A 1522 -23.58 -20.10 6.70
N ASN A 1523 -24.62 -20.76 6.16
CA ASN A 1523 -25.92 -20.73 6.82
C ASN A 1523 -25.86 -21.40 8.18
N ALA A 1524 -25.17 -22.54 8.27
CA ALA A 1524 -25.01 -23.23 9.55
C ALA A 1524 -24.30 -22.35 10.57
N MET A 1525 -23.25 -21.64 10.14
CA MET A 1525 -22.57 -20.69 11.01
C MET A 1525 -23.48 -19.53 11.41
N LYS A 1526 -24.34 -19.08 10.48
CA LYS A 1526 -25.27 -18.00 10.81
C LYS A 1526 -26.24 -18.43 11.90
N LYS A 1527 -26.70 -19.67 11.85
CA LYS A 1527 -27.57 -20.15 12.92
C LYS A 1527 -26.86 -20.20 14.27
N LEU A 1528 -25.52 -20.25 14.28
CA LEU A 1528 -24.79 -20.26 15.54
C LEU A 1528 -24.85 -18.90 16.23
N GLY A 1529 -24.72 -17.82 15.47
CA GLY A 1529 -24.66 -16.49 16.02
C GLY A 1529 -25.99 -15.85 16.35
N SER A 1530 -27.10 -16.54 16.10
CA SER A 1530 -28.43 -16.01 16.42
C SER A 1530 -29.23 -16.97 17.30
N LYS A 1531 -28.55 -17.80 18.08
CA LYS A 1531 -29.24 -18.75 18.95
C LYS A 1531 -29.95 -18.01 20.08
N LYS A 1532 -31.16 -18.47 20.38
CA LYS A 1532 -31.90 -17.95 21.52
C LYS A 1532 -31.24 -18.43 22.83
N PRO A 1533 -31.49 -17.73 23.94
CA PRO A 1533 -30.94 -18.18 25.23
C PRO A 1533 -31.27 -19.63 25.53
N GLN A 1534 -30.24 -20.44 25.77
CA GLN A 1534 -30.42 -21.86 25.98
C GLN A 1534 -31.05 -22.13 27.36
N LYS A 1535 -31.39 -23.39 27.58
CA LYS A 1535 -31.95 -23.79 28.86
C LYS A 1535 -30.93 -23.55 29.97
N PRO A 1536 -31.33 -22.94 31.08
CA PRO A 1536 -30.37 -22.67 32.15
C PRO A 1536 -29.89 -23.96 32.81
N ILE A 1537 -28.61 -23.97 33.20
CA ILE A 1537 -28.03 -25.19 33.84
C ILE A 1537 -28.62 -25.36 35.25
N PRO A 1538 -29.28 -26.50 35.55
CA PRO A 1538 -29.90 -26.70 36.86
C PRO A 1538 -28.85 -26.78 37.98
N ARG A 1539 -29.22 -26.33 39.19
CA ARG A 1539 -28.36 -26.42 40.40
C ARG A 1539 -28.23 -27.86 40.80
N PRO A 1540 -27.23 -28.24 41.61
CA PRO A 1540 -27.18 -29.60 42.16
C PRO A 1540 -27.71 -29.68 43.59
N GLY A 1541 -28.09 -30.91 43.97
CA GLY A 1541 -28.73 -31.11 45.25
C GLY A 1541 -27.82 -31.00 46.45
N ASN A 1542 -26.52 -31.22 46.26
CA ASN A 1542 -25.59 -31.16 47.39
C ASN A 1542 -25.46 -29.73 47.90
N LYS A 1543 -25.32 -29.60 49.22
CA LYS A 1543 -25.25 -28.28 49.84
C LYS A 1543 -23.97 -27.54 49.44
N ILE A 1544 -22.82 -28.21 49.58
CA ILE A 1544 -21.57 -27.58 49.20
C ILE A 1544 -21.54 -27.31 47.69
N GLN A 1545 -22.00 -28.28 46.90
CA GLN A 1545 -22.07 -28.07 45.46
C GLN A 1545 -23.05 -26.96 45.10
N GLY A 1546 -24.15 -26.84 45.84
CA GLY A 1546 -25.07 -25.75 45.61
C GLY A 1546 -24.48 -24.39 45.92
N CYS A 1547 -23.70 -24.30 47.01
CA CYS A 1547 -23.01 -23.06 47.33
C CYS A 1547 -22.00 -22.71 46.25
N ILE A 1548 -21.23 -23.71 45.79
CA ILE A 1548 -20.28 -23.46 44.72
C ILE A 1548 -21.01 -23.01 43.45
N PHE A 1549 -22.18 -23.60 43.19
CA PHE A 1549 -22.98 -23.22 42.03
C PHE A 1549 -23.41 -21.77 42.11
N ASP A 1550 -24.01 -21.37 43.23
CA ASP A 1550 -24.43 -19.97 43.35
C ASP A 1550 -23.24 -19.02 43.43
N LEU A 1551 -22.03 -19.55 43.69
CA LEU A 1551 -20.83 -18.73 43.63
C LEU A 1551 -20.38 -18.49 42.19
N VAL A 1552 -20.16 -19.56 41.43
CA VAL A 1552 -19.56 -19.44 40.10
C VAL A 1552 -20.49 -18.70 39.13
N THR A 1553 -21.78 -18.99 39.14
CA THR A 1553 -22.70 -18.40 38.17
C THR A 1553 -22.95 -16.92 38.41
N ASN A 1554 -22.49 -16.37 39.53
CA ASN A 1554 -22.61 -14.94 39.77
C ASN A 1554 -21.78 -14.15 38.78
N GLN A 1555 -22.28 -12.96 38.41
CA GLN A 1555 -21.52 -12.07 37.54
C GLN A 1555 -20.29 -11.51 38.23
N ALA A 1556 -20.28 -11.49 39.57
CA ALA A 1556 -19.10 -11.04 40.29
C ALA A 1556 -17.90 -11.94 39.99
N PHE A 1557 -18.14 -13.25 39.89
CA PHE A 1557 -17.07 -14.18 39.51
C PHE A 1557 -16.51 -13.83 38.14
N ASP A 1558 -17.41 -13.54 37.18
CA ASP A 1558 -16.95 -13.22 35.83
C ASP A 1558 -16.15 -11.92 35.80
N ILE A 1559 -16.60 -10.88 36.50
CA ILE A 1559 -15.85 -9.63 36.46
C ILE A 1559 -14.53 -9.76 37.20
N SER A 1560 -14.50 -10.52 38.30
CA SER A 1560 -13.24 -10.76 39.00
C SER A 1560 -12.26 -11.52 38.11
N ILE A 1561 -12.76 -12.50 37.36
CA ILE A 1561 -11.89 -13.25 36.46
C ILE A 1561 -11.38 -12.35 35.33
N MET A 1562 -12.23 -11.44 34.85
CA MET A 1562 -11.79 -10.48 33.84
C MET A 1562 -10.68 -9.59 34.36
N VAL A 1563 -10.81 -9.08 35.58
CA VAL A 1563 -9.75 -8.23 36.12
C VAL A 1563 -8.49 -9.04 36.41
N LEU A 1564 -8.64 -10.32 36.77
CA LEU A 1564 -7.46 -11.17 36.94
C LEU A 1564 -6.73 -11.37 35.61
N ILE A 1565 -7.49 -11.57 34.53
CA ILE A 1565 -6.87 -11.69 33.21
C ILE A 1565 -6.19 -10.38 32.82
N CYS A 1566 -6.79 -9.25 33.16
CA CYS A 1566 -6.15 -7.97 32.88
C CYS A 1566 -4.85 -7.81 33.65
N LEU A 1567 -4.83 -8.24 34.91
CA LEU A 1567 -3.59 -8.19 35.69
C LEU A 1567 -2.53 -9.11 35.10
N ASN A 1568 -2.94 -10.28 34.62
CA ASN A 1568 -1.99 -11.18 33.96
C ASN A 1568 -1.42 -10.53 32.70
N MET A 1569 -2.27 -9.85 31.93
CA MET A 1569 -1.80 -9.16 30.73
C MET A 1569 -0.81 -8.06 31.07
N VAL A 1570 -1.08 -7.31 32.14
CA VAL A 1570 -0.14 -6.29 32.60
C VAL A 1570 1.19 -6.93 33.00
N THR A 1571 1.12 -8.06 33.72
CA THR A 1571 2.34 -8.76 34.11
C THR A 1571 3.15 -9.18 32.89
N MET A 1572 2.47 -9.66 31.85
CA MET A 1572 3.18 -9.98 30.61
C MET A 1572 3.76 -8.74 29.94
N MET A 1573 3.08 -7.59 30.06
CA MET A 1573 3.60 -6.36 29.49
C MET A 1573 4.83 -5.83 30.23
N VAL A 1574 4.97 -6.15 31.51
CA VAL A 1574 6.10 -5.61 32.28
C VAL A 1574 7.44 -6.09 31.74
N GLU A 1575 7.46 -7.30 31.17
CA GLU A 1575 8.70 -7.93 30.63
C GLU A 1575 9.40 -6.94 29.69
N LYS A 1576 10.73 -6.94 29.68
CA LYS A 1576 11.53 -6.02 28.82
C LYS A 1576 12.91 -6.64 28.56
N GLU A 1577 13.61 -6.19 27.52
CA GLU A 1577 14.96 -6.71 27.16
C GLU A 1577 16.00 -6.15 28.14
N GLY A 1578 16.85 -7.00 28.73
CA GLY A 1578 17.87 -6.59 29.66
C GLY A 1578 17.45 -6.54 31.11
N GLN A 1579 16.28 -7.08 31.44
CA GLN A 1579 15.84 -7.08 32.83
C GLN A 1579 16.72 -8.00 33.67
N SER A 1580 16.82 -7.67 34.96
CA SER A 1580 17.67 -8.42 35.86
C SER A 1580 17.05 -9.80 36.15
N GLN A 1581 17.85 -10.67 36.77
CA GLN A 1581 17.37 -11.99 37.12
C GLN A 1581 16.30 -11.93 38.20
N HIS A 1582 16.40 -10.97 39.12
CA HIS A 1582 15.39 -10.84 40.18
C HIS A 1582 14.02 -10.56 39.59
N MET A 1583 13.95 -9.65 38.61
CA MET A 1583 12.70 -9.38 37.92
C MET A 1583 12.17 -10.62 37.21
N THR A 1584 13.08 -11.39 36.59
CA THR A 1584 12.66 -12.60 35.91
C THR A 1584 12.03 -13.60 36.88
N GLU A 1585 12.65 -13.80 38.04
CA GLU A 1585 12.09 -14.70 39.04
C GLU A 1585 10.75 -14.19 39.56
N VAL A 1586 10.65 -12.89 39.82
CA VAL A 1586 9.40 -12.34 40.35
C VAL A 1586 8.28 -12.55 39.34
N LEU A 1587 8.53 -12.25 38.07
CA LEU A 1587 7.52 -12.43 37.04
C LEU A 1587 7.16 -13.90 36.86
N TYR A 1588 8.15 -14.78 36.95
CA TYR A 1588 7.89 -16.21 36.83
C TYR A 1588 6.96 -16.70 37.95
N TRP A 1589 7.21 -16.25 39.18
CA TRP A 1589 6.37 -16.66 40.28
C TRP A 1589 4.97 -16.06 40.18
N ILE A 1590 4.86 -14.82 39.69
CA ILE A 1590 3.54 -14.22 39.50
C ILE A 1590 2.75 -15.01 38.45
N ASN A 1591 3.41 -15.39 37.35
CA ASN A 1591 2.74 -16.18 36.33
C ASN A 1591 2.33 -17.54 36.86
N VAL A 1592 3.18 -18.15 37.70
CA VAL A 1592 2.83 -19.43 38.30
C VAL A 1592 1.59 -19.29 39.18
N VAL A 1593 1.52 -18.20 39.96
CA VAL A 1593 0.37 -17.96 40.81
C VAL A 1593 -0.90 -17.78 39.97
N PHE A 1594 -0.79 -17.04 38.87
CA PHE A 1594 -1.95 -16.85 37.99
C PHE A 1594 -2.38 -18.17 37.37
N ILE A 1595 -1.43 -19.02 36.99
CA ILE A 1595 -1.77 -20.33 36.44
C ILE A 1595 -2.49 -21.18 37.47
N ILE A 1596 -2.01 -21.17 38.71
CA ILE A 1596 -2.69 -21.91 39.78
C ILE A 1596 -4.10 -21.36 40.00
N LEU A 1597 -4.27 -20.04 39.95
CA LEU A 1597 -5.60 -19.46 40.14
C LEU A 1597 -6.56 -19.89 39.03
N PHE A 1598 -6.10 -19.86 37.78
CA PHE A 1598 -6.96 -20.27 36.67
C PHE A 1598 -7.27 -21.77 36.73
N THR A 1599 -6.29 -22.58 37.16
CA THR A 1599 -6.55 -24.01 37.34
C THR A 1599 -7.59 -24.23 38.43
N GLY A 1600 -7.51 -23.47 39.53
CA GLY A 1600 -8.52 -23.56 40.56
C GLY A 1600 -9.90 -23.16 40.06
N GLU A 1601 -9.96 -22.09 39.25
CA GLU A 1601 -11.22 -21.71 38.62
C GLU A 1601 -11.79 -22.85 37.78
N CYS A 1602 -10.95 -23.47 36.95
CA CYS A 1602 -11.40 -24.58 36.11
C CYS A 1602 -11.90 -25.74 36.95
N VAL A 1603 -11.20 -26.06 38.05
CA VAL A 1603 -11.61 -27.16 38.90
C VAL A 1603 -12.96 -26.87 39.56
N LEU A 1604 -13.14 -25.64 40.06
CA LEU A 1604 -14.42 -25.28 40.67
C LEU A 1604 -15.55 -25.34 39.65
N LYS A 1605 -15.29 -24.86 38.43
CA LYS A 1605 -16.31 -24.96 37.39
C LYS A 1605 -16.64 -26.41 37.08
N LEU A 1606 -15.63 -27.28 37.10
CA LEU A 1606 -15.82 -28.72 36.75
C LEU A 1606 -16.72 -29.43 37.76
N ILE A 1607 -16.93 -28.88 38.96
CA ILE A 1607 -17.71 -29.57 40.04
C ILE A 1607 -19.18 -29.11 40.02
N SER A 1608 -19.46 -27.80 40.01
CA SER A 1608 -20.85 -27.27 40.09
C SER A 1608 -21.55 -27.43 38.74
N LEU A 1609 -20.80 -27.48 37.64
CA LEU A 1609 -21.38 -27.64 36.29
C LEU A 1609 -21.45 -29.13 35.96
N ARG A 1610 -20.57 -29.97 36.55
CA ARG A 1610 -20.50 -31.40 36.23
C ARG A 1610 -20.28 -31.53 34.73
N HIS A 1611 -21.04 -32.37 34.02
CA HIS A 1611 -20.87 -32.53 32.58
C HIS A 1611 -21.60 -31.47 31.78
N TYR A 1612 -22.30 -30.54 32.43
CA TYR A 1612 -22.84 -29.38 31.74
C TYR A 1612 -21.79 -28.32 31.46
N TYR A 1613 -20.58 -28.47 32.03
CA TYR A 1613 -19.49 -27.56 31.73
C TYR A 1613 -19.11 -27.64 30.25
N PHE A 1614 -19.08 -28.85 29.70
CA PHE A 1614 -18.66 -29.05 28.31
C PHE A 1614 -19.78 -28.74 27.33
N THR A 1615 -20.97 -28.38 27.81
CA THR A 1615 -22.07 -28.00 26.92
C THR A 1615 -21.91 -26.58 26.40
N VAL A 1616 -20.98 -25.80 26.93
CA VAL A 1616 -20.74 -24.43 26.50
C VAL A 1616 -19.37 -24.37 25.82
N GLY A 1617 -19.33 -23.81 24.62
CA GLY A 1617 -18.09 -23.74 23.87
C GLY A 1617 -17.03 -22.88 24.54
N TRP A 1618 -17.44 -21.79 25.17
CA TRP A 1618 -16.48 -20.92 25.85
C TRP A 1618 -15.80 -21.67 26.99
N ASN A 1619 -16.55 -22.51 27.71
CA ASN A 1619 -15.95 -23.33 28.77
C ASN A 1619 -14.98 -24.35 28.20
N ILE A 1620 -15.29 -24.91 27.02
CA ILE A 1620 -14.35 -25.83 26.37
C ILE A 1620 -13.06 -25.10 26.02
N PHE A 1621 -13.18 -23.88 25.50
CA PHE A 1621 -11.99 -23.09 25.19
C PHE A 1621 -11.20 -22.78 26.45
N ASP A 1622 -11.89 -22.48 27.55
CA ASP A 1622 -11.21 -22.20 28.82
C ASP A 1622 -10.46 -23.45 29.30
N PHE A 1623 -11.09 -24.61 29.20
CA PHE A 1623 -10.43 -25.86 29.57
C PHE A 1623 -9.19 -26.10 28.72
N VAL A 1624 -9.32 -25.92 27.41
CA VAL A 1624 -8.19 -26.20 26.52
C VAL A 1624 -7.06 -25.21 26.76
N VAL A 1625 -7.39 -23.96 27.08
CA VAL A 1625 -6.32 -22.98 27.28
C VAL A 1625 -5.65 -23.18 28.64
N VAL A 1626 -6.41 -23.62 29.65
CA VAL A 1626 -5.77 -23.95 30.92
C VAL A 1626 -4.81 -25.12 30.75
N ILE A 1627 -5.24 -26.16 30.03
CA ILE A 1627 -4.36 -27.31 29.80
C ILE A 1627 -3.13 -26.87 29.00
N ILE A 1628 -3.34 -26.04 27.97
CA ILE A 1628 -2.23 -25.61 27.13
C ILE A 1628 -1.26 -24.76 27.93
N SER A 1629 -1.77 -23.95 28.86
CA SER A 1629 -0.88 -23.12 29.68
C SER A 1629 -0.04 -23.98 30.61
N ILE A 1630 -0.68 -24.93 31.29
CA ILE A 1630 0.07 -25.79 32.21
C ILE A 1630 1.14 -26.58 31.46
N VAL A 1631 0.74 -27.20 30.34
CA VAL A 1631 1.66 -28.03 29.58
C VAL A 1631 2.79 -27.19 29.00
N GLY A 1632 2.46 -26.01 28.46
CA GLY A 1632 3.48 -25.15 27.89
C GLY A 1632 4.47 -24.67 28.93
N MET A 1633 4.01 -24.33 30.13
CA MET A 1633 4.94 -23.85 31.14
C MET A 1633 5.81 -24.97 31.67
N PHE A 1634 5.25 -26.18 31.84
CA PHE A 1634 6.09 -27.33 32.18
C PHE A 1634 7.14 -27.59 31.11
N LEU A 1635 6.75 -27.61 29.84
CA LEU A 1635 7.70 -27.90 28.76
C LEU A 1635 8.75 -26.81 28.65
N ALA A 1636 8.35 -25.55 28.82
CA ALA A 1636 9.31 -24.45 28.76
C ALA A 1636 10.32 -24.55 29.90
N ASP A 1637 9.87 -24.87 31.10
CA ASP A 1637 10.80 -25.04 32.21
C ASP A 1637 11.75 -26.20 31.93
N LEU A 1638 11.22 -27.32 31.43
CA LEU A 1638 12.07 -28.48 31.14
C LEU A 1638 13.11 -28.14 30.09
N ILE A 1639 12.73 -27.42 29.05
CA ILE A 1639 13.66 -27.08 27.98
C ILE A 1639 14.70 -26.09 28.46
N GLU A 1640 14.29 -25.08 29.22
CA GLU A 1640 15.23 -24.07 29.69
C GLU A 1640 16.18 -24.63 30.75
N THR A 1641 15.78 -25.69 31.45
CA THR A 1641 16.64 -26.31 32.44
C THR A 1641 17.57 -27.38 31.86
N TYR A 1642 17.05 -28.26 31.00
CA TYR A 1642 17.80 -29.42 30.53
C TYR A 1642 17.98 -29.44 29.02
N PHE A 1643 17.94 -28.29 28.35
CA PHE A 1643 18.12 -28.24 26.92
C PHE A 1643 18.63 -26.86 26.51
N VAL A 1644 19.12 -26.78 25.29
CA VAL A 1644 19.63 -25.53 24.71
C VAL A 1644 18.90 -25.32 23.40
N SER A 1645 17.80 -24.58 23.44
CA SER A 1645 17.02 -24.27 22.24
C SER A 1645 16.15 -23.04 22.49
N PRO A 1646 16.73 -21.84 22.43
CA PRO A 1646 15.93 -20.64 22.72
C PRO A 1646 14.74 -20.45 21.77
N THR A 1647 14.89 -20.81 20.50
CA THR A 1647 13.82 -20.60 19.53
C THR A 1647 12.57 -21.38 19.91
N LEU A 1648 12.72 -22.69 20.12
CA LEU A 1648 11.58 -23.50 20.51
C LEU A 1648 11.07 -23.11 21.89
N PHE A 1649 11.97 -22.63 22.76
CA PHE A 1649 11.56 -22.13 24.06
C PHE A 1649 10.57 -20.98 23.91
N ARG A 1650 10.90 -20.00 23.07
CA ARG A 1650 9.99 -18.88 22.82
C ARG A 1650 8.71 -19.35 22.15
N VAL A 1651 8.82 -20.27 21.18
CA VAL A 1651 7.64 -20.73 20.46
C VAL A 1651 6.64 -21.38 21.41
N ILE A 1652 7.13 -22.21 22.33
CA ILE A 1652 6.19 -22.87 23.25
C ILE A 1652 5.86 -21.99 24.45
N ARG A 1653 6.64 -20.93 24.70
CA ARG A 1653 6.21 -19.95 25.71
C ARG A 1653 5.19 -18.98 25.15
N LEU A 1654 4.99 -18.96 23.83
CA LEU A 1654 3.90 -18.18 23.26
C LEU A 1654 2.53 -18.67 23.70
N ALA A 1655 2.43 -19.86 24.28
CA ALA A 1655 1.15 -20.38 24.78
C ALA A 1655 0.57 -19.52 25.91
N ARG A 1656 1.38 -18.68 26.54
CA ARG A 1656 0.86 -17.75 27.55
C ARG A 1656 -0.15 -16.77 26.96
N ILE A 1657 -0.07 -16.51 25.65
CA ILE A 1657 -0.99 -15.56 25.01
C ILE A 1657 -2.42 -16.07 25.08
N GLY A 1658 -2.61 -17.38 25.22
CA GLY A 1658 -3.96 -17.92 25.25
C GLY A 1658 -4.78 -17.40 26.41
N ARG A 1659 -4.14 -17.16 27.56
CA ARG A 1659 -4.87 -16.71 28.74
C ARG A 1659 -5.51 -15.35 28.51
N ILE A 1660 -4.80 -14.43 27.85
CA ILE A 1660 -5.34 -13.10 27.65
C ILE A 1660 -6.30 -13.03 26.46
N LEU A 1661 -6.36 -14.09 25.64
CA LEU A 1661 -7.35 -14.16 24.58
C LEU A 1661 -8.76 -14.35 25.11
N ARG A 1662 -8.91 -14.71 26.38
CA ARG A 1662 -10.21 -14.91 27.00
C ARG A 1662 -10.92 -13.60 27.31
N LEU A 1663 -10.27 -12.47 27.12
CA LEU A 1663 -10.89 -11.18 27.39
C LEU A 1663 -12.03 -10.86 26.43
N VAL A 1664 -12.04 -11.47 25.24
CA VAL A 1664 -13.09 -11.18 24.28
C VAL A 1664 -14.42 -11.81 24.69
N LYS A 1665 -14.41 -12.70 25.67
CA LYS A 1665 -15.67 -13.26 26.16
C LYS A 1665 -16.53 -12.20 26.83
N GLY A 1666 -15.91 -11.33 27.62
CA GLY A 1666 -16.66 -10.33 28.35
C GLY A 1666 -17.15 -9.18 27.49
N ALA A 1667 -16.49 -8.91 26.37
CA ALA A 1667 -16.84 -7.78 25.52
C ALA A 1667 -17.70 -8.27 24.36
N LYS A 1668 -18.92 -7.72 24.26
CA LYS A 1668 -19.86 -8.19 23.25
C LYS A 1668 -19.52 -7.63 21.86
N GLY A 1669 -19.09 -6.37 21.78
CA GLY A 1669 -18.85 -5.76 20.48
C GLY A 1669 -17.72 -6.41 19.72
N ILE A 1670 -16.58 -6.63 20.38
CA ILE A 1670 -15.47 -7.26 19.69
C ILE A 1670 -15.78 -8.71 19.38
N ARG A 1671 -16.61 -9.34 20.22
CA ARG A 1671 -17.07 -10.70 19.91
C ARG A 1671 -17.89 -10.72 18.63
N THR A 1672 -18.77 -9.72 18.45
CA THR A 1672 -19.54 -9.63 17.21
C THR A 1672 -18.64 -9.38 16.01
N LEU A 1673 -17.64 -8.52 16.17
CA LEU A 1673 -16.71 -8.28 15.06
C LEU A 1673 -15.92 -9.54 14.71
N LEU A 1674 -15.50 -10.30 15.72
CA LEU A 1674 -14.81 -11.56 15.44
C LEU A 1674 -15.73 -12.56 14.77
N PHE A 1675 -17.01 -12.55 15.13
CA PHE A 1675 -17.99 -13.39 14.44
C PHE A 1675 -18.11 -12.98 12.97
N ALA A 1676 -18.10 -11.68 12.70
CA ALA A 1676 -18.12 -11.22 11.32
C ALA A 1676 -16.89 -11.68 10.55
N LEU A 1677 -15.72 -11.65 11.19
CA LEU A 1677 -14.51 -12.17 10.56
C LEU A 1677 -14.65 -13.65 10.24
N MET A 1678 -15.13 -14.43 11.21
CA MET A 1678 -15.33 -15.86 10.98
C MET A 1678 -16.31 -16.09 9.83
N MET A 1679 -17.30 -15.22 9.70
CA MET A 1679 -18.20 -15.28 8.54
C MET A 1679 -17.44 -15.02 7.25
N SER A 1680 -16.56 -14.03 7.25
CA SER A 1680 -15.83 -13.67 6.04
C SER A 1680 -14.76 -14.70 5.67
N LEU A 1681 -14.42 -15.62 6.56
CA LEU A 1681 -13.31 -16.52 6.30
C LEU A 1681 -13.41 -17.34 5.01
N PRO A 1682 -14.54 -17.98 4.67
CA PRO A 1682 -14.55 -18.84 3.45
C PRO A 1682 -14.22 -18.09 2.16
N ALA A 1683 -14.90 -16.97 1.90
CA ALA A 1683 -14.61 -16.20 0.71
C ALA A 1683 -13.17 -15.71 0.71
N LEU A 1684 -12.68 -15.28 1.87
CA LEU A 1684 -11.27 -14.94 2.00
C LEU A 1684 -10.38 -16.12 1.67
N PHE A 1685 -10.78 -17.33 2.04
CA PHE A 1685 -9.99 -18.50 1.69
C PHE A 1685 -9.92 -18.71 0.18
N ASN A 1686 -11.04 -18.56 -0.51
CA ASN A 1686 -11.03 -18.72 -1.96
C ASN A 1686 -10.16 -17.68 -2.63
N ILE A 1687 -10.33 -16.42 -2.24
CA ILE A 1687 -9.53 -15.36 -2.85
C ILE A 1687 -8.05 -15.53 -2.50
N GLY A 1688 -7.74 -16.02 -1.31
CA GLY A 1688 -6.36 -16.29 -0.96
C GLY A 1688 -5.78 -17.43 -1.78
N LEU A 1689 -6.57 -18.45 -2.09
CA LEU A 1689 -6.11 -19.50 -2.98
C LEU A 1689 -5.76 -18.94 -4.36
N LEU A 1690 -6.64 -18.09 -4.89
CA LEU A 1690 -6.35 -17.48 -6.19
C LEU A 1690 -5.08 -16.63 -6.15
N LEU A 1691 -4.94 -15.82 -5.10
CA LEU A 1691 -3.77 -14.98 -4.96
C LEU A 1691 -2.50 -15.81 -4.82
N PHE A 1692 -2.58 -16.92 -4.08
CA PHE A 1692 -1.42 -17.79 -3.92
C PHE A 1692 -1.03 -18.42 -5.24
N LEU A 1693 -2.01 -18.82 -6.06
CA LEU A 1693 -1.68 -19.39 -7.37
C LEU A 1693 -1.00 -18.35 -8.25
N VAL A 1694 -1.52 -17.12 -8.25
CA VAL A 1694 -0.89 -16.05 -9.04
C VAL A 1694 0.52 -15.79 -8.54
N MET A 1695 0.71 -15.78 -7.22
CA MET A 1695 2.04 -15.56 -6.65
C MET A 1695 2.99 -16.67 -7.03
N PHE A 1696 2.51 -17.92 -7.05
CA PHE A 1696 3.36 -19.04 -7.46
C PHE A 1696 3.81 -18.89 -8.90
N ILE A 1697 2.89 -18.53 -9.79
CA ILE A 1697 3.26 -18.35 -11.20
C ILE A 1697 4.29 -17.23 -11.34
N TYR A 1698 4.05 -16.10 -10.66
CA TYR A 1698 4.98 -15.00 -10.75
C TYR A 1698 6.33 -15.32 -10.12
N ALA A 1699 6.35 -16.15 -9.07
CA ALA A 1699 7.60 -16.57 -8.47
C ALA A 1699 8.41 -17.45 -9.42
N ILE A 1700 7.75 -18.36 -10.12
CA ILE A 1700 8.46 -19.17 -11.10
C ILE A 1700 9.02 -18.29 -12.21
N PHE A 1701 8.22 -17.33 -12.68
CA PHE A 1701 8.70 -16.44 -13.74
C PHE A 1701 9.87 -15.59 -13.28
N GLY A 1702 9.82 -15.08 -12.04
CA GLY A 1702 10.93 -14.31 -11.51
C GLY A 1702 12.19 -15.13 -11.34
N MET A 1703 12.03 -16.37 -10.86
CA MET A 1703 13.18 -17.28 -10.79
C MET A 1703 13.79 -17.51 -12.16
N SER A 1704 12.94 -17.68 -13.17
CA SER A 1704 13.46 -17.92 -14.52
C SER A 1704 14.18 -16.70 -15.07
N ASN A 1705 13.67 -15.50 -14.80
CA ASN A 1705 14.18 -14.28 -15.45
C ASN A 1705 15.25 -13.56 -14.63
N PHE A 1706 14.92 -13.11 -13.43
CA PHE A 1706 15.75 -12.17 -12.69
C PHE A 1706 16.63 -12.85 -11.65
N ALA A 1707 17.07 -14.09 -11.92
CA ALA A 1707 17.89 -14.80 -10.94
C ALA A 1707 19.33 -14.28 -10.90
N TYR A 1708 19.81 -13.65 -11.98
CA TYR A 1708 21.20 -13.23 -12.08
C TYR A 1708 21.34 -11.72 -12.18
N VAL A 1709 20.30 -10.96 -11.83
CA VAL A 1709 20.37 -9.51 -11.87
C VAL A 1709 21.32 -9.02 -10.78
N LYS A 1710 21.98 -7.88 -11.04
CA LYS A 1710 22.90 -7.30 -10.07
C LYS A 1710 22.22 -7.05 -8.73
N LYS A 1711 22.95 -7.31 -7.65
CA LYS A 1711 22.41 -7.19 -6.30
C LYS A 1711 22.64 -5.76 -5.83
N GLU A 1712 21.70 -4.88 -6.14
CA GLU A 1712 21.71 -3.50 -5.69
C GLU A 1712 20.28 -3.06 -5.42
N ASP A 1713 20.14 -1.89 -4.81
CA ASP A 1713 18.84 -1.28 -4.50
C ASP A 1713 18.07 -2.27 -3.63
N GLY A 1714 16.86 -2.69 -4.01
CA GLY A 1714 16.08 -3.61 -3.21
C GLY A 1714 16.48 -5.06 -3.31
N ILE A 1715 17.42 -5.39 -4.20
CA ILE A 1715 17.92 -6.74 -4.36
C ILE A 1715 19.25 -6.86 -3.62
N ASN A 1716 19.36 -7.85 -2.74
CA ASN A 1716 20.57 -8.04 -1.97
C ASN A 1716 20.77 -9.55 -1.77
N ASP A 1717 21.64 -9.93 -0.84
CA ASP A 1717 21.98 -11.33 -0.64
C ASP A 1717 20.81 -12.15 -0.10
N MET A 1718 19.90 -11.52 0.63
CA MET A 1718 18.80 -12.25 1.28
C MET A 1718 17.46 -12.06 0.61
N PHE A 1719 17.30 -11.04 -0.24
CA PHE A 1719 16.04 -10.74 -0.88
C PHE A 1719 16.28 -10.59 -2.38
N ASN A 1720 16.13 -11.70 -3.10
CA ASN A 1720 16.37 -11.75 -4.53
C ASN A 1720 15.42 -12.75 -5.16
N PHE A 1721 15.66 -13.09 -6.42
CA PHE A 1721 14.85 -14.07 -7.14
C PHE A 1721 15.66 -15.33 -7.46
N GLU A 1722 16.65 -15.65 -6.63
CA GLU A 1722 17.51 -16.80 -6.88
C GLU A 1722 16.81 -18.10 -6.53
N THR A 1723 15.95 -18.08 -5.50
CA THR A 1723 15.35 -19.27 -4.93
C THR A 1723 13.84 -19.04 -4.80
N PHE A 1724 13.08 -20.14 -4.86
CA PHE A 1724 11.63 -20.05 -4.71
C PHE A 1724 11.25 -19.39 -3.39
N GLY A 1725 11.92 -19.74 -2.31
CA GLY A 1725 11.68 -19.07 -1.04
C GLY A 1725 11.96 -17.59 -1.12
N ASN A 1726 13.10 -17.22 -1.72
CA ASN A 1726 13.43 -15.82 -1.88
C ASN A 1726 12.42 -15.09 -2.77
N SER A 1727 12.00 -15.73 -3.86
CA SER A 1727 11.04 -15.11 -4.75
C SER A 1727 9.70 -14.89 -4.05
N MET A 1728 9.25 -15.86 -3.25
CA MET A 1728 7.99 -15.68 -2.53
C MET A 1728 8.13 -14.63 -1.44
N ILE A 1729 9.30 -14.55 -0.79
CA ILE A 1729 9.55 -13.49 0.18
C ILE A 1729 9.42 -12.13 -0.50
N CYS A 1730 10.01 -11.98 -1.68
CA CYS A 1730 9.95 -10.71 -2.40
C CYS A 1730 8.53 -10.39 -2.86
N LEU A 1731 7.81 -11.39 -3.36
CA LEU A 1731 6.47 -11.15 -3.90
C LEU A 1731 5.45 -10.86 -2.81
N PHE A 1732 5.56 -11.50 -1.65
CA PHE A 1732 4.66 -11.17 -0.55
C PHE A 1732 4.86 -9.71 -0.12
N GLN A 1733 6.10 -9.22 -0.17
CA GLN A 1733 6.38 -7.84 0.19
C GLN A 1733 5.68 -6.87 -0.75
N ILE A 1734 5.70 -7.16 -2.06
CA ILE A 1734 5.14 -6.25 -3.05
C ILE A 1734 3.67 -6.55 -3.35
N THR A 1735 3.08 -7.56 -2.71
CA THR A 1735 1.64 -7.72 -2.80
C THR A 1735 0.91 -6.51 -2.21
N THR A 1736 1.58 -5.81 -1.31
CA THR A 1736 1.06 -4.63 -0.59
C THR A 1736 1.61 -3.37 -1.26
N SER A 1737 2.35 -3.53 -2.37
CA SER A 1737 2.95 -2.42 -3.15
C SER A 1737 4.24 -1.94 -2.46
N ALA A 1738 4.64 -2.53 -1.34
CA ALA A 1738 5.80 -2.05 -0.59
C ALA A 1738 7.10 -2.34 -1.28
N GLY A 1739 7.84 -1.32 -1.66
CA GLY A 1739 9.20 -1.47 -2.15
C GLY A 1739 9.34 -2.09 -3.52
N TRP A 1740 8.31 -1.99 -4.37
CA TRP A 1740 8.41 -2.57 -5.71
C TRP A 1740 9.35 -1.77 -6.60
N ASP A 1741 9.51 -0.47 -6.33
CA ASP A 1741 10.46 0.33 -7.10
C ASP A 1741 11.90 -0.14 -6.88
N GLY A 1742 12.24 -0.47 -5.64
CA GLY A 1742 13.58 -0.95 -5.35
C GLY A 1742 13.90 -2.27 -6.00
N LEU A 1743 12.88 -3.13 -6.18
CA LEU A 1743 13.08 -4.38 -6.90
C LEU A 1743 13.15 -4.14 -8.40
N LEU A 1744 12.37 -3.19 -8.91
CA LEU A 1744 12.35 -2.94 -10.35
C LEU A 1744 13.65 -2.28 -10.81
N ALA A 1745 14.24 -1.42 -9.97
CA ALA A 1745 15.38 -0.62 -10.39
C ALA A 1745 16.57 -1.41 -10.90
N PRO A 1746 17.05 -2.48 -10.24
CA PRO A 1746 18.18 -3.23 -10.79
C PRO A 1746 17.89 -3.88 -12.14
N ILE A 1747 16.63 -4.25 -12.40
CA ILE A 1747 16.28 -4.89 -13.65
C ILE A 1747 16.40 -3.92 -14.81
N LEU A 1748 16.16 -2.63 -14.56
CA LEU A 1748 16.18 -1.63 -15.62
C LEU A 1748 17.58 -1.44 -16.22
N ASN A 1749 18.63 -1.95 -15.58
CA ASN A 1749 19.97 -1.87 -16.16
C ASN A 1749 20.06 -2.79 -17.38
N SER A 1750 20.49 -2.24 -18.51
CA SER A 1750 20.52 -3.02 -19.74
C SER A 1750 21.85 -2.90 -20.48
N LYS A 1751 22.56 -1.80 -20.27
CA LYS A 1751 23.80 -1.51 -20.98
C LYS A 1751 24.86 -1.03 -20.01
N PRO A 1752 26.13 -1.21 -20.36
CA PRO A 1752 27.20 -0.70 -19.49
C PRO A 1752 27.19 0.82 -19.48
N PRO A 1753 27.69 1.44 -18.39
CA PRO A 1753 28.34 0.86 -17.22
C PRO A 1753 27.33 0.45 -16.14
N ASP A 1754 26.04 0.46 -16.46
CA ASP A 1754 25.04 0.04 -15.48
C ASP A 1754 25.20 -1.44 -15.12
N CYS A 1755 25.48 -2.28 -16.10
CA CYS A 1755 25.62 -3.72 -15.89
C CYS A 1755 26.78 -4.24 -16.72
N ASP A 1756 27.06 -5.52 -16.58
CA ASP A 1756 28.12 -6.18 -17.35
C ASP A 1756 27.52 -7.32 -18.16
N PRO A 1757 27.41 -7.19 -19.49
CA PRO A 1757 26.79 -8.26 -20.28
C PRO A 1757 27.56 -9.56 -20.30
N LYS A 1758 28.85 -9.55 -19.93
CA LYS A 1758 29.69 -10.75 -19.99
C LYS A 1758 30.17 -11.14 -18.60
N LYS A 1759 29.35 -10.90 -17.58
CA LYS A 1759 29.70 -11.29 -16.22
C LYS A 1759 29.67 -12.81 -16.10
N VAL A 1760 30.71 -13.38 -15.49
CA VAL A 1760 30.85 -14.81 -15.35
C VAL A 1760 30.42 -15.22 -13.94
N HIS A 1761 29.43 -16.10 -13.85
CA HIS A 1761 28.93 -16.56 -12.57
C HIS A 1761 29.49 -17.94 -12.28
N PRO A 1762 30.29 -18.11 -11.23
CA PRO A 1762 30.82 -19.45 -10.93
C PRO A 1762 29.70 -20.44 -10.65
N GLY A 1763 29.91 -21.68 -11.10
CA GLY A 1763 28.95 -22.74 -10.89
C GLY A 1763 27.80 -22.79 -11.85
N SER A 1764 27.73 -21.87 -12.82
CA SER A 1764 26.66 -21.85 -13.80
C SER A 1764 27.19 -21.33 -15.13
N SER A 1765 26.45 -21.63 -16.19
CA SER A 1765 26.81 -21.21 -17.54
C SER A 1765 26.12 -19.92 -17.95
N VAL A 1766 25.28 -19.34 -17.09
CA VAL A 1766 24.63 -18.08 -17.43
C VAL A 1766 25.63 -16.95 -17.37
N GLU A 1767 25.66 -16.13 -18.42
CA GLU A 1767 26.64 -15.06 -18.56
C GLU A 1767 25.94 -13.72 -18.58
N GLY A 1768 26.42 -12.79 -17.77
CA GLY A 1768 25.87 -11.45 -17.73
C GLY A 1768 24.94 -11.21 -16.56
N ASP A 1769 25.00 -10.03 -15.96
CA ASP A 1769 24.14 -9.65 -14.84
C ASP A 1769 23.13 -8.57 -15.23
N CYS A 1770 22.96 -8.32 -16.51
CA CYS A 1770 22.03 -7.31 -16.98
C CYS A 1770 20.60 -7.80 -16.87
N GLY A 1771 19.67 -6.86 -16.84
CA GLY A 1771 18.26 -7.18 -16.82
C GLY A 1771 17.54 -6.71 -18.06
N ASN A 1772 16.30 -7.15 -18.25
CA ASN A 1772 15.51 -6.74 -19.41
C ASN A 1772 14.50 -5.70 -18.96
N PRO A 1773 14.65 -4.43 -19.35
CA PRO A 1773 13.72 -3.40 -18.85
C PRO A 1773 12.27 -3.67 -19.20
N SER A 1774 11.97 -4.11 -20.43
CA SER A 1774 10.59 -4.32 -20.83
C SER A 1774 9.95 -5.45 -20.03
N VAL A 1775 10.65 -6.57 -19.91
CA VAL A 1775 10.12 -7.72 -19.17
C VAL A 1775 9.90 -7.35 -17.72
N GLY A 1776 10.87 -6.67 -17.10
CA GLY A 1776 10.72 -6.28 -15.71
C GLY A 1776 9.57 -5.31 -15.49
N ILE A 1777 9.44 -4.31 -16.37
CA ILE A 1777 8.36 -3.34 -16.24
C ILE A 1777 7.01 -4.03 -16.36
N PHE A 1778 6.85 -4.89 -17.38
CA PHE A 1778 5.59 -5.58 -17.56
C PHE A 1778 5.29 -6.47 -16.35
N TYR A 1779 6.30 -7.21 -15.89
CA TYR A 1779 6.18 -8.07 -14.71
C TYR A 1779 5.63 -7.31 -13.51
N PHE A 1780 6.32 -6.23 -13.13
CA PHE A 1780 5.96 -5.53 -11.91
C PHE A 1780 4.62 -4.80 -12.05
N VAL A 1781 4.38 -4.14 -13.20
CA VAL A 1781 3.14 -3.41 -13.37
C VAL A 1781 1.95 -4.37 -13.37
N SER A 1782 2.05 -5.46 -14.12
CA SER A 1782 0.95 -6.43 -14.14
C SER A 1782 0.72 -7.03 -12.77
N TYR A 1783 1.80 -7.35 -12.03
CA TYR A 1783 1.62 -7.95 -10.73
C TYR A 1783 0.94 -6.98 -9.75
N ILE A 1784 1.35 -5.71 -9.76
CA ILE A 1784 0.74 -4.78 -8.83
C ILE A 1784 -0.71 -4.52 -9.19
N ILE A 1785 -1.03 -4.49 -10.48
CA ILE A 1785 -2.42 -4.30 -10.89
C ILE A 1785 -3.28 -5.49 -10.44
N ILE A 1786 -2.78 -6.72 -10.66
CA ILE A 1786 -3.53 -7.90 -10.27
C ILE A 1786 -3.69 -7.96 -8.76
N SER A 1787 -2.62 -7.63 -8.02
CA SER A 1787 -2.70 -7.60 -6.56
C SER A 1787 -3.73 -6.59 -6.08
N PHE A 1788 -3.77 -5.41 -6.72
CA PHE A 1788 -4.78 -4.41 -6.36
C PHE A 1788 -6.18 -4.95 -6.59
N LEU A 1789 -6.42 -5.60 -7.73
CA LEU A 1789 -7.75 -6.13 -8.00
C LEU A 1789 -8.15 -7.18 -6.97
N VAL A 1790 -7.25 -8.10 -6.66
CA VAL A 1790 -7.54 -9.16 -5.69
C VAL A 1790 -7.78 -8.57 -4.30
N VAL A 1791 -6.97 -7.60 -3.90
CA VAL A 1791 -7.14 -6.98 -2.59
C VAL A 1791 -8.47 -6.24 -2.51
N VAL A 1792 -8.86 -5.59 -3.61
CA VAL A 1792 -10.16 -4.92 -3.64
C VAL A 1792 -11.29 -5.93 -3.50
N ASN A 1793 -11.16 -7.08 -4.16
CA ASN A 1793 -12.17 -8.13 -4.03
C ASN A 1793 -12.29 -8.57 -2.57
N MET A 1794 -11.15 -8.79 -1.90
CA MET A 1794 -11.18 -9.20 -0.50
C MET A 1794 -11.81 -8.12 0.37
N TYR A 1795 -11.46 -6.86 0.13
CA TYR A 1795 -12.04 -5.73 0.85
C TYR A 1795 -13.56 -5.75 0.75
N ILE A 1796 -14.08 -5.89 -0.46
CA ILE A 1796 -15.52 -5.88 -0.66
C ILE A 1796 -16.18 -7.07 0.01
N ALA A 1797 -15.58 -8.25 -0.08
CA ALA A 1797 -16.17 -9.42 0.58
C ALA A 1797 -16.27 -9.20 2.08
N VAL A 1798 -15.19 -8.70 2.69
CA VAL A 1798 -15.21 -8.47 4.13
C VAL A 1798 -16.23 -7.41 4.50
N ILE A 1799 -16.35 -6.35 3.69
CA ILE A 1799 -17.29 -5.28 4.02
C ILE A 1799 -18.73 -5.77 3.90
N LEU A 1800 -19.02 -6.61 2.90
CA LEU A 1800 -20.36 -7.16 2.79
C LEU A 1800 -20.68 -8.05 3.99
N GLU A 1801 -19.73 -8.90 4.40
CA GLU A 1801 -19.96 -9.73 5.57
C GLU A 1801 -20.13 -8.88 6.83
N ASN A 1802 -19.46 -7.73 6.89
CA ASN A 1802 -19.56 -6.86 8.06
C ASN A 1802 -20.92 -6.18 8.09
N PHE A 1803 -21.38 -5.68 6.94
CA PHE A 1803 -22.69 -5.05 6.86
C PHE A 1803 -23.80 -6.04 7.18
N SER A 1804 -23.67 -7.28 6.70
CA SER A 1804 -24.71 -8.28 6.98
C SER A 1804 -24.82 -8.58 8.46
N VAL A 1805 -23.68 -8.67 9.16
CA VAL A 1805 -23.70 -9.04 10.57
C VAL A 1805 -24.31 -7.91 11.41
N ALA A 1806 -23.88 -6.68 11.18
CA ALA A 1806 -24.30 -5.57 12.03
C ALA A 1806 -25.76 -5.20 11.81
N THR A 1807 -26.25 -5.30 10.57
CA THR A 1807 -27.60 -4.88 10.22
C THR A 1807 -28.60 -6.05 10.22
N GLU A 1808 -28.40 -7.02 11.09
CA GLU A 1808 -29.30 -8.16 11.20
C GLU A 1808 -29.51 -8.57 12.64
N GLY B 20 24.52 -15.64 -8.93
CA GLY B 20 25.67 -15.25 -8.15
C GLY B 20 26.81 -16.24 -8.20
N CYS B 21 27.16 -16.79 -7.04
CA CYS B 21 28.23 -17.77 -6.93
C CYS B 21 27.68 -19.02 -6.27
N VAL B 22 27.88 -20.17 -6.92
CA VAL B 22 27.39 -21.45 -6.43
C VAL B 22 28.56 -22.43 -6.36
N GLU B 23 28.70 -23.10 -5.21
CA GLU B 23 29.78 -24.06 -5.01
C GLU B 23 29.31 -25.42 -5.46
N VAL B 24 29.69 -25.83 -6.67
CA VAL B 24 29.36 -27.14 -7.20
C VAL B 24 30.58 -28.05 -7.03
N ASP B 25 30.32 -29.34 -6.84
CA ASP B 25 31.39 -30.30 -6.68
C ASP B 25 31.90 -30.76 -8.04
N SER B 26 33.20 -31.06 -8.08
CA SER B 26 33.81 -31.53 -9.32
C SER B 26 33.39 -32.96 -9.62
N GLU B 27 33.27 -33.26 -10.91
CA GLU B 27 32.96 -34.63 -11.32
C GLU B 27 34.10 -35.55 -10.95
N THR B 28 33.76 -36.77 -10.54
CA THR B 28 34.73 -37.73 -10.01
C THR B 28 35.23 -38.71 -11.07
N GLU B 29 34.85 -38.53 -12.33
CA GLU B 29 35.12 -39.50 -13.37
C GLU B 29 35.83 -38.82 -14.53
N ALA B 30 36.93 -39.40 -14.99
CA ALA B 30 37.68 -38.90 -16.13
C ALA B 30 37.97 -40.03 -17.10
N VAL B 31 37.84 -39.75 -18.38
CA VAL B 31 38.04 -40.75 -19.43
C VAL B 31 39.42 -40.57 -20.05
N TYR B 32 40.13 -41.68 -20.19
CA TYR B 32 41.51 -41.65 -20.66
C TYR B 32 41.58 -41.15 -22.11
N GLY B 33 42.56 -40.28 -22.36
CA GLY B 33 42.80 -39.77 -23.69
C GLY B 33 42.02 -38.53 -24.05
N MET B 34 40.99 -38.17 -23.29
CA MET B 34 40.18 -37.00 -23.54
C MET B 34 40.57 -35.89 -22.56
N THR B 35 39.78 -34.81 -22.56
CA THR B 35 39.99 -33.69 -21.66
C THR B 35 39.14 -33.84 -20.42
N PHE B 36 39.52 -33.13 -19.35
CA PHE B 36 38.78 -33.17 -18.09
C PHE B 36 39.02 -31.88 -17.33
N LYS B 37 37.98 -31.40 -16.66
CA LYS B 37 38.03 -30.17 -15.87
C LYS B 37 37.72 -30.50 -14.41
N ILE B 38 38.61 -30.08 -13.51
CA ILE B 38 38.46 -30.33 -12.08
C ILE B 38 37.98 -29.06 -11.41
N LEU B 39 36.73 -29.06 -10.96
CA LEU B 39 36.12 -27.86 -10.40
C LEU B 39 36.56 -27.63 -8.96
N CYS B 40 36.84 -26.37 -8.64
CA CYS B 40 37.09 -25.93 -7.26
C CYS B 40 36.54 -24.52 -7.13
N ILE B 41 35.35 -24.40 -6.56
CA ILE B 41 34.67 -23.12 -6.41
C ILE B 41 34.54 -22.83 -4.92
N SER B 42 35.02 -21.66 -4.50
CA SER B 42 34.94 -21.22 -3.11
C SER B 42 34.41 -19.79 -3.10
N CYS B 43 33.14 -19.63 -2.75
CA CYS B 43 32.49 -18.33 -2.77
C CYS B 43 32.60 -17.66 -1.41
N LYS B 44 32.86 -16.35 -1.42
CA LYS B 44 32.93 -15.59 -0.18
C LYS B 44 31.56 -15.53 0.49
N ARG B 45 31.59 -15.45 1.82
CA ARG B 45 30.33 -15.45 2.59
C ARG B 45 29.47 -14.24 2.26
N ARG B 46 30.10 -13.11 1.90
CA ARG B 46 29.37 -11.94 1.43
C ARG B 46 29.97 -11.50 0.10
N SER B 47 29.11 -11.31 -0.90
CA SER B 47 29.59 -11.04 -2.25
C SER B 47 30.14 -9.63 -2.40
N GLU B 48 29.65 -8.66 -1.62
CA GLU B 48 30.05 -7.27 -1.80
C GLU B 48 31.45 -6.98 -1.28
N THR B 49 32.06 -7.89 -0.54
CA THR B 49 33.39 -7.64 0.00
C THR B 49 34.46 -7.78 -1.09
N ASN B 50 35.61 -7.18 -0.83
CA ASN B 50 36.75 -7.22 -1.74
C ASN B 50 37.87 -8.06 -1.12
N ALA B 51 38.55 -8.83 -1.94
CA ALA B 51 39.61 -9.70 -1.46
C ALA B 51 40.63 -9.94 -2.58
N GLU B 52 41.78 -10.48 -2.19
CA GLU B 52 42.84 -10.85 -3.11
C GLU B 52 43.19 -12.32 -2.87
N THR B 53 42.84 -13.17 -3.83
CA THR B 53 42.90 -14.61 -3.66
C THR B 53 43.97 -15.22 -4.56
N PHE B 54 44.66 -16.22 -4.04
CA PHE B 54 45.55 -17.06 -4.84
C PHE B 54 45.37 -18.50 -4.38
N THR B 55 45.66 -19.44 -5.29
CA THR B 55 45.38 -20.84 -5.05
C THR B 55 46.61 -21.69 -5.27
N GLU B 56 46.64 -22.82 -4.56
CA GLU B 56 47.69 -23.83 -4.73
C GLU B 56 47.02 -25.19 -4.82
N TRP B 57 47.46 -26.01 -5.77
CA TRP B 57 46.89 -27.32 -6.01
C TRP B 57 47.89 -28.40 -5.62
N THR B 58 47.41 -29.40 -4.90
CA THR B 58 48.23 -30.51 -4.44
C THR B 58 47.61 -31.82 -4.91
N PHE B 59 48.46 -32.75 -5.34
CA PHE B 59 48.00 -34.01 -5.92
C PHE B 59 48.75 -35.18 -5.31
N ARG B 60 48.03 -36.25 -5.00
CA ARG B 60 48.60 -37.50 -4.52
C ARG B 60 48.09 -38.64 -5.38
N GLN B 61 48.99 -39.39 -5.98
CA GLN B 61 48.64 -40.51 -6.84
C GLN B 61 48.32 -41.76 -6.01
N LYS B 62 47.66 -42.72 -6.63
CA LYS B 62 47.38 -43.99 -5.98
C LYS B 62 48.69 -44.75 -5.75
N GLY B 63 48.74 -45.48 -4.63
CA GLY B 63 49.94 -46.16 -4.24
C GLY B 63 50.96 -45.29 -3.53
N THR B 64 50.67 -44.01 -3.35
CA THR B 64 51.54 -43.10 -2.63
C THR B 64 50.74 -42.41 -1.54
N GLU B 65 51.41 -42.12 -0.42
CA GLU B 65 50.76 -41.55 0.75
C GLU B 65 51.21 -40.13 1.04
N GLU B 66 51.88 -39.48 0.09
CA GLU B 66 52.39 -38.12 0.28
C GLU B 66 51.79 -37.22 -0.79
N PHE B 67 51.35 -36.03 -0.37
CA PHE B 67 50.74 -35.06 -1.25
C PHE B 67 51.81 -34.14 -1.82
N VAL B 68 51.83 -33.99 -3.14
CA VAL B 68 52.86 -33.23 -3.84
C VAL B 68 52.19 -32.04 -4.53
N LYS B 69 52.73 -30.85 -4.29
CA LYS B 69 52.23 -29.65 -4.95
C LYS B 69 52.49 -29.72 -6.45
N ILE B 70 51.49 -29.33 -7.24
CA ILE B 70 51.62 -29.41 -8.69
C ILE B 70 51.52 -28.06 -9.38
N LEU B 71 50.83 -27.07 -8.82
CA LEU B 71 50.71 -25.77 -9.47
C LEU B 71 50.33 -24.72 -8.43
N ARG B 72 50.52 -23.46 -8.79
CA ARG B 72 50.13 -22.33 -7.97
C ARG B 72 49.77 -21.17 -8.89
N TYR B 73 48.61 -20.57 -8.66
CA TYR B 73 48.12 -19.47 -9.48
C TYR B 73 47.98 -18.21 -8.62
N GLU B 74 48.57 -17.11 -9.09
CA GLU B 74 48.55 -15.87 -8.34
C GLU B 74 48.85 -14.72 -9.28
N ASN B 75 48.01 -13.68 -9.24
CA ASN B 75 48.24 -12.44 -9.99
C ASN B 75 48.25 -12.69 -11.50
N GLU B 76 47.27 -13.47 -11.96
CA GLU B 76 47.01 -13.69 -13.38
C GLU B 76 48.20 -14.32 -14.10
N VAL B 77 49.00 -15.10 -13.37
CA VAL B 77 50.07 -15.87 -13.99
C VAL B 77 50.12 -17.24 -13.32
N LEU B 78 50.14 -18.29 -14.14
CA LEU B 78 50.11 -19.66 -13.66
C LEU B 78 51.53 -20.22 -13.62
N GLN B 79 51.89 -20.82 -12.49
CA GLN B 79 53.19 -21.44 -12.30
C GLN B 79 53.01 -22.94 -12.09
N LEU B 80 53.75 -23.73 -12.86
CA LEU B 80 53.64 -25.19 -12.83
C LEU B 80 54.91 -25.79 -12.24
N GLU B 81 54.74 -26.75 -11.34
CA GLU B 81 55.87 -27.49 -10.81
C GLU B 81 56.47 -28.40 -11.88
N GLU B 82 57.73 -28.78 -11.68
CA GLU B 82 58.44 -29.61 -12.65
C GLU B 82 58.13 -31.08 -12.36
N ASP B 83 56.95 -31.51 -12.81
CA ASP B 83 56.50 -32.88 -12.66
C ASP B 83 56.14 -33.44 -14.03
N GLU B 84 56.53 -34.70 -14.27
CA GLU B 84 56.31 -35.31 -15.57
C GLU B 84 54.83 -35.52 -15.85
N ARG B 85 54.07 -35.92 -14.83
CA ARG B 85 52.67 -36.29 -15.04
C ARG B 85 51.79 -35.11 -15.44
N PHE B 86 52.23 -33.88 -15.17
CA PHE B 86 51.40 -32.71 -15.40
C PHE B 86 52.05 -31.63 -16.26
N GLU B 87 53.21 -31.90 -16.85
CA GLU B 87 53.90 -30.89 -17.65
C GLU B 87 53.29 -30.84 -19.03
N GLY B 88 52.76 -29.68 -19.41
CA GLY B 88 52.16 -29.49 -20.71
C GLY B 88 50.78 -30.09 -20.89
N ARG B 89 50.15 -30.48 -19.80
CA ARG B 89 48.76 -30.96 -19.83
C ARG B 89 48.00 -30.40 -18.64
N VAL B 90 48.06 -29.10 -18.40
CA VAL B 90 47.22 -28.47 -17.35
C VAL B 90 47.18 -27.00 -17.74
N VAL B 91 45.99 -26.42 -17.76
CA VAL B 91 45.82 -25.02 -18.18
C VAL B 91 44.87 -24.43 -17.16
N TRP B 92 44.82 -23.13 -17.00
CA TRP B 92 43.89 -22.66 -15.96
C TRP B 92 42.52 -22.44 -16.53
N ASN B 93 41.52 -23.13 -16.00
CA ASN B 93 40.13 -22.80 -16.31
C ASN B 93 39.70 -22.34 -14.96
N GLY B 94 39.29 -21.11 -14.79
CA GLY B 94 39.05 -20.55 -13.47
C GLY B 94 38.79 -19.11 -13.67
N SER B 95 38.75 -18.30 -12.62
CA SER B 95 38.45 -16.86 -12.73
C SER B 95 39.53 -16.16 -13.50
N ARG B 96 39.17 -15.18 -14.32
CA ARG B 96 40.16 -14.47 -15.16
C ARG B 96 39.95 -12.99 -14.99
N GLY B 97 41.01 -12.21 -15.04
CA GLY B 97 40.89 -10.74 -15.02
C GLY B 97 40.80 -10.13 -13.66
N THR B 98 40.96 -10.90 -12.60
CA THR B 98 40.74 -10.34 -11.26
C THR B 98 41.69 -10.96 -10.27
N LYS B 99 42.00 -10.26 -9.18
CA LYS B 99 42.77 -10.87 -8.09
C LYS B 99 41.82 -11.49 -7.11
N ASP B 100 40.53 -11.26 -7.24
CA ASP B 100 39.57 -11.96 -6.36
C ASP B 100 39.04 -13.11 -7.16
N LEU B 101 39.41 -14.34 -6.83
CA LEU B 101 39.06 -15.51 -7.65
C LEU B 101 38.10 -16.36 -6.85
N GLN B 102 36.95 -16.71 -7.41
CA GLN B 102 36.04 -17.64 -6.73
C GLN B 102 35.97 -18.97 -7.48
N ASP B 103 36.41 -19.10 -8.73
CA ASP B 103 36.54 -20.41 -9.41
C ASP B 103 38.02 -20.62 -9.55
N LEU B 104 38.56 -21.63 -8.93
CA LEU B 104 40.00 -21.90 -8.87
C LEU B 104 40.25 -23.20 -9.61
N SER B 105 39.39 -23.61 -10.54
CA SER B 105 39.41 -24.89 -11.28
C SER B 105 40.53 -25.01 -12.28
N ILE B 106 40.89 -26.21 -12.64
CA ILE B 106 41.99 -26.45 -13.61
C ILE B 106 41.43 -27.44 -14.62
N PHE B 107 41.98 -27.45 -15.82
CA PHE B 107 41.56 -28.36 -16.88
C PHE B 107 42.74 -29.19 -17.31
N ILE B 108 42.63 -30.51 -17.44
CA ILE B 108 43.75 -31.36 -17.92
C ILE B 108 43.52 -31.68 -19.37
N THR B 109 44.39 -31.24 -20.29
CA THR B 109 44.24 -31.40 -21.76
C THR B 109 44.30 -32.85 -22.27
N ASN B 110 45.20 -33.73 -21.83
CA ASN B 110 45.09 -35.16 -22.22
C ASN B 110 45.14 -36.00 -20.97
N VAL B 111 44.09 -36.74 -20.60
CA VAL B 111 44.09 -37.47 -19.31
C VAL B 111 45.02 -38.67 -19.45
N THR B 112 45.76 -39.05 -18.41
CA THR B 112 46.67 -40.23 -18.44
C THR B 112 46.42 -40.99 -17.15
N TYR B 113 46.75 -42.27 -17.10
CA TYR B 113 46.35 -43.06 -15.90
C TYR B 113 47.05 -42.51 -14.67
N ASN B 114 48.22 -41.93 -14.86
CA ASN B 114 48.99 -41.41 -13.71
C ASN B 114 48.16 -40.33 -13.02
N HIS B 115 47.31 -39.62 -13.76
CA HIS B 115 46.49 -38.52 -13.18
C HIS B 115 45.53 -39.03 -12.11
N SER B 116 45.15 -40.30 -12.09
CA SER B 116 44.13 -40.80 -11.13
C SER B 116 44.63 -40.63 -9.72
N GLY B 117 43.79 -40.23 -8.78
CA GLY B 117 44.31 -39.92 -7.44
C GLY B 117 43.52 -38.86 -6.75
N ASP B 118 44.00 -38.33 -5.64
CA ASP B 118 43.19 -37.35 -4.87
C ASP B 118 43.84 -35.97 -4.88
N TYR B 119 43.11 -34.94 -5.28
CA TYR B 119 43.66 -33.60 -5.48
C TYR B 119 43.04 -32.64 -4.51
N GLU B 120 43.82 -31.79 -3.88
CA GLU B 120 43.35 -30.79 -2.91
C GLU B 120 43.60 -29.40 -3.48
N CYS B 121 42.62 -28.54 -3.42
CA CYS B 121 42.73 -27.16 -3.89
C CYS B 121 42.80 -26.36 -2.62
N HIS B 122 43.84 -25.58 -2.39
CA HIS B 122 43.84 -24.74 -1.19
C HIS B 122 43.70 -23.31 -1.63
N VAL B 123 42.71 -22.59 -1.14
CA VAL B 123 42.45 -21.23 -1.62
C VAL B 123 42.88 -20.33 -0.48
N TYR B 124 43.76 -19.36 -0.68
CA TYR B 124 44.07 -18.42 0.41
C TYR B 124 43.54 -17.04 0.06
N ARG B 125 42.62 -16.50 0.82
CA ARG B 125 41.94 -15.24 0.46
C ARG B 125 42.24 -14.20 1.52
N LEU B 126 42.64 -13.01 1.13
CA LEU B 126 42.85 -11.91 2.09
C LEU B 126 41.67 -11.02 1.84
N LEU B 127 40.94 -10.71 2.88
CA LEU B 127 39.69 -9.99 2.72
C LEU B 127 40.05 -8.63 3.27
N PHE B 128 39.74 -7.58 2.56
CA PHE B 128 40.17 -6.25 2.97
C PHE B 128 38.95 -5.55 3.51
N PHE B 129 39.01 -5.02 4.73
CA PHE B 129 37.85 -4.53 5.48
C PHE B 129 38.24 -3.17 6.06
N GLU B 130 37.35 -2.39 6.70
CA GLU B 130 37.80 -1.05 7.19
C GLU B 130 38.62 -1.23 8.45
N ASN B 131 39.91 -0.95 8.36
CA ASN B 131 40.87 -1.08 9.47
C ASN B 131 41.24 -2.54 9.69
N TYR B 132 40.79 -3.47 8.85
CA TYR B 132 41.06 -4.88 9.14
C TYR B 132 41.35 -5.61 7.85
N GLU B 133 42.27 -6.56 7.84
CA GLU B 133 42.48 -7.46 6.73
C GLU B 133 42.37 -8.80 7.41
N HIS B 134 41.54 -9.72 6.95
CA HIS B 134 41.52 -11.07 7.52
C HIS B 134 42.11 -12.00 6.47
N ASN B 135 43.08 -12.84 6.80
CA ASN B 135 43.63 -13.83 5.85
C ASN B 135 42.97 -15.15 6.19
N THR B 136 42.31 -15.81 5.25
CA THR B 136 41.52 -17.05 5.47
C THR B 136 41.95 -18.12 4.47
N SER B 137 41.74 -19.39 4.78
CA SER B 137 42.15 -20.51 3.93
C SER B 137 41.01 -21.48 3.76
N VAL B 138 40.77 -22.05 2.59
CA VAL B 138 39.76 -23.15 2.44
C VAL B 138 40.48 -24.31 1.74
N VAL B 139 40.40 -25.55 2.20
CA VAL B 139 40.97 -26.70 1.44
C VAL B 139 39.83 -27.56 0.91
N LYS B 140 39.78 -27.85 -0.38
CA LYS B 140 38.69 -28.61 -1.00
C LYS B 140 39.31 -29.86 -1.59
N LYS B 141 38.71 -31.02 -1.40
CA LYS B 141 39.35 -32.28 -1.84
C LYS B 141 38.53 -32.97 -2.92
N ILE B 142 39.13 -33.39 -4.02
CA ILE B 142 38.48 -34.02 -5.18
C ILE B 142 39.11 -35.37 -5.42
N HIS B 143 38.37 -36.46 -5.62
CA HIS B 143 38.99 -37.75 -5.98
C HIS B 143 38.68 -38.04 -7.44
N ILE B 144 39.68 -38.19 -8.30
CA ILE B 144 39.39 -38.35 -9.74
C ILE B 144 39.96 -39.69 -10.18
N GLU B 145 39.16 -40.50 -10.87
CA GLU B 145 39.62 -41.82 -11.36
C GLU B 145 39.63 -41.81 -12.88
N VAL B 146 40.78 -42.07 -13.50
CA VAL B 146 40.83 -42.19 -14.97
C VAL B 146 40.17 -43.52 -15.31
N VAL B 147 39.32 -43.58 -16.33
CA VAL B 147 38.61 -44.82 -16.73
C VAL B 147 38.73 -44.93 -18.25
N ASP B 148 38.75 -46.13 -18.79
CA ASP B 148 38.89 -46.35 -20.26
C ASP B 148 37.73 -45.77 -21.06
N LYS B 149 36.52 -45.94 -20.58
CA LYS B 149 35.34 -45.44 -21.32
C LYS B 149 34.35 -44.79 -20.35
N ALA B 150 33.59 -43.81 -20.81
CA ALA B 150 32.68 -43.05 -19.93
C ALA B 150 31.59 -43.96 -19.39
N ASN B 151 31.19 -43.76 -18.14
CA ASN B 151 30.22 -44.68 -17.52
C ASN B 151 28.93 -43.93 -17.20
N ARG B 152 27.77 -44.43 -17.64
CA ARG B 152 26.48 -43.72 -17.45
C ARG B 152 26.11 -43.66 -15.97
N ASP B 153 25.46 -42.59 -15.54
CA ASP B 153 25.08 -42.42 -14.12
C ASP B 153 24.03 -43.46 -13.74
N MET B 154 24.04 -43.94 -12.50
CA MET B 154 22.96 -44.88 -12.09
C MET B 154 21.65 -44.15 -12.19
N ALA B 155 21.61 -42.88 -11.79
CA ALA B 155 20.31 -42.15 -11.78
C ALA B 155 19.73 -42.03 -13.18
N SER B 156 20.51 -41.73 -14.20
CA SER B 156 19.86 -41.75 -15.52
C SER B 156 19.39 -43.16 -15.81
N ILE B 157 20.21 -44.15 -15.53
CA ILE B 157 19.76 -45.52 -15.92
C ILE B 157 18.50 -45.91 -15.14
N VAL B 158 18.45 -45.67 -13.84
CA VAL B 158 17.24 -45.98 -13.03
C VAL B 158 16.05 -45.13 -13.44
N SER B 159 16.20 -43.83 -13.70
CA SER B 159 15.06 -42.95 -14.03
C SER B 159 14.47 -43.39 -15.34
N GLU B 160 15.30 -43.69 -16.31
CA GLU B 160 14.70 -43.99 -17.61
C GLU B 160 13.88 -45.25 -17.44
N ILE B 161 14.40 -46.23 -16.74
CA ILE B 161 13.62 -47.49 -16.67
C ILE B 161 12.32 -47.17 -15.97
N MET B 162 12.34 -46.37 -14.90
CA MET B 162 11.08 -45.98 -14.21
C MET B 162 10.17 -45.15 -15.11
N MET B 163 10.65 -44.24 -15.93
CA MET B 163 9.69 -43.52 -16.80
C MET B 163 9.00 -44.50 -17.76
N TYR B 164 9.73 -45.42 -18.37
CA TYR B 164 9.02 -46.40 -19.22
C TYR B 164 8.09 -47.27 -18.37
N VAL B 165 8.48 -47.72 -17.19
CA VAL B 165 7.51 -48.55 -16.41
C VAL B 165 6.29 -47.71 -16.06
N LEU B 166 6.43 -46.46 -15.63
CA LEU B 166 5.20 -45.70 -15.30
C LEU B 166 4.35 -45.46 -16.56
N ILE B 167 4.95 -45.13 -17.69
CA ILE B 167 4.18 -44.90 -18.94
C ILE B 167 3.50 -46.18 -19.39
N VAL B 168 4.18 -47.31 -19.36
CA VAL B 168 3.51 -48.61 -19.67
C VAL B 168 2.49 -48.93 -18.60
N VAL B 169 2.74 -48.70 -17.31
CA VAL B 169 1.66 -49.05 -16.34
C VAL B 169 0.40 -48.22 -16.55
N LEU B 170 0.50 -46.91 -16.80
CA LEU B 170 -0.68 -46.04 -16.98
C LEU B 170 -1.42 -46.49 -18.22
N THR B 171 -0.71 -46.80 -19.28
CA THR B 171 -1.41 -47.16 -20.53
C THR B 171 -2.21 -48.43 -20.29
N ILE B 172 -1.68 -49.40 -19.57
CA ILE B 172 -2.49 -50.61 -19.27
C ILE B 172 -3.73 -50.27 -18.43
N TRP B 173 -3.64 -49.40 -17.43
CA TRP B 173 -4.87 -49.04 -16.69
C TRP B 173 -5.89 -48.35 -17.58
N LEU B 174 -5.50 -47.40 -18.44
CA LEU B 174 -6.54 -46.80 -19.31
C LEU B 174 -7.09 -47.84 -20.29
N VAL B 175 -6.26 -48.65 -20.93
CA VAL B 175 -6.82 -49.61 -21.92
C VAL B 175 -7.72 -50.58 -21.16
N ALA B 176 -7.27 -51.07 -20.02
CA ALA B 176 -8.08 -52.05 -19.29
C ALA B 176 -9.38 -51.43 -18.82
N GLU B 177 -9.34 -50.22 -18.28
CA GLU B 177 -10.62 -49.69 -17.74
C GLU B 177 -11.54 -49.53 -18.93
N MET B 178 -11.03 -49.06 -20.05
CA MET B 178 -11.94 -48.82 -21.19
C MET B 178 -12.51 -50.17 -21.60
N ILE B 179 -11.69 -51.21 -21.64
CA ILE B 179 -12.29 -52.48 -22.14
C ILE B 179 -13.38 -52.84 -21.15
N TYR B 180 -13.14 -52.70 -19.87
CA TYR B 180 -14.23 -53.13 -18.96
C TYR B 180 -15.45 -52.23 -19.17
N CYS B 181 -15.30 -50.91 -19.30
CA CYS B 181 -16.50 -50.03 -19.42
C CYS B 181 -17.25 -50.34 -20.71
N TYR B 182 -16.53 -50.55 -21.80
CA TYR B 182 -17.19 -50.78 -23.09
C TYR B 182 -17.99 -52.05 -22.97
N LYS B 183 -17.45 -53.03 -22.29
CA LYS B 183 -18.27 -54.25 -22.23
C LYS B 183 -19.56 -53.86 -21.53
N LYS B 184 -19.46 -53.09 -20.45
CA LYS B 184 -20.68 -52.75 -19.69
C LYS B 184 -21.66 -51.91 -20.54
N ILE B 185 -21.16 -50.92 -21.26
CA ILE B 185 -22.08 -50.05 -22.04
C ILE B 185 -22.74 -50.90 -23.11
N ALA B 186 -22.02 -51.86 -23.67
CA ALA B 186 -22.57 -52.62 -24.81
C ALA B 186 -23.84 -53.29 -24.32
N ALA B 187 -23.84 -53.75 -23.07
CA ALA B 187 -25.01 -54.45 -22.51
C ALA B 187 -26.21 -53.50 -22.52
N ALA B 188 -25.98 -52.23 -22.20
CA ALA B 188 -27.12 -51.28 -22.10
C ALA B 188 -27.82 -51.13 -23.44
N THR B 189 -27.06 -51.04 -24.52
CA THR B 189 -27.69 -50.83 -25.85
C THR B 189 -28.55 -52.05 -26.20
N GLU B 190 -28.06 -53.25 -25.91
CA GLU B 190 -28.85 -54.47 -26.17
C GLU B 190 -30.10 -54.45 -25.30
N THR B 191 -29.95 -54.02 -24.06
CA THR B 191 -31.10 -53.99 -23.12
C THR B 191 -32.14 -53.04 -23.66
N ALA B 192 -31.70 -51.90 -24.21
CA ALA B 192 -32.64 -50.90 -24.78
C ALA B 192 -33.75 -51.62 -25.56
C1 NAG C . 29.06 25.70 -19.04
C2 NAG C . 29.25 26.80 -20.10
C3 NAG C . 30.61 27.49 -20.10
C4 NAG C . 30.95 27.89 -18.66
C5 NAG C . 30.95 26.63 -17.82
C6 NAG C . 31.39 26.95 -16.39
C7 NAG C . 27.74 26.32 -21.93
C8 NAG C . 27.49 25.44 -23.11
N2 NAG C . 28.97 26.28 -21.42
O3 NAG C . 30.47 28.65 -20.93
O4 NAG C . 32.20 28.59 -18.46
O5 NAG C . 29.66 26.05 -17.78
O6 NAG C . 32.58 27.75 -16.41
O7 NAG C . 26.87 27.04 -21.46
C1 NAG C . 33.29 28.06 -19.23
C2 NAG C . 34.18 29.21 -19.65
C3 NAG C . 35.29 28.68 -20.53
C4 NAG C . 36.09 27.66 -19.73
C5 NAG C . 35.19 26.58 -19.16
C6 NAG C . 35.98 25.74 -18.18
C7 NAG C . 32.74 31.15 -19.78
C8 NAG C . 31.95 32.02 -20.70
N2 NAG C . 33.42 30.20 -20.38
O3 NAG C . 36.14 29.76 -20.94
O4 NAG C . 37.06 27.06 -20.59
O5 NAG C . 34.06 27.13 -18.48
O6 NAG C . 35.52 25.98 -16.84
O7 NAG C . 32.73 31.32 -18.56
C1 NAG D . 34.93 11.07 -4.98
C2 NAG D . 35.98 12.18 -5.00
C3 NAG D . 37.32 11.70 -4.43
C4 NAG D . 37.18 10.94 -3.12
C5 NAG D . 36.07 9.91 -3.22
C6 NAG D . 35.76 9.21 -1.91
C7 NAG D . 36.64 13.88 -6.61
C8 NAG D . 37.02 14.13 -8.04
N2 NAG D . 36.15 12.66 -6.35
O3 NAG D . 38.17 12.83 -4.22
O4 NAG D . 38.43 10.26 -2.89
O5 NAG D . 34.85 10.51 -3.67
O6 NAG D . 35.16 10.14 -1.00
O7 NAG D . 36.76 14.72 -5.74
C1 NAG D . 38.97 10.51 -1.57
C2 NAG D . 40.17 11.45 -1.69
C3 NAG D . 40.75 11.76 -0.31
C4 NAG D . 39.66 12.28 0.62
C5 NAG D . 38.48 11.31 0.63
C6 NAG D . 37.36 11.84 1.51
C7 NAG D . 41.25 11.13 -3.83
C8 NAG D . 42.14 10.21 -4.63
N2 NAG D . 41.20 10.87 -2.52
O3 NAG D . 41.78 12.74 -0.43
O4 NAG D . 40.18 12.42 1.93
O5 NAG D . 38.00 11.10 -0.69
O6 NAG D . 36.34 10.85 1.64
O7 NAG D . 40.64 12.04 -4.34
C1 NAG E . 48.03 -15.53 4.27
C2 NAG E . 49.44 -15.00 4.30
C3 NAG E . 50.27 -15.86 3.39
C4 NAG E . 50.26 -17.27 3.90
C5 NAG E . 48.82 -17.74 3.87
C6 NAG E . 48.67 -19.19 4.32
C7 NAG E . 49.43 -12.60 4.63
C8 NAG E . 49.61 -11.27 3.99
N2 NAG E . 49.52 -13.65 3.82
O3 NAG E . 51.60 -15.36 3.40
O4 NAG E . 51.07 -18.04 3.03
O5 NAG E . 48.09 -16.88 4.72
O6 NAG E . 49.41 -19.50 5.52
O7 NAG E . 49.22 -12.72 5.81
C1 NAG E . 52.26 -18.45 3.71
C2 NAG E . 53.13 -19.17 2.72
C3 NAG E . 54.37 -19.64 3.42
C4 NAG E . 55.08 -18.43 3.96
C5 NAG E . 54.15 -17.73 4.93
C6 NAG E . 54.85 -16.52 5.49
C7 NAG E . 51.69 -20.17 1.12
C8 NAG E . 50.98 -21.39 0.66
N2 NAG E . 52.43 -20.30 2.18
O3 NAG E . 55.25 -20.27 2.50
O4 NAG E . 56.26 -18.87 4.62
O5 NAG E . 52.98 -17.34 4.22
O6 NAG E . 55.62 -15.94 4.43
O7 NAG E . 51.60 -19.13 0.52
C1 NAG F . 46.32 -8.15 28.50
C2 NAG F . 47.70 -8.55 27.97
C3 NAG F . 48.81 -7.84 28.76
C4 NAG F . 48.55 -6.34 28.81
C5 NAG F . 47.14 -6.07 29.34
C6 NAG F . 46.86 -4.57 29.39
C7 NAG F . 47.58 -10.76 27.00
C8 NAG F . 47.48 -12.22 27.30
N2 NAG F . 47.87 -9.98 28.04
O3 NAG F . 50.07 -8.10 28.13
O4 NAG F . 49.52 -5.71 29.65
O5 NAG F . 46.17 -6.72 28.53
O6 NAG F . 47.83 -3.93 30.23
O7 NAG F . 47.42 -10.31 25.87
C1 NAG G . 39.82 13.38 -22.62
C2 NAG G . 40.45 13.86 -23.93
C3 NAG G . 41.98 14.00 -23.85
C4 NAG G . 42.60 13.02 -22.85
C5 NAG G . 41.71 11.81 -22.65
C6 NAG G . 42.37 10.77 -21.76
C7 NAG G . 38.94 13.16 -25.70
C8 NAG G . 38.66 12.13 -26.77
N2 NAG G . 40.08 12.99 -25.04
O3 NAG G . 42.30 15.34 -23.45
O4 NAG G . 43.88 12.60 -23.32
O5 NAG G . 40.49 12.24 -22.06
O6 NAG G . 41.54 9.60 -21.67
O7 NAG G . 38.17 14.07 -25.47
C13 UK0 H . -4.85 4.31 -10.08
C04 UK0 H . -5.28 3.51 -8.84
C06 UK0 H . -3.15 2.57 -7.66
C07 UK0 H . -5.30 4.48 -7.64
C08 UK0 H . -3.53 3.24 -6.37
C09 UK0 H . -4.98 3.71 -6.35
C11 UK0 H . -6.70 2.97 -9.06
C1 UK0 H . -4.26 5.53 -7.82
C18 UK0 H . -7.28 3.47 -10.39
C2 UK0 H . -4.39 2.33 -8.58
C20 UK0 H . -7.52 2.30 -11.36
C21 UK0 H . -8.72 2.00 -12.05
C22 UK0 H . -6.62 1.31 -11.77
C23 UK0 H . -8.48 0.87 -12.82
C3 UK0 H . -2.13 3.43 -8.39
C4 UK0 H . -3.88 1.67 -9.91
C5 UK0 H . -3.18 0.33 -9.68
C6 UK0 H . -2.35 0.32 -8.51
C7 UK0 H . -2.52 1.21 -7.41
C8 UK0 H . -2.31 0.65 -6.00
O03 UK0 H . -7.19 0.44 -12.65
O1 UK0 H . -2.24 -0.58 -5.84
O2 UK0 H . -2.19 1.40 -4.99
CAA Y01 I . -5.18 -15.23 -24.22
CBA Y01 I . -4.93 -15.98 -25.53
CAB Y01 I . -3.67 -16.81 -25.42
CAN Y01 I . -6.13 -16.83 -25.92
CAJ Y01 I . -5.97 -17.66 -27.16
CAO Y01 I . -7.14 -18.59 -27.41
CBB Y01 I . -8.45 -17.90 -27.85
CAC Y01 I . -8.57 -17.93 -29.38
CBE Y01 I . -9.64 -18.53 -27.10
CAP Y01 I . -9.49 -18.37 -25.57
CAQ Y01 I . -10.90 -18.09 -25.01
CBG Y01 I . -11.79 -18.62 -26.13
CBI Y01 I . -11.11 -18.09 -27.40
CAE Y01 I . -11.21 -16.56 -27.50
CAU Y01 I . -11.81 -18.77 -28.58
CAS Y01 I . -13.32 -18.54 -28.57
CBF Y01 I . -13.98 -18.99 -27.26
CBD Y01 I . -13.30 -18.37 -26.04
CAK Y01 I . -13.85 -18.96 -24.74
CAI Y01 I . -15.34 -19.10 -24.78
CAZ Y01 I . -16.10 -18.99 -25.87
CAV Y01 I . -17.60 -19.09 -25.76
CBH Y01 I . -15.53 -18.78 -27.26
CAD Y01 I . -15.91 -17.37 -27.72
CAT Y01 I . -16.18 -19.82 -28.20
CAR Y01 I . -17.70 -19.93 -28.07
CBC Y01 I . -18.10 -20.21 -26.64
OAW Y01 I . -19.57 -20.29 -26.54
CAY Y01 I . -20.10 -20.65 -25.37
OAG Y01 I . -20.02 -20.01 -24.37
CAM Y01 I . -20.82 -21.97 -25.46
CAL Y01 I . -21.10 -22.53 -26.84
CAX Y01 I . -22.18 -21.79 -27.62
OAH Y01 I . -21.87 -21.28 -28.71
OAF Y01 I . -23.33 -21.72 -27.12
CAA Y01 J . -7.63 11.62 -25.34
CBA Y01 J . -6.93 11.14 -26.61
CAB Y01 J . -5.51 10.69 -26.29
CAN Y01 J . -7.71 10.03 -27.29
CAJ Y01 J . -7.93 8.77 -26.49
CAO Y01 J . -8.78 7.74 -27.18
CBB Y01 J . -10.19 8.22 -27.57
CAC Y01 J . -10.28 8.46 -29.08
CBE Y01 J . -11.25 7.23 -27.04
CAP Y01 J . -10.87 6.65 -25.66
CAQ Y01 J . -12.19 6.25 -24.97
CBG Y01 J . -13.26 6.50 -26.04
CBI Y01 J . -12.71 7.71 -26.82
CAE Y01 J . -12.72 8.99 -25.99
CAU Y01 J . -13.60 7.85 -28.07
CAS Y01 J . -15.07 8.04 -27.68
CBF Y01 J . -15.62 6.91 -26.81
CBD Y01 J . -14.71 6.63 -25.59
CAK Y01 J . -15.17 5.35 -24.90
CAI Y01 J . -16.65 5.29 -24.74
CAZ Y01 J . -17.51 6.12 -25.33
CAV Y01 J . -18.98 6.08 -25.00
CBH Y01 J . -17.09 7.14 -26.38
CAD Y01 J . -17.29 8.54 -25.78
CAT Y01 J . -18.02 6.97 -27.61
CAR Y01 J . -19.50 6.95 -27.25
CBC Y01 J . -19.82 5.88 -26.24
OAW Y01 J . -21.22 5.96 -25.84
CAY Y01 J . -21.72 5.00 -25.07
OAG Y01 J . -21.18 3.94 -24.90
CAM Y01 J . -23.01 5.41 -24.44
CAL Y01 J . -23.64 4.39 -23.49
CAX Y01 J . -24.88 4.87 -22.78
OAH Y01 J . -25.47 4.08 -22.01
OAF Y01 J . -25.28 6.04 -22.99
C01 9Z9 K . -17.29 0.80 -0.95
C02 9Z9 K . -17.41 0.69 0.56
C03 9Z9 K . -16.09 1.13 1.28
C04 9Z9 K . -16.17 2.66 1.27
C05 9Z9 K . -17.58 3.05 0.85
C06 9Z9 K . -18.34 1.76 1.15
C07 9Z9 K . -19.82 1.63 0.75
C08 9Z9 K . -20.32 0.21 1.07
C09 9Z9 K . -19.38 -0.88 0.52
C10 9Z9 K . -17.93 -0.68 0.98
C11 9Z9 K . -21.80 -0.02 0.64
C12 9Z9 K . -21.93 -0.25 -0.87
C13 9Z9 K . -22.65 1.20 1.01
C14 9Z9 K . -22.12 2.34 1.46
C15 9Z9 K . -20.67 2.65 1.49
C16 9Z9 K . -24.14 1.04 0.85
C17 9Z9 K . -24.65 -0.16 1.63
C18 9Z9 K . -23.89 -1.41 1.23
C19 9Z9 K . -22.37 -1.22 1.41
O20 9Z9 K . -26.03 -0.33 1.32
C21 9Z9 K . -26.80 0.87 1.42
C22 9Z9 K . -28.12 0.65 0.74
C23 9Z9 K . -28.81 1.99 0.44
C24 9Z9 K . -27.85 2.91 -0.29
O25 9Z9 K . -28.50 4.13 -0.55
C26 9Z9 K . -27.65 5.05 -1.22
C48 9Z9 K . -30.04 1.76 -0.41
O49 9Z9 K . -31.19 1.75 0.41
C50 9Z9 K . -31.46 3.03 0.95
O72 9Z9 K . -15.14 3.07 0.34
C73 9Z9 K . -14.06 2.20 0.64
C74 9Z9 K . -14.73 0.82 0.65
C75 9Z9 K . -13.93 -0.31 1.29
C76 9Z9 K . -12.97 2.38 -0.40
C77 9Z9 K . -12.25 3.72 -0.26
C78 9Z9 K . -11.74 3.88 1.17
C79 9Z9 K . -12.94 3.73 2.09
O80 9Z9 K . -13.56 2.46 1.94
C81 9Z9 K . -11.06 5.23 1.38
C1 LPE L . 8.21 -1.68 -23.55
O1 LPE L . 7.41 -2.41 -22.63
C2 LPE L . 9.03 -0.66 -22.79
O2H LPE L . 9.20 -1.10 -21.46
C3 LPE L . 10.38 -0.40 -23.40
C11 LPE L . 6.40 -1.63 -22.02
C12 LPE L . 6.40 -1.94 -20.56
O3 LPE L . 11.27 0.03 -22.34
P LPE L . 12.74 0.51 -22.72
O31 LPE L . 12.69 1.17 -24.08
O32 LPE L . 13.26 1.27 -21.53
O33 LPE L . 13.50 -0.88 -22.96
C31 LPE L . 14.92 -0.98 -22.68
C32 LPE L . 15.72 -0.58 -23.89
N LPE L . 15.21 0.60 -24.68
C13 LPE L . 5.21 -2.74 -20.15
C14 LPE L . 4.03 -1.89 -19.86
C15 LPE L . 2.74 -2.63 -19.85
C16 LPE L . 2.40 -3.25 -18.54
C17 LPE L . 0.94 -3.24 -18.25
C18 LPE L . 0.35 -4.57 -17.94
C19 LPE L . -0.76 -4.49 -16.95
C20 LPE L . -1.79 -5.57 -17.07
C21 LPE L . -2.75 -5.61 -15.91
C22 LPE L . -3.45 -6.92 -15.74
C1 PCW M . 10.68 3.48 -28.30
C2 PCW M . 10.12 3.16 -26.94
C3 PCW M . 11.01 3.64 -25.82
C4 PCW M . 14.62 3.22 -31.25
C5 PCW M . 14.66 2.41 -32.52
C6 PCW M . 17.11 2.12 -32.58
C7 PCW M . 15.82 1.77 -34.60
C8 PCW M . 16.11 4.00 -33.72
C11 PCW M . 11.23 3.42 -23.48
C12 PCW M . 10.48 3.11 -22.22
C13 PCW M . 9.37 4.08 -21.94
C14 PCW M . 8.40 3.57 -20.89
C15 PCW M . 7.52 2.44 -21.35
C16 PCW M . 6.25 2.31 -20.55
C17 PCW M . 6.47 2.02 -19.07
C18 PCW M . 5.30 2.36 -18.20
C19 PCW M . 4.00 1.83 -18.71
C20 PCW M . 2.85 2.01 -18.13
C21 PCW M . 2.67 2.69 -16.80
C22 PCW M . 2.04 1.79 -15.78
C23 PCW M . 0.59 1.45 -16.07
C24 PCW M . -0.40 2.52 -15.68
C25 PCW M . -1.80 2.26 -16.15
C26 PCW M . -2.87 2.94 -15.33
C27 PCW M . -2.93 2.43 -13.93
C28 PCW M . -4.07 2.99 -13.13
C31 PCW M . 7.90 3.11 -26.00
C32 PCW M . 6.62 3.88 -25.83
C33 PCW M . 5.40 3.14 -26.29
C34 PCW M . 4.97 2.05 -25.30
C35 PCW M . 4.50 2.58 -23.96
C36 PCW M . 3.39 3.59 -24.05
C37 PCW M . 2.94 4.15 -22.71
C38 PCW M . 2.14 3.20 -21.87
C39 PCW M . 0.83 2.83 -22.48
C40 PCW M . -0.10 2.08 -21.94
C41 PCW M . -0.05 1.44 -20.60
C42 PCW M . -1.28 0.66 -20.27
C43 PCW M . -1.26 -0.04 -18.92
C44 PCW M . -2.53 -0.79 -18.59
N PCW M . 15.92 2.57 -33.35
O2 PCW M . 8.79 3.73 -26.81
O3 PCW M . 10.46 3.25 -24.55
O11 PCW M . 12.37 3.78 -23.55
O31 PCW M . 8.14 2.06 -25.48
O1P PCW M . 14.46 3.44 -28.28
O2P PCW M . 12.75 5.10 -29.36
O3P PCW M . 12.02 2.89 -28.36
O4P PCW M . 13.42 2.94 -30.48
P PCW M . 13.21 3.70 -29.08
C1 LPE N . -4.54 -15.44 -14.70
O1 LPE N . -5.20 -15.60 -13.45
C2 LPE N . -3.29 -14.61 -14.51
O2H LPE N . -2.85 -14.68 -13.16
C3 LPE N . -2.16 -15.06 -15.40
C11 LPE N . -6.60 -15.35 -13.41
C12 LPE N . -6.90 -14.48 -12.23
O3 LPE N . -0.92 -14.56 -14.85
P LPE N . 0.34 -14.41 -15.82
O31 LPE N . 0.31 -13.06 -16.47
O32 LPE N . 0.37 -15.64 -16.67
O33 LPE N . 1.57 -14.51 -14.79
C31 LPE N . 2.94 -14.43 -15.28
C32 LPE N . 3.33 -12.99 -15.42
N LPE N . 4.24 -12.62 -16.58
C1N LPE N . 3.66 -13.12 -17.85
C2N LPE N . 4.39 -11.16 -16.66
C3N LPE N . 5.56 -13.23 -16.35
C1 LPE O . -9.22 -17.63 -18.59
O1 LPE O . -8.26 -17.97 -17.60
C2 LPE O . -10.61 -18.00 -18.10
O2H LPE O . -11.03 -17.08 -17.09
C3 LPE O . -11.64 -18.04 -19.21
C11 LPE O . -7.98 -16.94 -16.65
C12 LPE O . -7.09 -15.92 -17.29
O3 LPE O . -12.82 -18.78 -18.76
P LPE O . -13.96 -18.04 -17.91
O31 LPE O . -14.64 -17.04 -18.80
O32 LPE O . -13.37 -17.59 -16.61
O33 LPE O . -14.98 -19.23 -17.60
C31 LPE O . -16.19 -18.94 -16.84
C32 LPE O . -16.86 -20.22 -16.39
N LPE O . -17.69 -20.97 -17.42
C1N LPE O . -18.38 -22.11 -16.79
C2N LPE O . -18.70 -20.05 -18.02
C3N LPE O . -16.82 -21.49 -18.52
C13 LPE O . -5.78 -16.49 -17.77
C14 LPE O . -4.85 -15.45 -18.35
C15 LPE O . -3.53 -16.01 -18.82
C16 LPE O . -2.59 -14.98 -19.39
C17 LPE O . -1.26 -15.53 -19.86
C18 LPE O . -0.31 -14.50 -20.40
C19 LPE O . 1.03 -15.04 -20.82
C20 LPE O . 2.00 -14.00 -21.33
C21 LPE O . 3.34 -14.55 -21.75
C22 LPE O . 4.30 -13.52 -22.27
C1 PCW P . 11.39 5.11 26.94
C2 PCW P . 10.04 5.70 26.64
C3 PCW P . 9.92 7.15 27.07
C4 PCW P . 15.62 4.44 24.23
C5 PCW P . 16.05 5.71 23.56
C6 PCW P . 16.35 7.04 21.53
C7 PCW P . 17.23 4.83 21.63
C8 PCW P . 14.86 5.16 21.46
C11 PCW P . 8.64 9.02 26.49
C12 PCW P . 7.19 9.39 26.51
C13 PCW P . 6.44 8.83 25.36
C14 PCW P . 5.06 9.44 25.23
C15 PCW P . 4.33 9.06 23.99
C16 PCW P . 2.90 9.48 24.00
C17 PCW P . 2.06 8.85 22.89
C18 PCW P . 0.84 9.62 22.57
C19 PCW P . 0.10 9.08 21.39
C20 PCW P . -1.00 9.56 20.90
C21 PCW P . -1.66 10.84 21.33
C22 PCW P . -2.61 11.39 20.32
C23 PCW P . -3.81 10.50 20.08
C24 PCW P . -4.80 11.07 19.09
C25 PCW P . -5.67 12.15 19.65
C26 PCW P . -6.29 13.04 18.59
C31 PCW P . 9.05 4.65 24.73
C32 PCW P . 8.57 4.94 23.34
C33 PCW P . 7.12 5.18 23.27
C34 PCW P . 6.47 4.36 22.19
C35 PCW P . 4.99 4.45 22.21
C36 PCW P . 4.43 5.27 21.10
C37 PCW P . 2.93 5.19 20.99
C38 PCW P . 2.45 3.94 20.36
C39 PCW P . 2.22 4.09 18.90
C40 PCW P . 1.20 4.69 18.35
C41 PCW P . -0.08 5.08 19.01
C42 PCW P . -1.27 4.46 18.37
C43 PCW P . -2.50 5.32 18.41
N PCW P . 16.12 5.68 22.05
O2 PCW P . 9.81 5.65 25.21
O3 PCW P . 8.79 7.72 26.39
O11 PCW P . 9.56 9.78 26.57
O31 PCW P . 8.84 3.66 25.35
O1P PCW P . 13.88 3.83 26.90
O2P PCW P . 14.70 6.24 26.36
O3P PCW P . 12.32 5.53 25.92
O4P PCW P . 14.22 4.56 24.56
P PCW P . 13.84 5.05 26.04
C1 PCW Q . -19.87 -23.03 19.01
C2 PCW Q . -18.38 -23.21 19.12
C3 PCW Q . -17.97 -24.52 19.73
C4 PCW Q . -22.08 -25.78 21.22
C5 PCW Q . -22.26 -26.78 22.34
C6 PCW Q . -23.03 -28.66 20.96
C7 PCW Q . -20.66 -28.40 21.41
C8 PCW Q . -22.16 -29.08 23.18
C11 PCW Q . -16.09 -25.47 20.78
C12 PCW Q . -14.64 -25.28 21.12
C13 PCW Q . -14.05 -24.04 20.51
C14 PCW Q . -12.59 -23.85 20.90
C15 PCW Q . -11.73 -25.04 20.60
C16 PCW Q . -10.30 -24.94 21.08
C17 PCW Q . -9.49 -23.84 20.42
C18 PCW Q . -8.05 -23.82 20.82
C19 PCW Q . -7.24 -22.83 20.06
C20 PCW Q . -6.50 -21.87 20.59
C21 PCW Q . -6.30 -21.60 22.04
C22 PCW Q . -4.86 -21.66 22.46
C23 PCW Q . -3.97 -20.70 21.70
C24 PCW Q . -2.52 -20.72 22.14
C25 PCW Q . -1.60 -19.88 21.28
C26 PCW Q . -1.97 -18.43 21.21
C27 PCW Q . -1.05 -17.60 20.36
C31 PCW Q . -17.49 -21.86 17.33
C32 PCW Q . -16.26 -21.81 16.47
C33 PCW Q . -15.16 -21.00 17.08
C34 PCW Q . -13.83 -21.17 16.38
C35 PCW Q . -12.68 -20.47 17.07
C36 PCW Q . -11.33 -20.70 16.45
C37 PCW Q . -10.20 -20.00 17.18
C38 PCW Q . -8.84 -20.21 16.57
C39 PCW Q . -7.75 -19.51 17.32
N PCW Q . -22.03 -28.23 21.98
O2 PCW Q . -17.70 -23.08 17.83
O3 PCW Q . -16.57 -24.46 20.06
O11 PCW Q . -16.77 -26.41 21.12
O31 PCW Q . -18.22 -20.92 17.53
O1P PCW Q . -22.84 -23.13 19.69
O2P PCW Q . -21.59 -21.99 21.67
O3P PCW Q . -20.41 -23.67 20.20
O4P PCW Q . -22.20 -24.43 21.75
P PCW Q . -21.83 -23.19 20.81
C1 LPE R . -11.39 -21.21 7.27
O1 LPE R . -10.41 -21.47 6.27
C2 LPE R . -12.50 -22.23 7.24
O2H LPE R . -13.52 -21.87 8.19
C3 LPE R . -13.14 -22.43 5.88
C11 LPE R . -9.21 -20.74 6.49
C12 LPE R . -9.54 -19.28 6.61
O3 LPE R . -12.20 -23.14 5.03
P LPE R . -12.67 -23.63 3.57
O31 LPE R . -13.17 -22.44 2.81
O32 LPE R . -11.56 -24.48 3.00
O33 LPE R . -13.91 -24.61 3.86
C31 LPE R . -15.27 -24.12 3.67
C32 LPE R . -16.29 -25.21 3.90
N LPE R . -16.19 -26.43 3.00
C1N LPE R . -17.51 -27.13 2.97
C2N LPE R . -15.82 -26.03 1.62
C3N LPE R . -15.16 -27.38 3.53
C13 LPE R . -8.44 -18.47 7.27
C14 LPE R . -7.22 -18.29 6.41
C15 LPE R . -7.41 -17.31 5.27
C16 LPE R . -6.14 -17.00 4.53
C17 LPE R . -6.29 -15.91 3.50
C18 LPE R . -5.00 -15.52 2.81
C19 LPE R . -5.14 -14.41 1.81
C1 LPE S . 9.20 -19.54 2.38
O1 LPE S . 7.89 -19.58 2.94
C2 LPE S . 10.22 -19.46 3.50
O2H LPE S . 10.01 -20.55 4.39
C3 LPE S . 11.65 -19.47 3.02
C11 LPE S . 6.88 -19.67 1.95
C12 LPE S . 5.55 -19.90 2.63
O3 LPE S . 12.56 -19.23 4.13
P LPE S . 13.08 -20.46 5.02
O31 LPE S . 11.94 -21.41 5.29
O32 LPE S . 13.84 -19.89 6.18
O33 LPE S . 14.16 -21.20 4.08
C31 LPE S . 15.04 -22.19 4.68
C32 LPE S . 16.03 -22.70 3.66
N LPE S . 17.09 -23.63 4.18
C1N LPE S . 17.95 -22.92 5.17
C2N LPE S . 16.45 -24.80 4.86
C3N LPE S . 17.95 -24.13 3.07
C13 LPE S . 4.42 -20.13 1.68
C14 LPE S . 4.07 -18.92 0.84
C15 LPE S . 3.44 -17.80 1.62
C16 LPE S . 3.08 -16.59 0.80
C17 LPE S . 2.31 -15.53 1.54
C18 LPE S . 0.98 -16.00 2.06
C19 LPE S . 0.01 -16.45 0.99
C1 LPE T . 15.91 -24.22 -0.06
O1 LPE T . 14.79 -23.34 -0.20
C2 LPE T . 17.17 -23.60 -0.62
O2H LPE T . 17.00 -23.41 -2.03
C3 LPE T . 17.53 -22.28 0.02
C11 LPE T . 13.63 -23.87 0.40
C12 LPE T . 12.47 -22.94 0.16
O3 LPE T . 18.95 -22.06 -0.19
P LPE T . 19.65 -20.77 0.49
O31 LPE T . 19.25 -19.55 -0.31
O32 LPE T . 19.38 -20.82 1.96
O33 LPE T . 21.21 -21.07 0.26
C31 LPE T . 21.73 -22.36 0.69
C32 LPE T . 23.23 -22.40 0.44
N LPE T . 23.90 -23.72 0.74
C1N LPE T . 23.65 -24.12 2.16
C2N LPE T . 23.35 -24.78 -0.16
C3N LPE T . 25.36 -23.61 0.53
C13 LPE T . 11.18 -23.43 0.77
C14 LPE T . 10.00 -22.52 0.48
C15 LPE T . 8.70 -22.98 1.07
C16 LPE T . 8.26 -24.35 0.62
C17 LPE T . 6.88 -24.74 1.08
C18 LPE T . 5.79 -23.82 0.58
C19 LPE T . 4.40 -24.21 1.02
C1 LPE U . 6.11 -26.48 -2.29
O1 LPE U . 4.96 -25.93 -2.93
C2 LPE U . 7.32 -26.32 -3.19
O2H LPE U . 7.38 -24.98 -3.67
C3 LPE U . 8.62 -26.64 -2.48
C11 LPE U . 4.58 -26.57 -4.13
C12 LPE U . 3.30 -25.93 -4.64
O3 LPE U . 9.74 -26.36 -3.38
P LPE U . 11.24 -26.54 -2.83
O31 LPE U . 11.44 -25.55 -1.72
O32 LPE U . 12.17 -26.52 -4.01
O33 LPE U . 11.24 -28.02 -2.22
C31 LPE U . 12.49 -28.72 -2.03
C32 LPE U . 13.43 -27.96 -1.11
N LPE U . 14.79 -28.60 -0.90
C1N LPE U . 15.57 -27.78 0.07
C2N LPE U . 14.63 -29.97 -0.37
C3N LPE U . 15.52 -28.65 -2.18
C13 LPE U . 2.79 -26.54 -5.92
C14 LPE U . 1.48 -25.94 -6.37
C15 LPE U . 0.37 -26.08 -5.38
C16 LPE U . -0.94 -25.45 -5.80
C17 LPE U . -2.06 -25.62 -4.80
C18 LPE U . -3.36 -24.96 -5.20
C19 LPE U . -4.48 -25.15 -4.21
C1 LPE V . -6.71 -4.17 26.80
O1 LPE V . -5.84 -3.08 26.56
C2 LPE V . -8.15 -3.69 26.92
O2H LPE V . -8.51 -3.01 25.72
C3 LPE V . -9.13 -4.80 27.17
C11 LPE V . -4.48 -3.51 26.52
C12 LPE V . -3.59 -2.34 26.13
O3 LPE V . -10.46 -4.25 27.38
P LPE V . -11.69 -5.25 27.64
O31 LPE V . -11.88 -6.11 26.43
O32 LPE V . -11.48 -5.90 28.99
O33 LPE V . -12.94 -4.26 27.77
C31 LPE V . -14.26 -4.80 28.03
C32 LPE V . -15.23 -3.66 28.24
N LPE V . -16.66 -4.03 28.55
C1N LPE V . -17.27 -4.73 27.38
C2N LPE V . -16.70 -4.94 29.72
C3N LPE V . -17.46 -2.82 28.86
C13 LPE V . -3.62 -1.19 27.09
C14 LPE V . -2.63 -0.11 26.74
C15 LPE V . -2.78 0.44 25.35
C16 LPE V . -1.78 1.51 24.99
C17 LPE V . -0.34 1.07 25.02
C18 LPE V . 0.65 2.13 24.61
C19 LPE V . 2.09 1.68 24.62
C1 LPE W . -16.34 -37.77 -35.62
O1 LPE W . -15.02 -37.50 -36.07
C2 LPE W . -17.32 -37.92 -36.76
O2H LPE W . -17.30 -39.26 -37.26
C3 LPE W . -18.73 -37.53 -36.40
C11 LPE W . -14.38 -38.51 -36.84
C12 LPE W . -12.94 -38.13 -37.05
O3 LPE W . -19.15 -38.27 -35.22
P LPE W . -20.60 -37.97 -34.60
O31 LPE W . -20.73 -38.80 -33.35
O32 LPE W . -20.80 -36.48 -34.54
O33 LPE W . -21.59 -38.57 -35.72
C31 LPE W . -22.98 -38.16 -35.73
C32 LPE W . -23.66 -38.52 -34.42
N LPE W . -25.12 -38.14 -34.31
C1N LPE W . -25.64 -38.49 -32.96
C2N LPE W . -25.28 -36.67 -34.51
C3N LPE W . -25.92 -38.86 -35.34
C13 LPE W . -12.74 -36.75 -37.60
C14 LPE W . -11.30 -36.41 -37.87
C15 LPE W . -10.39 -36.53 -36.67
C16 LPE W . -8.94 -36.20 -36.94
C17 LPE W . -8.02 -36.36 -35.75
C18 LPE W . -6.59 -35.99 -36.03
C19 LPE W . -5.67 -36.15 -34.84
C1 PCW X . -19.91 -15.16 19.33
C2 PCW X . -18.88 -16.26 19.22
C3 PCW X . -19.40 -17.55 18.64
C4 PCW X . -22.10 -13.56 17.53
C5 PCW X . -23.51 -13.40 17.03
C6 PCW X . -23.33 -11.58 15.40
C7 PCW X . -23.51 -11.06 17.75
C8 PCW X . -25.41 -11.93 16.55
C11 PCW X . -19.13 -18.79 20.64
C12 PCW X . -18.30 -19.84 21.31
C13 PCW X . -16.84 -19.65 21.15
C14 PCW X . -16.05 -20.77 21.77
C15 PCW X . -14.58 -20.49 21.96
C16 PCW X . -13.98 -19.59 20.94
C17 PCW X . -12.46 -19.62 20.93
C18 PCW X . -11.82 -18.56 20.09
C19 PCW X . -12.14 -17.18 20.56
C20 PCW X . -11.32 -16.36 21.13
C21 PCW X . -10.62 -15.24 20.44
C22 PCW X . -9.83 -15.70 19.28
C23 PCW X . -9.39 -14.59 18.35
C24 PCW X . -8.98 -13.32 19.05
C25 PCW X . -8.26 -12.34 18.17
C26 PCW X . -7.25 -11.48 18.89
C27 PCW X . -5.85 -11.55 18.33
C31 PCW X . -16.62 -15.50 18.88
C32 PCW X . -15.57 -15.43 17.84
C33 PCW X . -14.99 -16.76 17.53
C34 PCW X . -14.19 -16.77 16.25
C35 PCW X . -12.81 -16.18 16.40
C36 PCW X . -11.96 -16.40 15.19
C37 PCW X . -10.95 -15.28 14.93
C38 PCW X . -9.54 -15.65 15.24
C39 PCW X . -8.85 -16.33 14.10
N PCW X . -23.94 -11.99 16.68
O2 PCW X . -17.83 -15.75 18.35
O3 PCW X . -18.80 -18.66 19.36
O11 PCW X . -19.99 -18.14 21.17
O31 PCW X . -16.43 -15.36 20.07
O1P PCW X . -22.26 -14.26 21.30
O2P PCW X . -23.72 -15.31 19.44
O3P PCW X . -21.25 -15.69 19.48
O4P PCW X . -22.09 -13.41 18.96
P PCW X . -22.43 -14.68 19.88
CAA Y01 Y . -2.35 4.89 -23.25
CBA Y01 Y . -2.72 6.02 -24.20
CAB Y01 Y . -3.74 5.55 -25.21
CAN Y01 Y . -1.48 6.61 -24.88
CAJ Y01 Y . -1.74 7.74 -25.83
CAO Y01 Y . -0.50 8.49 -26.22
CBB Y01 Y . 0.48 7.74 -27.13
CAC Y01 Y . 0.20 8.07 -28.60
CBE Y01 Y . 1.93 8.02 -26.68
CAP Y01 Y . 2.21 7.45 -25.27
CAQ Y01 Y . 3.66 6.94 -25.28
CBG Y01 Y . 4.26 7.69 -26.46
CBI Y01 Y . 3.16 7.59 -27.53
CAE Y01 Y . 3.00 6.14 -28.03
CAU Y01 Y . 3.58 8.52 -28.67
CAS Y01 Y . 4.98 8.18 -29.21
CBF Y01 Y . 6.07 8.18 -28.12
CBD Y01 Y . 5.66 7.29 -26.93
CAK Y01 Y . 6.66 7.43 -25.79
CAI Y01 Y . 8.08 7.38 -26.28
CAZ Y01 Y . 8.45 7.52 -27.54
CAV Y01 Y . 9.91 7.41 -27.93
CBH Y01 Y . 7.48 7.82 -28.68
CAD Y01 Y . 7.43 6.59 -29.61
CAT Y01 Y . 8.03 9.04 -29.45
CAR Y01 Y . 9.51 8.93 -29.83
CBC Y01 Y . 10.35 8.68 -28.62
OAW Y01 Y . 11.76 8.54 -29.01
CAY Y01 Y . 12.69 8.53 -28.06
OAG Y01 Y . 12.46 8.58 -26.88
CAM Y01 Y . 14.08 8.48 -28.63
CAL Y01 Y . 14.53 9.74 -29.35
CAX Y01 Y . 15.96 9.71 -29.86
OAH Y01 Y . 16.87 9.47 -29.04
OAF Y01 Y . 16.17 9.94 -31.06
C1 NAG Z . 46.82 -36.66 -25.79
C2 NAG Z . 45.80 -36.81 -26.91
C3 NAG Z . 45.83 -38.23 -27.42
C4 NAG Z . 47.22 -38.52 -27.90
C5 NAG Z . 48.20 -38.33 -26.77
C6 NAG Z . 49.62 -38.61 -27.23
C7 NAG Z . 43.92 -35.33 -26.67
C8 NAG Z . 42.53 -35.10 -26.17
N2 NAG Z . 44.46 -36.51 -26.43
O3 NAG Z . 44.90 -38.35 -28.49
O4 NAG Z . 47.32 -39.87 -28.39
O5 NAG Z . 48.10 -36.99 -26.30
O6 NAG Z . 50.47 -38.76 -26.09
O7 NAG Z . 44.54 -34.47 -27.26
C1 NAG AA . 52.31 -41.38 -16.07
C2 NAG AA . 53.15 -41.71 -17.28
C3 NAG AA . 53.58 -43.16 -17.17
C4 NAG AA . 54.34 -43.35 -15.88
C5 NAG AA . 53.45 -42.95 -14.72
C6 NAG AA . 54.18 -43.12 -13.40
C7 NAG AA . 52.40 -40.37 -19.14
C8 NAG AA . 53.14 -40.33 -20.44
N2 NAG AA . 52.42 -41.54 -18.52
O3 NAG AA . 54.43 -43.46 -18.28
O4 NAG AA . 54.68 -44.73 -15.74
O5 NAG AA . 53.06 -41.59 -14.87
O6 NAG AA . 54.42 -44.52 -13.19
O7 NAG AA . 51.82 -39.41 -18.69
C1 NAG BA . 39.69 -23.96 -20.38
C2 NAG BA . 38.86 -22.89 -21.02
C3 NAG BA . 38.38 -23.45 -22.32
C4 NAG BA . 39.59 -23.78 -23.15
C5 NAG BA . 40.39 -24.82 -22.42
C6 NAG BA . 41.65 -25.20 -23.16
C7 NAG BA . 37.69 -21.56 -19.37
C8 NAG BA . 36.37 -21.14 -18.83
N2 NAG BA . 37.69 -22.55 -20.23
O3 NAG BA . 37.60 -22.45 -22.96
O4 NAG BA . 39.17 -24.27 -24.43
O5 NAG BA . 40.81 -24.26 -21.19
O6 NAG BA . 42.63 -24.17 -22.97
O7 NAG BA . 38.71 -21.03 -19.01
C1 LPE CA . -6.12 -42.29 -16.71
O1 LPE CA . -4.77 -42.48 -17.15
C2 LPE CA . -6.62 -43.55 -16.06
O2H LPE CA . -6.21 -43.56 -14.70
C3 LPE CA . -8.12 -43.70 -16.11
C11 LPE CA . -4.27 -41.42 -17.95
O3 LPE CA . -8.63 -44.17 -14.83
P LPE CA . -9.92 -43.44 -14.18
O31 LPE CA . -10.78 -42.92 -15.29
O32 LPE CA . -9.36 -42.49 -13.18
O33 LPE CA . -10.74 -44.63 -13.46
C31 LPE CA . -12.17 -44.49 -13.18
C32 LPE CA . -13.02 -44.52 -14.43
N LPE CA . -14.24 -45.42 -14.42
C1N LPE CA . -14.95 -45.35 -13.13
C2N LPE CA . -15.17 -45.01 -15.50
C3N LPE CA . -13.82 -46.83 -14.68
#